data_1TA0
# 
_entry.id   1TA0 
# 
_audit_conform.dict_name       mmcif_pdbx.dic 
_audit_conform.dict_version    5.397 
_audit_conform.dict_location   http://mmcif.pdb.org/dictionaries/ascii/mmcif_pdbx.dic 
# 
loop_
_database_2.database_id 
_database_2.database_code 
_database_2.pdbx_database_accession 
_database_2.pdbx_DOI 
PDB   1TA0         pdb_00001ta0 10.2210/pdb1ta0/pdb 
RCSB  RCSB022498   ?            ?                   
WWPDB D_1000022498 ?            ?                   
# 
loop_
_pdbx_audit_revision_history.ordinal 
_pdbx_audit_revision_history.data_content_type 
_pdbx_audit_revision_history.major_revision 
_pdbx_audit_revision_history.minor_revision 
_pdbx_audit_revision_history.revision_date 
1 'Structure model' 1 0 2004-08-31 
2 'Structure model' 1 1 2008-04-30 
3 'Structure model' 1 2 2011-07-13 
4 'Structure model' 1 3 2024-10-16 
# 
_pdbx_audit_revision_details.ordinal             1 
_pdbx_audit_revision_details.revision_ordinal    1 
_pdbx_audit_revision_details.data_content_type   'Structure model' 
_pdbx_audit_revision_details.provider            repository 
_pdbx_audit_revision_details.type                'Initial release' 
_pdbx_audit_revision_details.description         ? 
_pdbx_audit_revision_details.details             ? 
# 
loop_
_pdbx_audit_revision_group.ordinal 
_pdbx_audit_revision_group.revision_ordinal 
_pdbx_audit_revision_group.data_content_type 
_pdbx_audit_revision_group.group 
1 2 'Structure model' 'Version format compliance' 
2 3 'Structure model' 'Version format compliance' 
3 4 'Structure model' 'Data collection'           
4 4 'Structure model' 'Database references'       
5 4 'Structure model' 'Derived calculations'      
6 4 'Structure model' 'Structure summary'         
# 
loop_
_pdbx_audit_revision_category.ordinal 
_pdbx_audit_revision_category.revision_ordinal 
_pdbx_audit_revision_category.data_content_type 
_pdbx_audit_revision_category.category 
1 4 'Structure model' chem_comp_atom            
2 4 'Structure model' chem_comp_bond            
3 4 'Structure model' database_2                
4 4 'Structure model' pdbx_entry_details        
5 4 'Structure model' pdbx_modification_feature 
6 4 'Structure model' pdbx_struct_conn_angle    
7 4 'Structure model' struct_conn               
8 4 'Structure model' struct_ref_seq_dif        
9 4 'Structure model' struct_site               
# 
loop_
_pdbx_audit_revision_item.ordinal 
_pdbx_audit_revision_item.revision_ordinal 
_pdbx_audit_revision_item.data_content_type 
_pdbx_audit_revision_item.item 
1  4 'Structure model' '_database_2.pdbx_DOI'                        
2  4 'Structure model' '_database_2.pdbx_database_accession'         
3  4 'Structure model' '_pdbx_struct_conn_angle.ptnr1_auth_comp_id'  
4  4 'Structure model' '_pdbx_struct_conn_angle.ptnr1_auth_seq_id'   
5  4 'Structure model' '_pdbx_struct_conn_angle.ptnr1_label_asym_id' 
6  4 'Structure model' '_pdbx_struct_conn_angle.ptnr1_label_atom_id' 
7  4 'Structure model' '_pdbx_struct_conn_angle.ptnr1_label_comp_id' 
8  4 'Structure model' '_pdbx_struct_conn_angle.ptnr1_label_seq_id'  
9  4 'Structure model' '_pdbx_struct_conn_angle.ptnr3_auth_comp_id'  
10 4 'Structure model' '_pdbx_struct_conn_angle.ptnr3_auth_seq_id'   
11 4 'Structure model' '_pdbx_struct_conn_angle.ptnr3_label_asym_id' 
12 4 'Structure model' '_pdbx_struct_conn_angle.ptnr3_label_atom_id' 
13 4 'Structure model' '_pdbx_struct_conn_angle.ptnr3_label_comp_id' 
14 4 'Structure model' '_pdbx_struct_conn_angle.ptnr3_label_seq_id'  
15 4 'Structure model' '_pdbx_struct_conn_angle.value'               
16 4 'Structure model' '_struct_conn.pdbx_dist_value'                
17 4 'Structure model' '_struct_conn.pdbx_leaving_atom_flag'         
18 4 'Structure model' '_struct_conn.ptnr1_auth_comp_id'             
19 4 'Structure model' '_struct_conn.ptnr1_auth_seq_id'              
20 4 'Structure model' '_struct_conn.ptnr1_label_asym_id'            
21 4 'Structure model' '_struct_conn.ptnr1_label_atom_id'            
22 4 'Structure model' '_struct_conn.ptnr1_label_comp_id'            
23 4 'Structure model' '_struct_conn.ptnr1_label_seq_id'             
24 4 'Structure model' '_struct_conn.ptnr2_auth_comp_id'             
25 4 'Structure model' '_struct_conn.ptnr2_auth_seq_id'              
26 4 'Structure model' '_struct_conn.ptnr2_label_asym_id'            
27 4 'Structure model' '_struct_conn.ptnr2_label_atom_id'            
28 4 'Structure model' '_struct_conn.ptnr2_label_comp_id'            
29 4 'Structure model' '_struct_conn.ptnr2_label_seq_id'             
30 4 'Structure model' '_struct_ref_seq_dif.details'                 
31 4 'Structure model' '_struct_site.pdbx_auth_asym_id'              
32 4 'Structure model' '_struct_site.pdbx_auth_comp_id'              
33 4 'Structure model' '_struct_site.pdbx_auth_seq_id'               
# 
_pdbx_database_status.status_code                     REL 
_pdbx_database_status.entry_id                        1TA0 
_pdbx_database_status.recvd_initial_deposition_date   2004-05-19 
_pdbx_database_status.deposit_site                    RCSB 
_pdbx_database_status.process_site                    RCSB 
_pdbx_database_status.status_code_sf                  REL 
_pdbx_database_status.SG_entry                        . 
_pdbx_database_status.pdb_format_compatible           Y 
_pdbx_database_status.status_code_mr                  ? 
_pdbx_database_status.status_code_cs                  ? 
_pdbx_database_status.status_code_nmr_data            ? 
_pdbx_database_status.methods_development_category    ? 
# 
_pdbx_database_related.db_name        PDB 
_pdbx_database_related.db_id          1T9Z 
_pdbx_database_related.details        . 
_pdbx_database_related.content_type   unspecified 
# 
loop_
_audit_author.name 
_audit_author.pdbx_ordinal 
'Kamenski, T.'  1 
'Heilmeier, S.' 2 
'Meinhart, T.'  3 
'Cramer, P.'    4 
# 
_citation.id                        primary 
_citation.title                     'Structure and Mechanism of RNA Polymerase II CTD Phosphatases.' 
_citation.journal_abbrev            Mol.Cell 
_citation.journal_volume            15 
_citation.page_first                399 
_citation.page_last                 407 
_citation.year                      2004 
_citation.journal_id_ASTM           MOCEFL 
_citation.country                   US 
_citation.journal_id_ISSN           1097-2765 
_citation.journal_id_CSD            2168 
_citation.book_publisher            ? 
_citation.pdbx_database_id_PubMed   15304220 
_citation.pdbx_database_id_DOI      10.1016/j.molcel.2004.06.035 
# 
loop_
_citation_author.citation_id 
_citation_author.name 
_citation_author.ordinal 
_citation_author.identifier_ORCID 
primary 'Kamenski, T.'  1 ? 
primary 'Heilmeier, S.' 2 ? 
primary 'Meinhart, T.'  3 ? 
primary 'Cramer, P.'    4 ? 
# 
loop_
_entity.id 
_entity.type 
_entity.src_method 
_entity.pdbx_description 
_entity.formula_weight 
_entity.pdbx_number_of_molecules 
_entity.pdbx_ec 
_entity.pdbx_mutation 
_entity.pdbx_fragment 
_entity.details 
1 polymer     man 'Carboxy-terminal domain RNA polymerase II polypeptide A small phosphatase 1' 22715.732 1   3.1.3.16 ? ? ? 
2 non-polymer syn 'MAGNESIUM ION'                                                               24.305    1   ?        ? ? ? 
3 non-polymer syn 'CITRIC ACID'                                                                 192.124   1   ?        ? ? ? 
4 water       nat water                                                                         18.015    148 ?        ? ? ? 
# 
_entity_name_com.entity_id   1 
_entity_name_com.name        'Nuclear LIM interactor-interacting factor 3, NLI-interacting factor 3, NLI-IF' 
# 
_entity_poly.entity_id                      1 
_entity_poly.type                           'polypeptide(L)' 
_entity_poly.nstd_linkage                   no 
_entity_poly.nstd_monomer                   yes 
_entity_poly.pdbx_seq_one_letter_code       
;MQYLLPEAKAQDSDKICVVI(BFD)LDETLVHSSFKPVNNADFIIPVEIDGVVHQVYVLKRPHVDEFLQRMGELFECVLF
TASLAKYADPVADLLDKWGAFRARLFRESCVFHRGNYVKDLSRLGRDLRRVLILDNSPASYVFHPDNAVPVASWFDNMSD
TELHDLLPFFEQLSRVDDVYSVLRQPRPGSAAALEHHHHHH
;
_entity_poly.pdbx_seq_one_letter_code_can   
;MQYLLPEAKAQDSDKICVVIDLDETLVHSSFKPVNNADFIIPVEIDGVVHQVYVLKRPHVDEFLQRMGELFECVLFTASL
AKYADPVADLLDKWGAFRARLFRESCVFHRGNYVKDLSRLGRDLRRVLILDNSPASYVFHPDNAVPVASWFDNMSDTELH
DLLPFFEQLSRVDDVYSVLRQPRPGSAAALEHHHHHH
;
_entity_poly.pdbx_strand_id                 A 
_entity_poly.pdbx_target_identifier         ? 
# 
loop_
_pdbx_entity_nonpoly.entity_id 
_pdbx_entity_nonpoly.name 
_pdbx_entity_nonpoly.comp_id 
2 'MAGNESIUM ION' MG  
3 'CITRIC ACID'   CIT 
4 water           HOH 
# 
loop_
_entity_poly_seq.entity_id 
_entity_poly_seq.num 
_entity_poly_seq.mon_id 
_entity_poly_seq.hetero 
1 1   MET n 
1 2   GLN n 
1 3   TYR n 
1 4   LEU n 
1 5   LEU n 
1 6   PRO n 
1 7   GLU n 
1 8   ALA n 
1 9   LYS n 
1 10  ALA n 
1 11  GLN n 
1 12  ASP n 
1 13  SER n 
1 14  ASP n 
1 15  LYS n 
1 16  ILE n 
1 17  CYS n 
1 18  VAL n 
1 19  VAL n 
1 20  ILE n 
1 21  BFD n 
1 22  LEU n 
1 23  ASP n 
1 24  GLU n 
1 25  THR n 
1 26  LEU n 
1 27  VAL n 
1 28  HIS n 
1 29  SER n 
1 30  SER n 
1 31  PHE n 
1 32  LYS n 
1 33  PRO n 
1 34  VAL n 
1 35  ASN n 
1 36  ASN n 
1 37  ALA n 
1 38  ASP n 
1 39  PHE n 
1 40  ILE n 
1 41  ILE n 
1 42  PRO n 
1 43  VAL n 
1 44  GLU n 
1 45  ILE n 
1 46  ASP n 
1 47  GLY n 
1 48  VAL n 
1 49  VAL n 
1 50  HIS n 
1 51  GLN n 
1 52  VAL n 
1 53  TYR n 
1 54  VAL n 
1 55  LEU n 
1 56  LYS n 
1 57  ARG n 
1 58  PRO n 
1 59  HIS n 
1 60  VAL n 
1 61  ASP n 
1 62  GLU n 
1 63  PHE n 
1 64  LEU n 
1 65  GLN n 
1 66  ARG n 
1 67  MET n 
1 68  GLY n 
1 69  GLU n 
1 70  LEU n 
1 71  PHE n 
1 72  GLU n 
1 73  CYS n 
1 74  VAL n 
1 75  LEU n 
1 76  PHE n 
1 77  THR n 
1 78  ALA n 
1 79  SER n 
1 80  LEU n 
1 81  ALA n 
1 82  LYS n 
1 83  TYR n 
1 84  ALA n 
1 85  ASP n 
1 86  PRO n 
1 87  VAL n 
1 88  ALA n 
1 89  ASP n 
1 90  LEU n 
1 91  LEU n 
1 92  ASP n 
1 93  LYS n 
1 94  TRP n 
1 95  GLY n 
1 96  ALA n 
1 97  PHE n 
1 98  ARG n 
1 99  ALA n 
1 100 ARG n 
1 101 LEU n 
1 102 PHE n 
1 103 ARG n 
1 104 GLU n 
1 105 SER n 
1 106 CYS n 
1 107 VAL n 
1 108 PHE n 
1 109 HIS n 
1 110 ARG n 
1 111 GLY n 
1 112 ASN n 
1 113 TYR n 
1 114 VAL n 
1 115 LYS n 
1 116 ASP n 
1 117 LEU n 
1 118 SER n 
1 119 ARG n 
1 120 LEU n 
1 121 GLY n 
1 122 ARG n 
1 123 ASP n 
1 124 LEU n 
1 125 ARG n 
1 126 ARG n 
1 127 VAL n 
1 128 LEU n 
1 129 ILE n 
1 130 LEU n 
1 131 ASP n 
1 132 ASN n 
1 133 SER n 
1 134 PRO n 
1 135 ALA n 
1 136 SER n 
1 137 TYR n 
1 138 VAL n 
1 139 PHE n 
1 140 HIS n 
1 141 PRO n 
1 142 ASP n 
1 143 ASN n 
1 144 ALA n 
1 145 VAL n 
1 146 PRO n 
1 147 VAL n 
1 148 ALA n 
1 149 SER n 
1 150 TRP n 
1 151 PHE n 
1 152 ASP n 
1 153 ASN n 
1 154 MET n 
1 155 SER n 
1 156 ASP n 
1 157 THR n 
1 158 GLU n 
1 159 LEU n 
1 160 HIS n 
1 161 ASP n 
1 162 LEU n 
1 163 LEU n 
1 164 PRO n 
1 165 PHE n 
1 166 PHE n 
1 167 GLU n 
1 168 GLN n 
1 169 LEU n 
1 170 SER n 
1 171 ARG n 
1 172 VAL n 
1 173 ASP n 
1 174 ASP n 
1 175 VAL n 
1 176 TYR n 
1 177 SER n 
1 178 VAL n 
1 179 LEU n 
1 180 ARG n 
1 181 GLN n 
1 182 PRO n 
1 183 ARG n 
1 184 PRO n 
1 185 GLY n 
1 186 SER n 
1 187 ALA n 
1 188 ALA n 
1 189 ALA n 
1 190 LEU n 
1 191 GLU n 
1 192 HIS n 
1 193 HIS n 
1 194 HIS n 
1 195 HIS n 
1 196 HIS n 
1 197 HIS n 
# 
_entity_src_gen.entity_id                          1 
_entity_src_gen.pdbx_src_id                        1 
_entity_src_gen.pdbx_alt_source_flag               sample 
_entity_src_gen.pdbx_seq_type                      ? 
_entity_src_gen.pdbx_beg_seq_num                   ? 
_entity_src_gen.pdbx_end_seq_num                   ? 
_entity_src_gen.gene_src_common_name               human 
_entity_src_gen.gene_src_genus                     Homo 
_entity_src_gen.pdbx_gene_src_gene                 'CTDSP1, NIF3, NLIIF' 
_entity_src_gen.gene_src_species                   ? 
_entity_src_gen.gene_src_strain                    ? 
_entity_src_gen.gene_src_tissue                    ? 
_entity_src_gen.gene_src_tissue_fraction           ? 
_entity_src_gen.gene_src_details                   ? 
_entity_src_gen.pdbx_gene_src_fragment             ? 
_entity_src_gen.pdbx_gene_src_scientific_name      'Homo sapiens' 
_entity_src_gen.pdbx_gene_src_ncbi_taxonomy_id     9606 
_entity_src_gen.pdbx_gene_src_variant              ? 
_entity_src_gen.pdbx_gene_src_cell_line            ? 
_entity_src_gen.pdbx_gene_src_atcc                 ? 
_entity_src_gen.pdbx_gene_src_organ                ? 
_entity_src_gen.pdbx_gene_src_organelle            ? 
_entity_src_gen.pdbx_gene_src_cell                 ? 
_entity_src_gen.pdbx_gene_src_cellular_location    ? 
_entity_src_gen.host_org_common_name               ? 
_entity_src_gen.pdbx_host_org_scientific_name      'Escherichia coli' 
_entity_src_gen.pdbx_host_org_ncbi_taxonomy_id     562 
_entity_src_gen.host_org_genus                     Escherichia 
_entity_src_gen.pdbx_host_org_gene                 ? 
_entity_src_gen.pdbx_host_org_organ                ? 
_entity_src_gen.host_org_species                   ? 
_entity_src_gen.pdbx_host_org_tissue               ? 
_entity_src_gen.pdbx_host_org_tissue_fraction      ? 
_entity_src_gen.pdbx_host_org_strain               'BL21(DE3)-RIL' 
_entity_src_gen.pdbx_host_org_variant              ? 
_entity_src_gen.pdbx_host_org_cell_line            ? 
_entity_src_gen.pdbx_host_org_atcc                 ? 
_entity_src_gen.pdbx_host_org_culture_collection   ? 
_entity_src_gen.pdbx_host_org_cell                 ? 
_entity_src_gen.pdbx_host_org_organelle            ? 
_entity_src_gen.pdbx_host_org_cellular_location    ? 
_entity_src_gen.pdbx_host_org_vector_type          PLASMID 
_entity_src_gen.pdbx_host_org_vector               ? 
_entity_src_gen.host_org_details                   ? 
_entity_src_gen.expression_system_id               ? 
_entity_src_gen.plasmid_name                       pET21b 
_entity_src_gen.plasmid_details                    ? 
_entity_src_gen.pdbx_description                   ? 
# 
loop_
_chem_comp.id 
_chem_comp.type 
_chem_comp.mon_nstd_flag 
_chem_comp.name 
_chem_comp.pdbx_synonyms 
_chem_comp.formula 
_chem_comp.formula_weight 
ALA 'L-peptide linking' y ALANINE                           ? 'C3 H7 N O2'          89.093  
ARG 'L-peptide linking' y ARGININE                          ? 'C6 H15 N4 O2 1'      175.209 
ASN 'L-peptide linking' y ASPARAGINE                        ? 'C4 H8 N2 O3'         132.118 
ASP 'L-peptide linking' y 'ASPARTIC ACID'                   ? 'C4 H7 N O4'          133.103 
BFD 'L-peptide linking' n 'ASPARTATE BERYLLIUM TRIFLUORIDE' ? 'C4 H6 Be F3 N O4 -2' 198.102 
CIT non-polymer         . 'CITRIC ACID'                     ? 'C6 H8 O7'            192.124 
CYS 'L-peptide linking' y CYSTEINE                          ? 'C3 H7 N O2 S'        121.158 
GLN 'L-peptide linking' y GLUTAMINE                         ? 'C5 H10 N2 O3'        146.144 
GLU 'L-peptide linking' y 'GLUTAMIC ACID'                   ? 'C5 H9 N O4'          147.129 
GLY 'peptide linking'   y GLYCINE                           ? 'C2 H5 N O2'          75.067  
HIS 'L-peptide linking' y HISTIDINE                         ? 'C6 H10 N3 O2 1'      156.162 
HOH non-polymer         . WATER                             ? 'H2 O'                18.015  
ILE 'L-peptide linking' y ISOLEUCINE                        ? 'C6 H13 N O2'         131.173 
LEU 'L-peptide linking' y LEUCINE                           ? 'C6 H13 N O2'         131.173 
LYS 'L-peptide linking' y LYSINE                            ? 'C6 H15 N2 O2 1'      147.195 
MET 'L-peptide linking' y METHIONINE                        ? 'C5 H11 N O2 S'       149.211 
MG  non-polymer         . 'MAGNESIUM ION'                   ? 'Mg 2'                24.305  
PHE 'L-peptide linking' y PHENYLALANINE                     ? 'C9 H11 N O2'         165.189 
PRO 'L-peptide linking' y PROLINE                           ? 'C5 H9 N O2'          115.130 
SER 'L-peptide linking' y SERINE                            ? 'C3 H7 N O3'          105.093 
THR 'L-peptide linking' y THREONINE                         ? 'C4 H9 N O3'          119.119 
TRP 'L-peptide linking' y TRYPTOPHAN                        ? 'C11 H12 N2 O2'       204.225 
TYR 'L-peptide linking' y TYROSINE                          ? 'C9 H11 N O3'         181.189 
VAL 'L-peptide linking' y VALINE                            ? 'C5 H11 N O2'         117.146 
# 
loop_
_pdbx_poly_seq_scheme.asym_id 
_pdbx_poly_seq_scheme.entity_id 
_pdbx_poly_seq_scheme.seq_id 
_pdbx_poly_seq_scheme.mon_id 
_pdbx_poly_seq_scheme.ndb_seq_num 
_pdbx_poly_seq_scheme.pdb_seq_num 
_pdbx_poly_seq_scheme.auth_seq_num 
_pdbx_poly_seq_scheme.pdb_mon_id 
_pdbx_poly_seq_scheme.auth_mon_id 
_pdbx_poly_seq_scheme.pdb_strand_id 
_pdbx_poly_seq_scheme.pdb_ins_code 
_pdbx_poly_seq_scheme.hetero 
A 1 1   MET 1   76  76  MET MET A . n 
A 1 2   GLN 2   77  77  GLN GLN A . n 
A 1 3   TYR 3   78  78  TYR TYR A . n 
A 1 4   LEU 4   79  79  LEU LEU A . n 
A 1 5   LEU 5   80  80  LEU LEU A . n 
A 1 6   PRO 6   81  81  PRO PRO A . n 
A 1 7   GLU 7   82  82  GLU GLU A . n 
A 1 8   ALA 8   83  83  ALA ALA A . n 
A 1 9   LYS 9   84  84  LYS LYS A . n 
A 1 10  ALA 10  85  85  ALA ALA A . n 
A 1 11  GLN 11  86  86  GLN GLN A . n 
A 1 12  ASP 12  87  87  ASP ASP A . n 
A 1 13  SER 13  88  88  SER SER A . n 
A 1 14  ASP 14  89  89  ASP ASP A . n 
A 1 15  LYS 15  90  90  LYS LYS A . n 
A 1 16  ILE 16  91  91  ILE ILE A . n 
A 1 17  CYS 17  92  92  CYS CYS A . n 
A 1 18  VAL 18  93  93  VAL VAL A . n 
A 1 19  VAL 19  94  94  VAL VAL A . n 
A 1 20  ILE 20  95  95  ILE ILE A . n 
A 1 21  BFD 21  96  96  BFD BFD A . n 
A 1 22  LEU 22  97  97  LEU LEU A . n 
A 1 23  ASP 23  98  98  ASP ASP A . n 
A 1 24  GLU 24  99  99  GLU GLU A . n 
A 1 25  THR 25  100 100 THR THR A . n 
A 1 26  LEU 26  101 101 LEU LEU A . n 
A 1 27  VAL 27  102 102 VAL VAL A . n 
A 1 28  HIS 28  103 103 HIS HIS A . n 
A 1 29  SER 29  104 104 SER SER A . n 
A 1 30  SER 30  105 105 SER SER A . n 
A 1 31  PHE 31  106 106 PHE PHE A . n 
A 1 32  LYS 32  107 107 LYS LYS A . n 
A 1 33  PRO 33  108 108 PRO PRO A . n 
A 1 34  VAL 34  109 109 VAL VAL A . n 
A 1 35  ASN 35  110 110 ASN ASN A . n 
A 1 36  ASN 36  111 111 ASN ASN A . n 
A 1 37  ALA 37  112 112 ALA ALA A . n 
A 1 38  ASP 38  113 113 ASP ASP A . n 
A 1 39  PHE 39  114 114 PHE PHE A . n 
A 1 40  ILE 40  115 115 ILE ILE A . n 
A 1 41  ILE 41  116 116 ILE ILE A . n 
A 1 42  PRO 42  117 117 PRO PRO A . n 
A 1 43  VAL 43  118 118 VAL VAL A . n 
A 1 44  GLU 44  119 119 GLU GLU A . n 
A 1 45  ILE 45  120 120 ILE ILE A . n 
A 1 46  ASP 46  121 121 ASP ASP A . n 
A 1 47  GLY 47  122 122 GLY GLY A . n 
A 1 48  VAL 48  123 123 VAL VAL A . n 
A 1 49  VAL 49  124 124 VAL VAL A . n 
A 1 50  HIS 50  125 125 HIS HIS A . n 
A 1 51  GLN 51  126 126 GLN GLN A . n 
A 1 52  VAL 52  127 127 VAL VAL A . n 
A 1 53  TYR 53  128 128 TYR TYR A . n 
A 1 54  VAL 54  129 129 VAL VAL A . n 
A 1 55  LEU 55  130 130 LEU LEU A . n 
A 1 56  LYS 56  131 131 LYS LYS A . n 
A 1 57  ARG 57  132 132 ARG ARG A . n 
A 1 58  PRO 58  133 133 PRO PRO A . n 
A 1 59  HIS 59  134 134 HIS HIS A . n 
A 1 60  VAL 60  135 135 VAL VAL A . n 
A 1 61  ASP 61  136 136 ASP ASP A . n 
A 1 62  GLU 62  137 137 GLU GLU A . n 
A 1 63  PHE 63  138 138 PHE PHE A . n 
A 1 64  LEU 64  139 139 LEU LEU A . n 
A 1 65  GLN 65  140 140 GLN GLN A . n 
A 1 66  ARG 66  141 141 ARG ARG A . n 
A 1 67  MET 67  142 142 MET MET A . n 
A 1 68  GLY 68  143 143 GLY GLY A . n 
A 1 69  GLU 69  144 144 GLU GLU A . n 
A 1 70  LEU 70  145 145 LEU LEU A . n 
A 1 71  PHE 71  146 146 PHE PHE A . n 
A 1 72  GLU 72  147 147 GLU GLU A . n 
A 1 73  CYS 73  148 148 CYS CYS A . n 
A 1 74  VAL 74  149 149 VAL VAL A . n 
A 1 75  LEU 75  150 150 LEU LEU A . n 
A 1 76  PHE 76  151 151 PHE PHE A . n 
A 1 77  THR 77  152 152 THR THR A . n 
A 1 78  ALA 78  153 153 ALA ALA A . n 
A 1 79  SER 79  154 154 SER SER A . n 
A 1 80  LEU 80  155 155 LEU LEU A . n 
A 1 81  ALA 81  156 156 ALA ALA A . n 
A 1 82  LYS 82  157 157 LYS LYS A . n 
A 1 83  TYR 83  158 158 TYR TYR A . n 
A 1 84  ALA 84  159 159 ALA ALA A . n 
A 1 85  ASP 85  160 160 ASP ASP A . n 
A 1 86  PRO 86  161 161 PRO PRO A . n 
A 1 87  VAL 87  162 162 VAL VAL A . n 
A 1 88  ALA 88  163 163 ALA ALA A . n 
A 1 89  ASP 89  164 164 ASP ASP A . n 
A 1 90  LEU 90  165 165 LEU LEU A . n 
A 1 91  LEU 91  166 166 LEU LEU A . n 
A 1 92  ASP 92  167 167 ASP ASP A . n 
A 1 93  LYS 93  168 168 LYS LYS A . n 
A 1 94  TRP 94  169 169 TRP TRP A . n 
A 1 95  GLY 95  170 170 GLY GLY A . n 
A 1 96  ALA 96  171 171 ALA ALA A . n 
A 1 97  PHE 97  172 172 PHE PHE A . n 
A 1 98  ARG 98  173 173 ARG ARG A . n 
A 1 99  ALA 99  174 174 ALA ALA A . n 
A 1 100 ARG 100 175 175 ARG ARG A . n 
A 1 101 LEU 101 176 176 LEU LEU A . n 
A 1 102 PHE 102 177 177 PHE PHE A . n 
A 1 103 ARG 103 178 178 ARG ARG A . n 
A 1 104 GLU 104 179 179 GLU GLU A . n 
A 1 105 SER 105 180 180 SER SER A . n 
A 1 106 CYS 106 181 181 CYS CYS A . n 
A 1 107 VAL 107 182 182 VAL VAL A . n 
A 1 108 PHE 108 183 183 PHE PHE A . n 
A 1 109 HIS 109 184 184 HIS HIS A . n 
A 1 110 ARG 110 185 185 ARG ARG A . n 
A 1 111 GLY 111 186 186 GLY GLY A . n 
A 1 112 ASN 112 187 187 ASN ASN A . n 
A 1 113 TYR 113 188 188 TYR TYR A . n 
A 1 114 VAL 114 189 189 VAL VAL A . n 
A 1 115 LYS 115 190 190 LYS LYS A . n 
A 1 116 ASP 116 191 191 ASP ASP A . n 
A 1 117 LEU 117 192 192 LEU LEU A . n 
A 1 118 SER 118 193 193 SER SER A . n 
A 1 119 ARG 119 194 194 ARG ARG A . n 
A 1 120 LEU 120 195 195 LEU LEU A . n 
A 1 121 GLY 121 196 196 GLY GLY A . n 
A 1 122 ARG 122 197 197 ARG ARG A . n 
A 1 123 ASP 123 198 198 ASP ASP A . n 
A 1 124 LEU 124 199 199 LEU LEU A . n 
A 1 125 ARG 125 200 200 ARG ARG A . n 
A 1 126 ARG 126 201 201 ARG ARG A . n 
A 1 127 VAL 127 202 202 VAL VAL A . n 
A 1 128 LEU 128 203 203 LEU LEU A . n 
A 1 129 ILE 129 204 204 ILE ILE A . n 
A 1 130 LEU 130 205 205 LEU LEU A . n 
A 1 131 ASP 131 206 206 ASP ASP A . n 
A 1 132 ASN 132 207 207 ASN ASN A . n 
A 1 133 SER 133 208 208 SER SER A . n 
A 1 134 PRO 134 209 209 PRO PRO A . n 
A 1 135 ALA 135 210 210 ALA ALA A . n 
A 1 136 SER 136 211 211 SER SER A . n 
A 1 137 TYR 137 212 212 TYR TYR A . n 
A 1 138 VAL 138 213 213 VAL VAL A . n 
A 1 139 PHE 139 214 214 PHE PHE A . n 
A 1 140 HIS 140 215 215 HIS HIS A . n 
A 1 141 PRO 141 216 216 PRO PRO A . n 
A 1 142 ASP 142 217 217 ASP ASP A . n 
A 1 143 ASN 143 218 218 ASN ASN A . n 
A 1 144 ALA 144 219 219 ALA ALA A . n 
A 1 145 VAL 145 220 220 VAL VAL A . n 
A 1 146 PRO 146 221 221 PRO PRO A . n 
A 1 147 VAL 147 222 222 VAL VAL A . n 
A 1 148 ALA 148 223 223 ALA ALA A . n 
A 1 149 SER 149 224 224 SER SER A . n 
A 1 150 TRP 150 225 225 TRP TRP A . n 
A 1 151 PHE 151 226 226 PHE PHE A . n 
A 1 152 ASP 152 227 227 ASP ASP A . n 
A 1 153 ASN 153 228 228 ASN ASN A . n 
A 1 154 MET 154 229 229 MET MET A . n 
A 1 155 SER 155 230 230 SER SER A . n 
A 1 156 ASP 156 231 231 ASP ASP A . n 
A 1 157 THR 157 232 232 THR THR A . n 
A 1 158 GLU 158 233 233 GLU GLU A . n 
A 1 159 LEU 159 234 234 LEU LEU A . n 
A 1 160 HIS 160 235 235 HIS HIS A . n 
A 1 161 ASP 161 236 236 ASP ASP A . n 
A 1 162 LEU 162 237 237 LEU LEU A . n 
A 1 163 LEU 163 238 238 LEU LEU A . n 
A 1 164 PRO 164 239 239 PRO PRO A . n 
A 1 165 PHE 165 240 240 PHE PHE A . n 
A 1 166 PHE 166 241 241 PHE PHE A . n 
A 1 167 GLU 167 242 242 GLU GLU A . n 
A 1 168 GLN 168 243 243 GLN GLN A . n 
A 1 169 LEU 169 244 244 LEU LEU A . n 
A 1 170 SER 170 245 245 SER SER A . n 
A 1 171 ARG 171 246 246 ARG ARG A . n 
A 1 172 VAL 172 247 247 VAL VAL A . n 
A 1 173 ASP 173 248 248 ASP ASP A . n 
A 1 174 ASP 174 249 249 ASP ASP A . n 
A 1 175 VAL 175 250 250 VAL VAL A . n 
A 1 176 TYR 176 251 251 TYR TYR A . n 
A 1 177 SER 177 252 252 SER SER A . n 
A 1 178 VAL 178 253 253 VAL VAL A . n 
A 1 179 LEU 179 254 254 LEU LEU A . n 
A 1 180 ARG 180 255 255 ARG ARG A . n 
A 1 181 GLN 181 256 256 GLN GLN A . n 
A 1 182 PRO 182 257 ?   ?   ?   A . n 
A 1 183 ARG 183 258 ?   ?   ?   A . n 
A 1 184 PRO 184 259 ?   ?   ?   A . n 
A 1 185 GLY 185 260 ?   ?   ?   A . n 
A 1 186 SER 186 261 ?   ?   ?   A . n 
A 1 187 ALA 187 262 ?   ?   ?   A . n 
A 1 188 ALA 188 263 ?   ?   ?   A . n 
A 1 189 ALA 189 264 ?   ?   ?   A . n 
A 1 190 LEU 190 265 ?   ?   ?   A . n 
A 1 191 GLU 191 266 ?   ?   ?   A . n 
A 1 192 HIS 192 267 ?   ?   ?   A . n 
A 1 193 HIS 193 268 ?   ?   ?   A . n 
A 1 194 HIS 194 269 ?   ?   ?   A . n 
A 1 195 HIS 195 270 ?   ?   ?   A . n 
A 1 196 HIS 196 271 ?   ?   ?   A . n 
A 1 197 HIS 197 272 ?   ?   ?   A . n 
# 
loop_
_pdbx_nonpoly_scheme.asym_id 
_pdbx_nonpoly_scheme.entity_id 
_pdbx_nonpoly_scheme.mon_id 
_pdbx_nonpoly_scheme.ndb_seq_num 
_pdbx_nonpoly_scheme.pdb_seq_num 
_pdbx_nonpoly_scheme.auth_seq_num 
_pdbx_nonpoly_scheme.pdb_mon_id 
_pdbx_nonpoly_scheme.auth_mon_id 
_pdbx_nonpoly_scheme.pdb_strand_id 
_pdbx_nonpoly_scheme.pdb_ins_code 
B 2 MG  1   273 1   MG  MG2 A . 
C 3 CIT 1   274 1   CIT CIT A . 
D 4 HOH 1   275 1   HOH WAT A . 
D 4 HOH 2   276 2   HOH WAT A . 
D 4 HOH 3   277 3   HOH WAT A . 
D 4 HOH 4   278 4   HOH WAT A . 
D 4 HOH 5   279 5   HOH WAT A . 
D 4 HOH 6   280 6   HOH WAT A . 
D 4 HOH 7   281 7   HOH WAT A . 
D 4 HOH 8   282 8   HOH WAT A . 
D 4 HOH 9   283 9   HOH WAT A . 
D 4 HOH 10  284 10  HOH WAT A . 
D 4 HOH 11  285 11  HOH WAT A . 
D 4 HOH 12  286 12  HOH WAT A . 
D 4 HOH 13  287 13  HOH WAT A . 
D 4 HOH 14  288 14  HOH WAT A . 
D 4 HOH 15  289 15  HOH WAT A . 
D 4 HOH 16  290 16  HOH WAT A . 
D 4 HOH 17  291 17  HOH WAT A . 
D 4 HOH 18  292 18  HOH WAT A . 
D 4 HOH 19  293 19  HOH WAT A . 
D 4 HOH 20  294 20  HOH WAT A . 
D 4 HOH 21  295 21  HOH WAT A . 
D 4 HOH 22  296 22  HOH WAT A . 
D 4 HOH 23  297 23  HOH WAT A . 
D 4 HOH 24  298 24  HOH WAT A . 
D 4 HOH 25  299 25  HOH WAT A . 
D 4 HOH 26  300 26  HOH WAT A . 
D 4 HOH 27  301 27  HOH WAT A . 
D 4 HOH 28  302 28  HOH WAT A . 
D 4 HOH 29  303 29  HOH WAT A . 
D 4 HOH 30  304 30  HOH WAT A . 
D 4 HOH 31  305 31  HOH WAT A . 
D 4 HOH 32  306 32  HOH WAT A . 
D 4 HOH 33  307 33  HOH WAT A . 
D 4 HOH 34  308 34  HOH WAT A . 
D 4 HOH 35  309 35  HOH WAT A . 
D 4 HOH 36  310 36  HOH WAT A . 
D 4 HOH 37  311 37  HOH WAT A . 
D 4 HOH 38  312 38  HOH WAT A . 
D 4 HOH 39  313 39  HOH WAT A . 
D 4 HOH 40  314 40  HOH WAT A . 
D 4 HOH 41  315 41  HOH WAT A . 
D 4 HOH 42  316 42  HOH WAT A . 
D 4 HOH 43  317 43  HOH WAT A . 
D 4 HOH 44  318 44  HOH WAT A . 
D 4 HOH 45  319 45  HOH WAT A . 
D 4 HOH 46  320 46  HOH WAT A . 
D 4 HOH 47  321 47  HOH WAT A . 
D 4 HOH 48  322 48  HOH WAT A . 
D 4 HOH 49  323 49  HOH WAT A . 
D 4 HOH 50  324 50  HOH WAT A . 
D 4 HOH 51  325 51  HOH WAT A . 
D 4 HOH 52  326 52  HOH WAT A . 
D 4 HOH 53  327 53  HOH WAT A . 
D 4 HOH 54  328 54  HOH WAT A . 
D 4 HOH 55  329 55  HOH WAT A . 
D 4 HOH 56  330 56  HOH WAT A . 
D 4 HOH 57  331 57  HOH WAT A . 
D 4 HOH 58  332 58  HOH WAT A . 
D 4 HOH 59  333 59  HOH WAT A . 
D 4 HOH 60  334 60  HOH WAT A . 
D 4 HOH 61  335 61  HOH WAT A . 
D 4 HOH 62  336 62  HOH WAT A . 
D 4 HOH 63  337 63  HOH WAT A . 
D 4 HOH 64  338 64  HOH WAT A . 
D 4 HOH 65  339 65  HOH WAT A . 
D 4 HOH 66  340 66  HOH WAT A . 
D 4 HOH 67  341 67  HOH WAT A . 
D 4 HOH 68  342 68  HOH WAT A . 
D 4 HOH 69  343 69  HOH WAT A . 
D 4 HOH 70  344 70  HOH WAT A . 
D 4 HOH 71  345 71  HOH WAT A . 
D 4 HOH 72  346 72  HOH WAT A . 
D 4 HOH 73  347 73  HOH WAT A . 
D 4 HOH 74  348 74  HOH WAT A . 
D 4 HOH 75  349 75  HOH WAT A . 
D 4 HOH 76  350 76  HOH WAT A . 
D 4 HOH 77  351 77  HOH WAT A . 
D 4 HOH 78  352 78  HOH WAT A . 
D 4 HOH 79  353 79  HOH WAT A . 
D 4 HOH 80  354 80  HOH WAT A . 
D 4 HOH 81  355 81  HOH WAT A . 
D 4 HOH 82  356 82  HOH WAT A . 
D 4 HOH 83  357 83  HOH WAT A . 
D 4 HOH 84  358 84  HOH WAT A . 
D 4 HOH 85  359 85  HOH WAT A . 
D 4 HOH 86  360 86  HOH WAT A . 
D 4 HOH 87  361 87  HOH WAT A . 
D 4 HOH 88  362 88  HOH WAT A . 
D 4 HOH 89  363 89  HOH WAT A . 
D 4 HOH 90  364 90  HOH WAT A . 
D 4 HOH 91  365 91  HOH WAT A . 
D 4 HOH 92  366 92  HOH WAT A . 
D 4 HOH 93  367 93  HOH WAT A . 
D 4 HOH 94  368 94  HOH WAT A . 
D 4 HOH 95  369 95  HOH WAT A . 
D 4 HOH 96  370 96  HOH WAT A . 
D 4 HOH 97  371 97  HOH WAT A . 
D 4 HOH 98  372 98  HOH WAT A . 
D 4 HOH 99  373 99  HOH WAT A . 
D 4 HOH 100 374 100 HOH WAT A . 
D 4 HOH 101 375 101 HOH WAT A . 
D 4 HOH 102 376 102 HOH WAT A . 
D 4 HOH 103 377 103 HOH WAT A . 
D 4 HOH 104 378 104 HOH WAT A . 
D 4 HOH 105 379 105 HOH WAT A . 
D 4 HOH 106 380 106 HOH WAT A . 
D 4 HOH 107 381 107 HOH WAT A . 
D 4 HOH 108 382 108 HOH WAT A . 
D 4 HOH 109 383 109 HOH WAT A . 
D 4 HOH 110 384 110 HOH WAT A . 
D 4 HOH 111 385 111 HOH WAT A . 
D 4 HOH 112 386 112 HOH WAT A . 
D 4 HOH 113 387 113 HOH WAT A . 
D 4 HOH 114 388 114 HOH WAT A . 
D 4 HOH 115 389 115 HOH WAT A . 
D 4 HOH 116 390 116 HOH WAT A . 
D 4 HOH 117 391 117 HOH WAT A . 
D 4 HOH 118 392 118 HOH WAT A . 
D 4 HOH 119 393 119 HOH WAT A . 
D 4 HOH 120 394 120 HOH WAT A . 
D 4 HOH 121 395 121 HOH WAT A . 
D 4 HOH 122 396 122 HOH WAT A . 
D 4 HOH 123 397 123 HOH WAT A . 
D 4 HOH 124 398 124 HOH WAT A . 
D 4 HOH 125 399 125 HOH WAT A . 
D 4 HOH 126 400 126 HOH WAT A . 
D 4 HOH 127 401 127 HOH WAT A . 
D 4 HOH 128 402 128 HOH WAT A . 
D 4 HOH 129 403 129 HOH WAT A . 
D 4 HOH 130 404 130 HOH WAT A . 
D 4 HOH 131 405 131 HOH WAT A . 
D 4 HOH 132 406 132 HOH WAT A . 
D 4 HOH 133 407 133 HOH WAT A . 
D 4 HOH 134 408 134 HOH WAT A . 
D 4 HOH 135 409 135 HOH WAT A . 
D 4 HOH 136 410 136 HOH WAT A . 
D 4 HOH 137 411 137 HOH WAT A . 
D 4 HOH 138 412 138 HOH WAT A . 
D 4 HOH 139 413 139 HOH WAT A . 
D 4 HOH 140 414 140 HOH WAT A . 
D 4 HOH 141 415 141 HOH WAT A . 
D 4 HOH 142 416 142 HOH WAT A . 
D 4 HOH 143 417 143 HOH WAT A . 
D 4 HOH 144 418 144 HOH WAT A . 
D 4 HOH 145 419 145 HOH WAT A . 
D 4 HOH 146 420 146 HOH WAT A . 
D 4 HOH 147 421 147 HOH WAT A . 
D 4 HOH 148 422 148 HOH WAT A . 
# 
loop_
_software.name 
_software.classification 
_software.version 
_software.citation_id 
_software.pdbx_ordinal 
XDS 'data scaling'   . ? 1 
XDS 'data reduction' . ? 2 
CNS refinement       . ? 3 
CNS phasing          . ? 4 
# 
_cell.entry_id           1TA0 
_cell.length_a           117.820 
_cell.length_b           47.170 
_cell.length_c           40.070 
_cell.angle_alpha        90.00 
_cell.angle_beta         90.00 
_cell.angle_gamma        90.00 
_cell.Z_PDB              4 
_cell.pdbx_unique_axis   ? 
# 
_symmetry.entry_id                         1TA0 
_symmetry.space_group_name_H-M             'P 21 21 2' 
_symmetry.pdbx_full_space_group_name_H-M   ? 
_symmetry.cell_setting                     ? 
_symmetry.Int_Tables_number                18 
_symmetry.space_group_name_Hall            ? 
# 
_exptl.entry_id          1TA0 
_exptl.method            'X-RAY DIFFRACTION' 
_exptl.crystals_number   1 
# 
_exptl_crystal.id                    1 
_exptl_crystal.density_meas          ? 
_exptl_crystal.density_Matthews      1.3 
_exptl_crystal.density_percent_sol   54 
_exptl_crystal.description           ? 
_exptl_crystal.F_000                 ? 
_exptl_crystal.preparation           ? 
# 
_exptl_crystal_grow.crystal_id      1 
_exptl_crystal_grow.method          'VAPOR DIFFUSION, HANGING DROP' 
_exptl_crystal_grow.temp            293 
_exptl_crystal_grow.temp_details    ? 
_exptl_crystal_grow.pH              5.6 
_exptl_crystal_grow.pdbx_details    
'PEG 3300, ammonium acetate, citrate buffer, DTT  , pH 5.6, VAPOR DIFFUSION, HANGING DROP, temperature 293K' 
_exptl_crystal_grow.pdbx_pH_range   . 
# 
_diffrn.id                     1 
_diffrn.ambient_temp           100 
_diffrn.ambient_temp_details   ? 
_diffrn.crystal_id             1 
# 
_diffrn_detector.diffrn_id              1 
_diffrn_detector.detector               CCD 
_diffrn_detector.type                   MARRESEARCH 
_diffrn_detector.pdbx_collection_date   2004-02-22 
_diffrn_detector.details                ? 
# 
_diffrn_radiation.diffrn_id                        1 
_diffrn_radiation.wavelength_id                    1 
_diffrn_radiation.pdbx_monochromatic_or_laue_m_l   M 
_diffrn_radiation.monochromator                    ? 
_diffrn_radiation.pdbx_diffrn_protocol             'SINGLE WAVELENGTH' 
_diffrn_radiation.pdbx_scattering_type             x-ray 
# 
_diffrn_radiation_wavelength.id           1 
_diffrn_radiation_wavelength.wavelength   0.9919 
_diffrn_radiation_wavelength.wt           1.0 
# 
_diffrn_source.diffrn_id                   1 
_diffrn_source.source                      SYNCHROTRON 
_diffrn_source.type                        'SLS BEAMLINE X06SA' 
_diffrn_source.pdbx_synchrotron_site       SLS 
_diffrn_source.pdbx_synchrotron_beamline   X06SA 
_diffrn_source.pdbx_wavelength             ? 
_diffrn_source.pdbx_wavelength_list        0.9919 
# 
_reflns.entry_id                     1TA0 
_reflns.observed_criterion_sigma_F   0 
_reflns.observed_criterion_sigma_I   0 
_reflns.d_resolution_high            2.1 
_reflns.d_resolution_low             20.0 
_reflns.number_all                   13642 
_reflns.number_obs                   13356 
_reflns.percent_possible_obs         97.7 
_reflns.pdbx_Rmerge_I_obs            0.057 
_reflns.pdbx_Rsym_value              ? 
_reflns.pdbx_netI_over_sigmaI        ? 
_reflns.B_iso_Wilson_estimate        ? 
_reflns.pdbx_redundancy              3.8 
_reflns.R_free_details               ? 
_reflns.limit_h_max                  ? 
_reflns.limit_h_min                  ? 
_reflns.limit_k_max                  ? 
_reflns.limit_k_min                  ? 
_reflns.limit_l_max                  ? 
_reflns.limit_l_min                  ? 
_reflns.observed_criterion_F_max     ? 
_reflns.observed_criterion_F_min     ? 
_reflns.pdbx_chi_squared             ? 
_reflns.pdbx_scaling_rejects         ? 
_reflns.pdbx_diffrn_id               1 
_reflns.pdbx_ordinal                 1 
# 
_reflns_shell.d_res_high             2.1 
_reflns_shell.d_res_low              2.2 
_reflns_shell.percent_possible_all   87.5 
_reflns_shell.Rmerge_I_obs           0.062 
_reflns_shell.pdbx_Rsym_value        ? 
_reflns_shell.meanI_over_sigI_obs    16.8 
_reflns_shell.pdbx_redundancy        ? 
_reflns_shell.percent_possible_obs   ? 
_reflns_shell.number_unique_all      1520 
_reflns_shell.number_measured_all    ? 
_reflns_shell.number_measured_obs    ? 
_reflns_shell.number_unique_obs      ? 
_reflns_shell.pdbx_chi_squared       ? 
_reflns_shell.pdbx_diffrn_id         ? 
_reflns_shell.pdbx_ordinal           1 
# 
_refine.entry_id                                 1TA0 
_refine.ls_d_res_high                            2.1 
_refine.ls_d_res_low                             20 
_refine.pdbx_ls_sigma_F                          0 
_refine.pdbx_ls_sigma_I                          0 
_refine.ls_number_reflns_all                     13642 
_refine.ls_number_reflns_obs                     13356 
_refine.ls_number_reflns_R_free                  647 
_refine.ls_percent_reflns_obs                    97.7 
_refine.ls_R_factor_all                          ? 
_refine.ls_R_factor_obs                          ? 
_refine.ls_R_factor_R_work                       0.207 
_refine.ls_R_factor_R_free                       0.227 
_refine.ls_redundancy_reflns_obs                 ? 
_refine.pdbx_data_cutoff_high_absF               ? 
_refine.pdbx_data_cutoff_low_absF                ? 
_refine.ls_number_parameters                     ? 
_refine.ls_number_restraints                     ? 
_refine.ls_percent_reflns_R_free                 ? 
_refine.ls_R_factor_R_free_error                 ? 
_refine.ls_R_factor_R_free_error_details         ? 
_refine.pdbx_method_to_determine_struct          'MOLECULAR REPLACEMENT' 
_refine.pdbx_starting_model                      ? 
_refine.pdbx_ls_cross_valid_method               ? 
_refine.pdbx_R_Free_selection_details            random 
_refine.pdbx_stereochem_target_val_spec_case     ? 
_refine.pdbx_stereochemistry_target_values       'Engh & Huber' 
_refine.solvent_model_details                    ? 
_refine.solvent_model_param_bsol                 ? 
_refine.solvent_model_param_ksol                 ? 
_refine.occupancy_max                            ? 
_refine.occupancy_min                            ? 
_refine.pdbx_isotropic_thermal_model             ? 
_refine.B_iso_mean                               ? 
_refine.aniso_B[1][1]                            ? 
_refine.aniso_B[1][2]                            ? 
_refine.aniso_B[1][3]                            ? 
_refine.aniso_B[2][2]                            ? 
_refine.aniso_B[2][3]                            ? 
_refine.aniso_B[3][3]                            ? 
_refine.details                                  ? 
_refine.B_iso_min                                ? 
_refine.B_iso_max                                ? 
_refine.correlation_coeff_Fo_to_Fc               ? 
_refine.correlation_coeff_Fo_to_Fc_free          ? 
_refine.pdbx_solvent_vdw_probe_radii             ? 
_refine.pdbx_solvent_ion_probe_radii             ? 
_refine.pdbx_solvent_shrinkage_radii             ? 
_refine.overall_SU_R_Cruickshank_DPI             ? 
_refine.overall_SU_R_free                        ? 
_refine.overall_SU_B                             ? 
_refine.overall_SU_ML                            ? 
_refine.pdbx_overall_ESU_R                       ? 
_refine.pdbx_overall_ESU_R_Free                  ? 
_refine.pdbx_data_cutoff_high_rms_absF           ? 
_refine.ls_wR_factor_R_free                      ? 
_refine.ls_wR_factor_R_work                      ? 
_refine.overall_FOM_free_R_set                   ? 
_refine.overall_FOM_work_R_set                   ? 
_refine.pdbx_refine_id                           'X-RAY DIFFRACTION' 
_refine.pdbx_diffrn_id                           1 
_refine.pdbx_TLS_residual_ADP_flag               ? 
_refine.pdbx_overall_phase_error                 ? 
_refine.pdbx_overall_SU_R_free_Cruickshank_DPI   ? 
_refine.pdbx_overall_SU_R_Blow_DPI               ? 
_refine.pdbx_overall_SU_R_free_Blow_DPI          ? 
# 
_refine_hist.pdbx_refine_id                   'X-RAY DIFFRACTION' 
_refine_hist.cycle_id                         LAST 
_refine_hist.pdbx_number_atoms_protein        1475 
_refine_hist.pdbx_number_atoms_nucleic_acid   0 
_refine_hist.pdbx_number_atoms_ligand         14 
_refine_hist.number_atoms_solvent             148 
_refine_hist.number_atoms_total               1637 
_refine_hist.d_res_high                       2.1 
_refine_hist.d_res_low                        20 
# 
loop_
_refine_ls_restr.type 
_refine_ls_restr.dev_ideal 
_refine_ls_restr.dev_ideal_target 
_refine_ls_restr.weight 
_refine_ls_restr.number 
_refine_ls_restr.pdbx_refine_id 
_refine_ls_restr.pdbx_restraint_function 
c_bond_d  0.006 ? ? ? 'X-RAY DIFFRACTION' ? 
c_angle_d 1.25  ? ? ? 'X-RAY DIFFRACTION' ? 
# 
_refine_ls_shell.pdbx_total_number_of_bins_used   ? 
_refine_ls_shell.d_res_high                       2.1 
_refine_ls_shell.d_res_low                        2.16 
_refine_ls_shell.number_reflns_R_work             ? 
_refine_ls_shell.R_factor_R_work                  0.188 
_refine_ls_shell.percent_reflns_obs               ? 
_refine_ls_shell.R_factor_R_free                  0.212 
_refine_ls_shell.R_factor_R_free_error            ? 
_refine_ls_shell.percent_reflns_R_free            ? 
_refine_ls_shell.number_reflns_R_free             45 
_refine_ls_shell.number_reflns_obs                895 
_refine_ls_shell.redundancy_reflns_obs            ? 
_refine_ls_shell.number_reflns_all                ? 
_refine_ls_shell.pdbx_refine_id                   'X-RAY DIFFRACTION' 
_refine_ls_shell.R_factor_all                     ? 
# 
_struct.entry_id                  1TA0 
_struct.title                     'Three-dimensional structure of a RNA-polymerase II binding protein with associated ligand.' 
_struct.pdbx_model_details        ? 
_struct.pdbx_CASP_flag            ? 
_struct.pdbx_model_type_details   ? 
# 
_struct_keywords.entry_id        1TA0 
_struct_keywords.pdbx_keywords   HYDROLASE 
_struct_keywords.text            'alpha-beta protein, HYDROLASE' 
# 
loop_
_struct_asym.id 
_struct_asym.pdbx_blank_PDB_chainid_flag 
_struct_asym.pdbx_modified 
_struct_asym.entity_id 
_struct_asym.details 
A N N 1 ? 
B N N 2 ? 
C N N 3 ? 
D N N 4 ? 
# 
_struct_ref.id                         1 
_struct_ref.db_name                    UNP 
_struct_ref.db_code                    CTDS1_HUMAN 
_struct_ref.pdbx_db_accession          Q9GZU7 
_struct_ref.entity_id                  1 
_struct_ref.pdbx_seq_one_letter_code   
;QYLLPEAKAQDSDKICVVIDLDETLVHSSFKPVNNADFIIPVEIDGVVHQVYVLKRPHVDEFLQRMGELFECVLFTASLA
KYADPVADLLDKWGAFRARLFRESCVFHRGNYVKDLSRLGRDLRRVLILDNSPASYVFHPDNAVPVASWFDNMSDTELHD
LLPFFEQLSRVDDVYSVLRQPRPGS
;
_struct_ref.pdbx_align_begin           77 
_struct_ref.pdbx_db_isoform            ? 
# 
_struct_ref_seq.align_id                      1 
_struct_ref_seq.ref_id                        1 
_struct_ref_seq.pdbx_PDB_id_code              1TA0 
_struct_ref_seq.pdbx_strand_id                A 
_struct_ref_seq.seq_align_beg                 2 
_struct_ref_seq.pdbx_seq_align_beg_ins_code   ? 
_struct_ref_seq.seq_align_end                 186 
_struct_ref_seq.pdbx_seq_align_end_ins_code   ? 
_struct_ref_seq.pdbx_db_accession             Q9GZU7 
_struct_ref_seq.db_align_beg                  77 
_struct_ref_seq.pdbx_db_align_beg_ins_code    ? 
_struct_ref_seq.db_align_end                  261 
_struct_ref_seq.pdbx_db_align_end_ins_code    ? 
_struct_ref_seq.pdbx_auth_seq_align_beg       77 
_struct_ref_seq.pdbx_auth_seq_align_end       261 
# 
loop_
_struct_ref_seq_dif.align_id 
_struct_ref_seq_dif.pdbx_pdb_id_code 
_struct_ref_seq_dif.mon_id 
_struct_ref_seq_dif.pdbx_pdb_strand_id 
_struct_ref_seq_dif.seq_num 
_struct_ref_seq_dif.pdbx_pdb_ins_code 
_struct_ref_seq_dif.pdbx_seq_db_name 
_struct_ref_seq_dif.pdbx_seq_db_accession_code 
_struct_ref_seq_dif.db_mon_id 
_struct_ref_seq_dif.pdbx_seq_db_seq_num 
_struct_ref_seq_dif.details 
_struct_ref_seq_dif.pdbx_auth_seq_num 
_struct_ref_seq_dif.pdbx_ordinal 
1 1TA0 MET A 1   ? UNP Q9GZU7 ?   ?  'cloning artifact' 76  1  
1 1TA0 BFD A 21  ? UNP Q9GZU7 ASP 96 'modified residue' 96  2  
1 1TA0 ALA A 187 ? UNP Q9GZU7 ?   ?  'cloning artifact' 262 3  
1 1TA0 ALA A 188 ? UNP Q9GZU7 ?   ?  'cloning artifact' 263 4  
1 1TA0 ALA A 189 ? UNP Q9GZU7 ?   ?  'cloning artifact' 264 5  
1 1TA0 LEU A 190 ? UNP Q9GZU7 ?   ?  'cloning artifact' 265 6  
1 1TA0 GLU A 191 ? UNP Q9GZU7 ?   ?  'cloning artifact' 266 7  
1 1TA0 HIS A 192 ? UNP Q9GZU7 ?   ?  'expression tag'   267 8  
1 1TA0 HIS A 193 ? UNP Q9GZU7 ?   ?  'expression tag'   268 9  
1 1TA0 HIS A 194 ? UNP Q9GZU7 ?   ?  'expression tag'   269 10 
1 1TA0 HIS A 195 ? UNP Q9GZU7 ?   ?  'expression tag'   270 11 
1 1TA0 HIS A 196 ? UNP Q9GZU7 ?   ?  'expression tag'   271 12 
1 1TA0 HIS A 197 ? UNP Q9GZU7 ?   ?  'expression tag'   272 13 
# 
_pdbx_struct_assembly.id                   1 
_pdbx_struct_assembly.details              author_defined_assembly 
_pdbx_struct_assembly.method_details       ? 
_pdbx_struct_assembly.oligomeric_details   monomeric 
_pdbx_struct_assembly.oligomeric_count     1 
# 
_pdbx_struct_assembly_gen.assembly_id       1 
_pdbx_struct_assembly_gen.oper_expression   1 
_pdbx_struct_assembly_gen.asym_id_list      A,B,C,D 
# 
_pdbx_struct_oper_list.id                   1 
_pdbx_struct_oper_list.type                 'identity operation' 
_pdbx_struct_oper_list.name                 1_555 
_pdbx_struct_oper_list.symmetry_operation   x,y,z 
_pdbx_struct_oper_list.matrix[1][1]         1.0000000000 
_pdbx_struct_oper_list.matrix[1][2]         0.0000000000 
_pdbx_struct_oper_list.matrix[1][3]         0.0000000000 
_pdbx_struct_oper_list.vector[1]            0.0000000000 
_pdbx_struct_oper_list.matrix[2][1]         0.0000000000 
_pdbx_struct_oper_list.matrix[2][2]         1.0000000000 
_pdbx_struct_oper_list.matrix[2][3]         0.0000000000 
_pdbx_struct_oper_list.vector[2]            0.0000000000 
_pdbx_struct_oper_list.matrix[3][1]         0.0000000000 
_pdbx_struct_oper_list.matrix[3][2]         0.0000000000 
_pdbx_struct_oper_list.matrix[3][3]         1.0000000000 
_pdbx_struct_oper_list.vector[3]            0.0000000000 
# 
_struct_biol.id                    1 
_struct_biol.pdbx_parent_biol_id   ? 
_struct_biol.details               ? 
# 
loop_
_struct_conf.conf_type_id 
_struct_conf.id 
_struct_conf.pdbx_PDB_helix_id 
_struct_conf.beg_label_comp_id 
_struct_conf.beg_label_asym_id 
_struct_conf.beg_label_seq_id 
_struct_conf.pdbx_beg_PDB_ins_code 
_struct_conf.end_label_comp_id 
_struct_conf.end_label_asym_id 
_struct_conf.end_label_seq_id 
_struct_conf.pdbx_end_PDB_ins_code 
_struct_conf.beg_auth_comp_id 
_struct_conf.beg_auth_asym_id 
_struct_conf.beg_auth_seq_id 
_struct_conf.end_auth_comp_id 
_struct_conf.end_auth_asym_id 
_struct_conf.end_auth_seq_id 
_struct_conf.pdbx_PDB_helix_class 
_struct_conf.details 
_struct_conf.pdbx_PDB_helix_length 
HELX_P HELX_P1  1  LYS A 9   ? SER A 13  ? LYS A 84  SER A 88  5 ? 5  
HELX_P HELX_P2  2  HIS A 59  ? PHE A 71  ? HIS A 134 PHE A 146 1 ? 13 
HELX_P HELX_P3  3  LEU A 80  ? ASP A 92  ? LEU A 155 ASP A 167 1 ? 13 
HELX_P HELX_P4  4  PHE A 102 ? CYS A 106 ? PHE A 177 CYS A 181 5 ? 5  
HELX_P HELX_P5  5  ASP A 116 ? LEU A 120 ? ASP A 191 LEU A 195 5 ? 5  
HELX_P HELX_P6  6  ASP A 123 ? ARG A 125 ? ASP A 198 ARG A 200 5 ? 3  
HELX_P HELX_P7  7  SER A 133 ? VAL A 138 ? SER A 208 VAL A 213 5 ? 6  
HELX_P HELX_P8  8  HIS A 140 ? ALA A 144 ? HIS A 215 ALA A 219 5 ? 5  
HELX_P HELX_P9  9  THR A 157 ? SER A 170 ? THR A 232 SER A 245 1 ? 14 
HELX_P HELX_P10 10 ASP A 174 ? ARG A 180 ? ASP A 249 ARG A 255 1 ? 7  
# 
_struct_conf_type.id          HELX_P 
_struct_conf_type.criteria    ? 
_struct_conf_type.reference   ? 
# 
loop_
_struct_conn.id 
_struct_conn.conn_type_id 
_struct_conn.pdbx_leaving_atom_flag 
_struct_conn.pdbx_PDB_id 
_struct_conn.ptnr1_label_asym_id 
_struct_conn.ptnr1_label_comp_id 
_struct_conn.ptnr1_label_seq_id 
_struct_conn.ptnr1_label_atom_id 
_struct_conn.pdbx_ptnr1_label_alt_id 
_struct_conn.pdbx_ptnr1_PDB_ins_code 
_struct_conn.pdbx_ptnr1_standard_comp_id 
_struct_conn.ptnr1_symmetry 
_struct_conn.ptnr2_label_asym_id 
_struct_conn.ptnr2_label_comp_id 
_struct_conn.ptnr2_label_seq_id 
_struct_conn.ptnr2_label_atom_id 
_struct_conn.pdbx_ptnr2_label_alt_id 
_struct_conn.pdbx_ptnr2_PDB_ins_code 
_struct_conn.ptnr1_auth_asym_id 
_struct_conn.ptnr1_auth_comp_id 
_struct_conn.ptnr1_auth_seq_id 
_struct_conn.ptnr2_auth_asym_id 
_struct_conn.ptnr2_auth_comp_id 
_struct_conn.ptnr2_auth_seq_id 
_struct_conn.ptnr2_symmetry 
_struct_conn.pdbx_ptnr3_label_atom_id 
_struct_conn.pdbx_ptnr3_label_seq_id 
_struct_conn.pdbx_ptnr3_label_comp_id 
_struct_conn.pdbx_ptnr3_label_asym_id 
_struct_conn.pdbx_ptnr3_label_alt_id 
_struct_conn.pdbx_ptnr3_PDB_ins_code 
_struct_conn.details 
_struct_conn.pdbx_dist_value 
_struct_conn.pdbx_value_order 
_struct_conn.pdbx_role 
covale1 covale both ? A ILE 20  C   ? ? ? 1_555 A BFD 21 N  ? ? A ILE 95  A BFD 96  1_555 ? ? ? ? ? ? ? 1.330 ? ? 
covale2 covale both ? A BFD 21  C   ? ? ? 1_555 A LEU 22 N  ? ? A BFD 96  A LEU 97  1_555 ? ? ? ? ? ? ? 1.331 ? ? 
metalc1 metalc ?    ? A BFD 21  OD2 ? ? ? 1_555 B MG  .  MG ? ? A BFD 96  A MG  273 1_555 ? ? ? ? ? ? ? 2.284 ? ? 
metalc2 metalc ?    ? A BFD 21  F2  ? ? ? 1_555 B MG  .  MG ? ? A BFD 96  A MG  273 1_555 ? ? ? ? ? ? ? 2.134 ? ? 
metalc3 metalc ?    ? A ASP 23  O   ? ? ? 1_555 B MG  .  MG ? ? A ASP 98  A MG  273 1_555 ? ? ? ? ? ? ? 2.115 ? ? 
metalc4 metalc ?    ? A ASN 132 OD1 ? ? ? 1_555 B MG  .  MG ? ? A ASN 207 A MG  273 1_555 ? ? ? ? ? ? ? 2.303 ? ? 
metalc5 metalc ?    ? B MG  .   MG  ? ? ? 1_555 D HOH .  O  ? ? A MG  273 A HOH 290 1_555 ? ? ? ? ? ? ? 2.544 ? ? 
metalc6 metalc ?    ? B MG  .   MG  ? ? ? 1_555 D HOH .  O  ? ? A MG  273 A HOH 380 1_555 ? ? ? ? ? ? ? 2.437 ? ? 
# 
loop_
_struct_conn_type.id 
_struct_conn_type.criteria 
_struct_conn_type.reference 
covale ? ? 
metalc ? ? 
# 
loop_
_pdbx_struct_conn_angle.id 
_pdbx_struct_conn_angle.ptnr1_label_atom_id 
_pdbx_struct_conn_angle.ptnr1_label_alt_id 
_pdbx_struct_conn_angle.ptnr1_label_asym_id 
_pdbx_struct_conn_angle.ptnr1_label_comp_id 
_pdbx_struct_conn_angle.ptnr1_label_seq_id 
_pdbx_struct_conn_angle.ptnr1_auth_atom_id 
_pdbx_struct_conn_angle.ptnr1_auth_asym_id 
_pdbx_struct_conn_angle.ptnr1_auth_comp_id 
_pdbx_struct_conn_angle.ptnr1_auth_seq_id 
_pdbx_struct_conn_angle.ptnr1_PDB_ins_code 
_pdbx_struct_conn_angle.ptnr1_symmetry 
_pdbx_struct_conn_angle.ptnr2_label_atom_id 
_pdbx_struct_conn_angle.ptnr2_label_alt_id 
_pdbx_struct_conn_angle.ptnr2_label_asym_id 
_pdbx_struct_conn_angle.ptnr2_label_comp_id 
_pdbx_struct_conn_angle.ptnr2_label_seq_id 
_pdbx_struct_conn_angle.ptnr2_auth_atom_id 
_pdbx_struct_conn_angle.ptnr2_auth_asym_id 
_pdbx_struct_conn_angle.ptnr2_auth_comp_id 
_pdbx_struct_conn_angle.ptnr2_auth_seq_id 
_pdbx_struct_conn_angle.ptnr2_PDB_ins_code 
_pdbx_struct_conn_angle.ptnr2_symmetry 
_pdbx_struct_conn_angle.ptnr3_label_atom_id 
_pdbx_struct_conn_angle.ptnr3_label_alt_id 
_pdbx_struct_conn_angle.ptnr3_label_asym_id 
_pdbx_struct_conn_angle.ptnr3_label_comp_id 
_pdbx_struct_conn_angle.ptnr3_label_seq_id 
_pdbx_struct_conn_angle.ptnr3_auth_atom_id 
_pdbx_struct_conn_angle.ptnr3_auth_asym_id 
_pdbx_struct_conn_angle.ptnr3_auth_comp_id 
_pdbx_struct_conn_angle.ptnr3_auth_seq_id 
_pdbx_struct_conn_angle.ptnr3_PDB_ins_code 
_pdbx_struct_conn_angle.ptnr3_symmetry 
_pdbx_struct_conn_angle.value 
_pdbx_struct_conn_angle.value_esd 
1  OD2 ? A BFD 21  ? A BFD 96  ? 1_555 MG ? B MG . ? A MG 273 ? 1_555 F2  ? A BFD 21  ? A BFD 96  ? 1_555 78.8  ? 
2  OD2 ? A BFD 21  ? A BFD 96  ? 1_555 MG ? B MG . ? A MG 273 ? 1_555 O   ? A ASP 23  ? A ASP 98  ? 1_555 83.8  ? 
3  F2  ? A BFD 21  ? A BFD 96  ? 1_555 MG ? B MG . ? A MG 273 ? 1_555 O   ? A ASP 23  ? A ASP 98  ? 1_555 99.3  ? 
4  OD2 ? A BFD 21  ? A BFD 96  ? 1_555 MG ? B MG . ? A MG 273 ? 1_555 OD1 ? A ASN 132 ? A ASN 207 ? 1_555 78.9  ? 
5  F2  ? A BFD 21  ? A BFD 96  ? 1_555 MG ? B MG . ? A MG 273 ? 1_555 OD1 ? A ASN 132 ? A ASN 207 ? 1_555 153.8 ? 
6  O   ? A ASP 23  ? A ASP 98  ? 1_555 MG ? B MG . ? A MG 273 ? 1_555 OD1 ? A ASN 132 ? A ASN 207 ? 1_555 91.9  ? 
7  OD2 ? A BFD 21  ? A BFD 96  ? 1_555 MG ? B MG . ? A MG 273 ? 1_555 O   ? D HOH .   ? A HOH 290 ? 1_555 91.1  ? 
8  F2  ? A BFD 21  ? A BFD 96  ? 1_555 MG ? B MG . ? A MG 273 ? 1_555 O   ? D HOH .   ? A HOH 290 ? 1_555 80.1  ? 
9  O   ? A ASP 23  ? A ASP 98  ? 1_555 MG ? B MG . ? A MG 273 ? 1_555 O   ? D HOH .   ? A HOH 290 ? 1_555 174.9 ? 
10 OD1 ? A ASN 132 ? A ASN 207 ? 1_555 MG ? B MG . ? A MG 273 ? 1_555 O   ? D HOH .   ? A HOH 290 ? 1_555 86.7  ? 
11 OD2 ? A BFD 21  ? A BFD 96  ? 1_555 MG ? B MG . ? A MG 273 ? 1_555 O   ? D HOH .   ? A HOH 380 ? 1_555 163.5 ? 
12 F2  ? A BFD 21  ? A BFD 96  ? 1_555 MG ? B MG . ? A MG 273 ? 1_555 O   ? D HOH .   ? A HOH 380 ? 1_555 117.0 ? 
13 O   ? A ASP 23  ? A ASP 98  ? 1_555 MG ? B MG . ? A MG 273 ? 1_555 O   ? D HOH .   ? A HOH 380 ? 1_555 88.7  ? 
14 OD1 ? A ASN 132 ? A ASN 207 ? 1_555 MG ? B MG . ? A MG 273 ? 1_555 O   ? D HOH .   ? A HOH 380 ? 1_555 86.7  ? 
15 O   ? D HOH .   ? A HOH 290 ? 1_555 MG ? B MG . ? A MG 273 ? 1_555 O   ? D HOH .   ? A HOH 380 ? 1_555 96.1  ? 
# 
_pdbx_modification_feature.ordinal                            1 
_pdbx_modification_feature.label_comp_id                      BFD 
_pdbx_modification_feature.label_asym_id                      A 
_pdbx_modification_feature.label_seq_id                       21 
_pdbx_modification_feature.label_alt_id                       ? 
_pdbx_modification_feature.modified_residue_label_comp_id     . 
_pdbx_modification_feature.modified_residue_label_asym_id     . 
_pdbx_modification_feature.modified_residue_label_seq_id      . 
_pdbx_modification_feature.modified_residue_label_alt_id      . 
_pdbx_modification_feature.auth_comp_id                       BFD 
_pdbx_modification_feature.auth_asym_id                       A 
_pdbx_modification_feature.auth_seq_id                        96 
_pdbx_modification_feature.PDB_ins_code                       ? 
_pdbx_modification_feature.symmetry                           1_555 
_pdbx_modification_feature.modified_residue_auth_comp_id      . 
_pdbx_modification_feature.modified_residue_auth_asym_id      . 
_pdbx_modification_feature.modified_residue_auth_seq_id       . 
_pdbx_modification_feature.modified_residue_PDB_ins_code      . 
_pdbx_modification_feature.modified_residue_symmetry          . 
_pdbx_modification_feature.comp_id_linking_atom               . 
_pdbx_modification_feature.modified_residue_id_linking_atom   . 
_pdbx_modification_feature.modified_residue_id                ASP 
_pdbx_modification_feature.ref_pcm_id                         1 
_pdbx_modification_feature.ref_comp_id                        BFD 
_pdbx_modification_feature.type                               None 
_pdbx_modification_feature.category                           'Non-standard residue' 
# 
loop_
_struct_sheet.id 
_struct_sheet.type 
_struct_sheet.number_strands 
_struct_sheet.details 
A ? 4 ? 
B ? 3 ? 
C ? 2 ? 
# 
loop_
_struct_sheet_order.sheet_id 
_struct_sheet_order.range_id_1 
_struct_sheet_order.range_id_2 
_struct_sheet_order.offset 
_struct_sheet_order.sense 
A 1 2 ? parallel      
A 2 3 ? parallel      
A 3 4 ? parallel      
B 1 2 ? anti-parallel 
B 2 3 ? anti-parallel 
C 1 2 ? anti-parallel 
# 
loop_
_struct_sheet_range.sheet_id 
_struct_sheet_range.id 
_struct_sheet_range.beg_label_comp_id 
_struct_sheet_range.beg_label_asym_id 
_struct_sheet_range.beg_label_seq_id 
_struct_sheet_range.pdbx_beg_PDB_ins_code 
_struct_sheet_range.end_label_comp_id 
_struct_sheet_range.end_label_asym_id 
_struct_sheet_range.end_label_seq_id 
_struct_sheet_range.pdbx_end_PDB_ins_code 
_struct_sheet_range.beg_auth_comp_id 
_struct_sheet_range.beg_auth_asym_id 
_struct_sheet_range.beg_auth_seq_id 
_struct_sheet_range.end_auth_comp_id 
_struct_sheet_range.end_auth_asym_id 
_struct_sheet_range.end_auth_seq_id 
A 1 PHE A 97  ? LEU A 101 ? PHE A 172 LEU A 176 
A 2 GLU A 72  ? PHE A 76  ? GLU A 147 PHE A 151 
A 3 CYS A 17  ? ILE A 20  ? CYS A 92  ILE A 95  
A 4 VAL A 127 ? LEU A 130 ? VAL A 202 LEU A 205 
B 1 VAL A 27  ? SER A 30  ? VAL A 102 SER A 105 
B 2 VAL A 48  ? LYS A 56  ? VAL A 123 LYS A 131 
B 3 PHE A 39  ? ILE A 45  ? PHE A 114 ILE A 120 
C 1 VAL A 107 ? HIS A 109 ? VAL A 182 HIS A 184 
C 2 ASN A 112 ? VAL A 114 ? ASN A 187 VAL A 189 
# 
loop_
_pdbx_struct_sheet_hbond.sheet_id 
_pdbx_struct_sheet_hbond.range_id_1 
_pdbx_struct_sheet_hbond.range_id_2 
_pdbx_struct_sheet_hbond.range_1_label_atom_id 
_pdbx_struct_sheet_hbond.range_1_label_comp_id 
_pdbx_struct_sheet_hbond.range_1_label_asym_id 
_pdbx_struct_sheet_hbond.range_1_label_seq_id 
_pdbx_struct_sheet_hbond.range_1_PDB_ins_code 
_pdbx_struct_sheet_hbond.range_1_auth_atom_id 
_pdbx_struct_sheet_hbond.range_1_auth_comp_id 
_pdbx_struct_sheet_hbond.range_1_auth_asym_id 
_pdbx_struct_sheet_hbond.range_1_auth_seq_id 
_pdbx_struct_sheet_hbond.range_2_label_atom_id 
_pdbx_struct_sheet_hbond.range_2_label_comp_id 
_pdbx_struct_sheet_hbond.range_2_label_asym_id 
_pdbx_struct_sheet_hbond.range_2_label_seq_id 
_pdbx_struct_sheet_hbond.range_2_PDB_ins_code 
_pdbx_struct_sheet_hbond.range_2_auth_atom_id 
_pdbx_struct_sheet_hbond.range_2_auth_comp_id 
_pdbx_struct_sheet_hbond.range_2_auth_asym_id 
_pdbx_struct_sheet_hbond.range_2_auth_seq_id 
A 1 2 O LEU A 101 ? O LEU A 176 N LEU A 75  ? N LEU A 150 
A 2 3 O VAL A 74  ? O VAL A 149 N ILE A 20  ? N ILE A 95  
A 3 4 N VAL A 19  ? N VAL A 94  O LEU A 130 ? O LEU A 205 
B 1 2 N SER A 30  ? N SER A 105 O TYR A 53  ? O TYR A 128 
B 2 3 O VAL A 54  ? O VAL A 129 N PHE A 39  ? N PHE A 114 
C 1 2 N VAL A 107 ? N VAL A 182 O VAL A 114 ? O VAL A 189 
# 
loop_
_struct_site.id 
_struct_site.pdbx_evidence_code 
_struct_site.pdbx_auth_asym_id 
_struct_site.pdbx_auth_comp_id 
_struct_site.pdbx_auth_seq_id 
_struct_site.pdbx_auth_ins_code 
_struct_site.pdbx_num_residues 
_struct_site.details 
AC1 Software A MG  273 ? 5 'BINDING SITE FOR RESIDUE MG A 273'  
AC2 Software A CIT 274 ? 6 'BINDING SITE FOR RESIDUE CIT A 274' 
# 
loop_
_struct_site_gen.id 
_struct_site_gen.site_id 
_struct_site_gen.pdbx_num_res 
_struct_site_gen.label_comp_id 
_struct_site_gen.label_asym_id 
_struct_site_gen.label_seq_id 
_struct_site_gen.pdbx_auth_ins_code 
_struct_site_gen.auth_comp_id 
_struct_site_gen.auth_asym_id 
_struct_site_gen.auth_seq_id 
_struct_site_gen.label_atom_id 
_struct_site_gen.label_alt_id 
_struct_site_gen.symmetry 
_struct_site_gen.details 
1  AC1 5 BFD A 21  ? BFD A 96  . ? 1_555 ? 
2  AC1 5 ASP A 23  ? ASP A 98  . ? 1_555 ? 
3  AC1 5 ASN A 132 ? ASN A 207 . ? 1_555 ? 
4  AC1 5 HOH D .   ? HOH A 290 . ? 1_555 ? 
5  AC1 5 HOH D .   ? HOH A 380 . ? 1_555 ? 
6  AC2 6 SER A 30  ? SER A 105 . ? 1_555 ? 
7  AC2 6 PHE A 31  ? PHE A 106 . ? 1_555 ? 
8  AC2 6 ILE A 45  ? ILE A 120 . ? 1_555 ? 
9  AC2 6 TYR A 83  ? TYR A 158 . ? 1_555 ? 
10 AC2 6 HOH D .   ? HOH A 329 . ? 1_555 ? 
11 AC2 6 HOH D .   ? HOH A 374 . ? 1_555 ? 
# 
_pdbx_entry_details.entry_id                   1TA0 
_pdbx_entry_details.compound_details           ? 
_pdbx_entry_details.source_details             ? 
_pdbx_entry_details.nonpolymer_details         ? 
_pdbx_entry_details.sequence_details           ? 
_pdbx_entry_details.has_ligand_of_interest     ? 
_pdbx_entry_details.has_protein_modification   Y 
# 
_pdbx_validate_rmsd_angle.id                         1 
_pdbx_validate_rmsd_angle.PDB_model_num              1 
_pdbx_validate_rmsd_angle.auth_atom_id_1             N 
_pdbx_validate_rmsd_angle.auth_asym_id_1             A 
_pdbx_validate_rmsd_angle.auth_comp_id_1             ARG 
_pdbx_validate_rmsd_angle.auth_seq_id_1              255 
_pdbx_validate_rmsd_angle.PDB_ins_code_1             ? 
_pdbx_validate_rmsd_angle.label_alt_id_1             ? 
_pdbx_validate_rmsd_angle.auth_atom_id_2             CA 
_pdbx_validate_rmsd_angle.auth_asym_id_2             A 
_pdbx_validate_rmsd_angle.auth_comp_id_2             ARG 
_pdbx_validate_rmsd_angle.auth_seq_id_2              255 
_pdbx_validate_rmsd_angle.PDB_ins_code_2             ? 
_pdbx_validate_rmsd_angle.label_alt_id_2             ? 
_pdbx_validate_rmsd_angle.auth_atom_id_3             C 
_pdbx_validate_rmsd_angle.auth_asym_id_3             A 
_pdbx_validate_rmsd_angle.auth_comp_id_3             ARG 
_pdbx_validate_rmsd_angle.auth_seq_id_3              255 
_pdbx_validate_rmsd_angle.PDB_ins_code_3             ? 
_pdbx_validate_rmsd_angle.label_alt_id_3             ? 
_pdbx_validate_rmsd_angle.angle_value                129.22 
_pdbx_validate_rmsd_angle.angle_target_value         111.00 
_pdbx_validate_rmsd_angle.angle_deviation            18.22 
_pdbx_validate_rmsd_angle.angle_standard_deviation   2.70 
_pdbx_validate_rmsd_angle.linker_flag                N 
# 
loop_
_pdbx_validate_torsion.id 
_pdbx_validate_torsion.PDB_model_num 
_pdbx_validate_torsion.auth_comp_id 
_pdbx_validate_torsion.auth_asym_id 
_pdbx_validate_torsion.auth_seq_id 
_pdbx_validate_torsion.PDB_ins_code 
_pdbx_validate_torsion.label_alt_id 
_pdbx_validate_torsion.phi 
_pdbx_validate_torsion.psi 
1 1 LEU A 97  ? ? -99.36  -69.35  
2 1 PHE A 177 ? ? -115.86 -165.50 
3 1 ASP A 227 ? ? -169.99 14.81   
4 1 ARG A 255 ? ? 78.86   57.60   
# 
_pdbx_struct_mod_residue.id               1 
_pdbx_struct_mod_residue.label_asym_id    A 
_pdbx_struct_mod_residue.label_comp_id    BFD 
_pdbx_struct_mod_residue.label_seq_id     21 
_pdbx_struct_mod_residue.auth_asym_id     A 
_pdbx_struct_mod_residue.auth_comp_id     BFD 
_pdbx_struct_mod_residue.auth_seq_id      96 
_pdbx_struct_mod_residue.PDB_ins_code     ? 
_pdbx_struct_mod_residue.parent_comp_id   ASP 
_pdbx_struct_mod_residue.details          'ASPARTATE BERYLLIUM TRIFLUORIDE' 
# 
loop_
_pdbx_unobs_or_zero_occ_residues.id 
_pdbx_unobs_or_zero_occ_residues.PDB_model_num 
_pdbx_unobs_or_zero_occ_residues.polymer_flag 
_pdbx_unobs_or_zero_occ_residues.occupancy_flag 
_pdbx_unobs_or_zero_occ_residues.auth_asym_id 
_pdbx_unobs_or_zero_occ_residues.auth_comp_id 
_pdbx_unobs_or_zero_occ_residues.auth_seq_id 
_pdbx_unobs_or_zero_occ_residues.PDB_ins_code 
_pdbx_unobs_or_zero_occ_residues.label_asym_id 
_pdbx_unobs_or_zero_occ_residues.label_comp_id 
_pdbx_unobs_or_zero_occ_residues.label_seq_id 
1  1 Y 1 A PRO 257 ? A PRO 182 
2  1 Y 1 A ARG 258 ? A ARG 183 
3  1 Y 1 A PRO 259 ? A PRO 184 
4  1 Y 1 A GLY 260 ? A GLY 185 
5  1 Y 1 A SER 261 ? A SER 186 
6  1 Y 1 A ALA 262 ? A ALA 187 
7  1 Y 1 A ALA 263 ? A ALA 188 
8  1 Y 1 A ALA 264 ? A ALA 189 
9  1 Y 1 A LEU 265 ? A LEU 190 
10 1 Y 1 A GLU 266 ? A GLU 191 
11 1 Y 1 A HIS 267 ? A HIS 192 
12 1 Y 1 A HIS 268 ? A HIS 193 
13 1 Y 1 A HIS 269 ? A HIS 194 
14 1 Y 1 A HIS 270 ? A HIS 195 
15 1 Y 1 A HIS 271 ? A HIS 196 
16 1 Y 1 A HIS 272 ? A HIS 197 
# 
loop_
_chem_comp_atom.comp_id 
_chem_comp_atom.atom_id 
_chem_comp_atom.type_symbol 
_chem_comp_atom.pdbx_aromatic_flag 
_chem_comp_atom.pdbx_stereo_config 
_chem_comp_atom.pdbx_ordinal 
ALA N    N  N N 1   
ALA CA   C  N S 2   
ALA C    C  N N 3   
ALA O    O  N N 4   
ALA CB   C  N N 5   
ALA OXT  O  N N 6   
ALA H    H  N N 7   
ALA H2   H  N N 8   
ALA HA   H  N N 9   
ALA HB1  H  N N 10  
ALA HB2  H  N N 11  
ALA HB3  H  N N 12  
ALA HXT  H  N N 13  
ARG N    N  N N 14  
ARG CA   C  N S 15  
ARG C    C  N N 16  
ARG O    O  N N 17  
ARG CB   C  N N 18  
ARG CG   C  N N 19  
ARG CD   C  N N 20  
ARG NE   N  N N 21  
ARG CZ   C  N N 22  
ARG NH1  N  N N 23  
ARG NH2  N  N N 24  
ARG OXT  O  N N 25  
ARG H    H  N N 26  
ARG H2   H  N N 27  
ARG HA   H  N N 28  
ARG HB2  H  N N 29  
ARG HB3  H  N N 30  
ARG HG2  H  N N 31  
ARG HG3  H  N N 32  
ARG HD2  H  N N 33  
ARG HD3  H  N N 34  
ARG HE   H  N N 35  
ARG HH11 H  N N 36  
ARG HH12 H  N N 37  
ARG HH21 H  N N 38  
ARG HH22 H  N N 39  
ARG HXT  H  N N 40  
ASN N    N  N N 41  
ASN CA   C  N S 42  
ASN C    C  N N 43  
ASN O    O  N N 44  
ASN CB   C  N N 45  
ASN CG   C  N N 46  
ASN OD1  O  N N 47  
ASN ND2  N  N N 48  
ASN OXT  O  N N 49  
ASN H    H  N N 50  
ASN H2   H  N N 51  
ASN HA   H  N N 52  
ASN HB2  H  N N 53  
ASN HB3  H  N N 54  
ASN HD21 H  N N 55  
ASN HD22 H  N N 56  
ASN HXT  H  N N 57  
ASP N    N  N N 58  
ASP CA   C  N S 59  
ASP C    C  N N 60  
ASP O    O  N N 61  
ASP CB   C  N N 62  
ASP CG   C  N N 63  
ASP OD1  O  N N 64  
ASP OD2  O  N N 65  
ASP OXT  O  N N 66  
ASP H    H  N N 67  
ASP H2   H  N N 68  
ASP HA   H  N N 69  
ASP HB2  H  N N 70  
ASP HB3  H  N N 71  
ASP HD2  H  N N 72  
ASP HXT  H  N N 73  
BFD N    N  N N 74  
BFD CA   C  N S 75  
BFD C    C  N N 76  
BFD O    O  N N 77  
BFD CB   C  N N 78  
BFD CG   C  N N 79  
BFD OD1  O  N N 80  
BFD OD2  O  N N 81  
BFD OXT  O  N N 82  
BFD BE   BE N N 83  
BFD F1   F  N N 84  
BFD F2   F  N N 85  
BFD F3   F  N N 86  
BFD H    H  N N 87  
BFD H2   H  N N 88  
BFD HA   H  N N 89  
BFD HB2  H  N N 90  
BFD HB3  H  N N 91  
BFD HXT  H  N N 92  
CIT C1   C  N N 93  
CIT O1   O  N N 94  
CIT O2   O  N N 95  
CIT C2   C  N N 96  
CIT C3   C  N N 97  
CIT O7   O  N N 98  
CIT C4   C  N N 99  
CIT C5   C  N N 100 
CIT O3   O  N N 101 
CIT O4   O  N N 102 
CIT C6   C  N N 103 
CIT O5   O  N N 104 
CIT O6   O  N N 105 
CIT HO2  H  N N 106 
CIT H21  H  N N 107 
CIT H22  H  N N 108 
CIT HO7  H  N N 109 
CIT H41  H  N N 110 
CIT H42  H  N N 111 
CIT HO4  H  N N 112 
CIT HO6  H  N N 113 
CYS N    N  N N 114 
CYS CA   C  N R 115 
CYS C    C  N N 116 
CYS O    O  N N 117 
CYS CB   C  N N 118 
CYS SG   S  N N 119 
CYS OXT  O  N N 120 
CYS H    H  N N 121 
CYS H2   H  N N 122 
CYS HA   H  N N 123 
CYS HB2  H  N N 124 
CYS HB3  H  N N 125 
CYS HG   H  N N 126 
CYS HXT  H  N N 127 
GLN N    N  N N 128 
GLN CA   C  N S 129 
GLN C    C  N N 130 
GLN O    O  N N 131 
GLN CB   C  N N 132 
GLN CG   C  N N 133 
GLN CD   C  N N 134 
GLN OE1  O  N N 135 
GLN NE2  N  N N 136 
GLN OXT  O  N N 137 
GLN H    H  N N 138 
GLN H2   H  N N 139 
GLN HA   H  N N 140 
GLN HB2  H  N N 141 
GLN HB3  H  N N 142 
GLN HG2  H  N N 143 
GLN HG3  H  N N 144 
GLN HE21 H  N N 145 
GLN HE22 H  N N 146 
GLN HXT  H  N N 147 
GLU N    N  N N 148 
GLU CA   C  N S 149 
GLU C    C  N N 150 
GLU O    O  N N 151 
GLU CB   C  N N 152 
GLU CG   C  N N 153 
GLU CD   C  N N 154 
GLU OE1  O  N N 155 
GLU OE2  O  N N 156 
GLU OXT  O  N N 157 
GLU H    H  N N 158 
GLU H2   H  N N 159 
GLU HA   H  N N 160 
GLU HB2  H  N N 161 
GLU HB3  H  N N 162 
GLU HG2  H  N N 163 
GLU HG3  H  N N 164 
GLU HE2  H  N N 165 
GLU HXT  H  N N 166 
GLY N    N  N N 167 
GLY CA   C  N N 168 
GLY C    C  N N 169 
GLY O    O  N N 170 
GLY OXT  O  N N 171 
GLY H    H  N N 172 
GLY H2   H  N N 173 
GLY HA2  H  N N 174 
GLY HA3  H  N N 175 
GLY HXT  H  N N 176 
HIS N    N  N N 177 
HIS CA   C  N S 178 
HIS C    C  N N 179 
HIS O    O  N N 180 
HIS CB   C  N N 181 
HIS CG   C  Y N 182 
HIS ND1  N  Y N 183 
HIS CD2  C  Y N 184 
HIS CE1  C  Y N 185 
HIS NE2  N  Y N 186 
HIS OXT  O  N N 187 
HIS H    H  N N 188 
HIS H2   H  N N 189 
HIS HA   H  N N 190 
HIS HB2  H  N N 191 
HIS HB3  H  N N 192 
HIS HD1  H  N N 193 
HIS HD2  H  N N 194 
HIS HE1  H  N N 195 
HIS HE2  H  N N 196 
HIS HXT  H  N N 197 
HOH O    O  N N 198 
HOH H1   H  N N 199 
HOH H2   H  N N 200 
ILE N    N  N N 201 
ILE CA   C  N S 202 
ILE C    C  N N 203 
ILE O    O  N N 204 
ILE CB   C  N S 205 
ILE CG1  C  N N 206 
ILE CG2  C  N N 207 
ILE CD1  C  N N 208 
ILE OXT  O  N N 209 
ILE H    H  N N 210 
ILE H2   H  N N 211 
ILE HA   H  N N 212 
ILE HB   H  N N 213 
ILE HG12 H  N N 214 
ILE HG13 H  N N 215 
ILE HG21 H  N N 216 
ILE HG22 H  N N 217 
ILE HG23 H  N N 218 
ILE HD11 H  N N 219 
ILE HD12 H  N N 220 
ILE HD13 H  N N 221 
ILE HXT  H  N N 222 
LEU N    N  N N 223 
LEU CA   C  N S 224 
LEU C    C  N N 225 
LEU O    O  N N 226 
LEU CB   C  N N 227 
LEU CG   C  N N 228 
LEU CD1  C  N N 229 
LEU CD2  C  N N 230 
LEU OXT  O  N N 231 
LEU H    H  N N 232 
LEU H2   H  N N 233 
LEU HA   H  N N 234 
LEU HB2  H  N N 235 
LEU HB3  H  N N 236 
LEU HG   H  N N 237 
LEU HD11 H  N N 238 
LEU HD12 H  N N 239 
LEU HD13 H  N N 240 
LEU HD21 H  N N 241 
LEU HD22 H  N N 242 
LEU HD23 H  N N 243 
LEU HXT  H  N N 244 
LYS N    N  N N 245 
LYS CA   C  N S 246 
LYS C    C  N N 247 
LYS O    O  N N 248 
LYS CB   C  N N 249 
LYS CG   C  N N 250 
LYS CD   C  N N 251 
LYS CE   C  N N 252 
LYS NZ   N  N N 253 
LYS OXT  O  N N 254 
LYS H    H  N N 255 
LYS H2   H  N N 256 
LYS HA   H  N N 257 
LYS HB2  H  N N 258 
LYS HB3  H  N N 259 
LYS HG2  H  N N 260 
LYS HG3  H  N N 261 
LYS HD2  H  N N 262 
LYS HD3  H  N N 263 
LYS HE2  H  N N 264 
LYS HE3  H  N N 265 
LYS HZ1  H  N N 266 
LYS HZ2  H  N N 267 
LYS HZ3  H  N N 268 
LYS HXT  H  N N 269 
MET N    N  N N 270 
MET CA   C  N S 271 
MET C    C  N N 272 
MET O    O  N N 273 
MET CB   C  N N 274 
MET CG   C  N N 275 
MET SD   S  N N 276 
MET CE   C  N N 277 
MET OXT  O  N N 278 
MET H    H  N N 279 
MET H2   H  N N 280 
MET HA   H  N N 281 
MET HB2  H  N N 282 
MET HB3  H  N N 283 
MET HG2  H  N N 284 
MET HG3  H  N N 285 
MET HE1  H  N N 286 
MET HE2  H  N N 287 
MET HE3  H  N N 288 
MET HXT  H  N N 289 
MG  MG   MG N N 290 
PHE N    N  N N 291 
PHE CA   C  N S 292 
PHE C    C  N N 293 
PHE O    O  N N 294 
PHE CB   C  N N 295 
PHE CG   C  Y N 296 
PHE CD1  C  Y N 297 
PHE CD2  C  Y N 298 
PHE CE1  C  Y N 299 
PHE CE2  C  Y N 300 
PHE CZ   C  Y N 301 
PHE OXT  O  N N 302 
PHE H    H  N N 303 
PHE H2   H  N N 304 
PHE HA   H  N N 305 
PHE HB2  H  N N 306 
PHE HB3  H  N N 307 
PHE HD1  H  N N 308 
PHE HD2  H  N N 309 
PHE HE1  H  N N 310 
PHE HE2  H  N N 311 
PHE HZ   H  N N 312 
PHE HXT  H  N N 313 
PRO N    N  N N 314 
PRO CA   C  N S 315 
PRO C    C  N N 316 
PRO O    O  N N 317 
PRO CB   C  N N 318 
PRO CG   C  N N 319 
PRO CD   C  N N 320 
PRO OXT  O  N N 321 
PRO H    H  N N 322 
PRO HA   H  N N 323 
PRO HB2  H  N N 324 
PRO HB3  H  N N 325 
PRO HG2  H  N N 326 
PRO HG3  H  N N 327 
PRO HD2  H  N N 328 
PRO HD3  H  N N 329 
PRO HXT  H  N N 330 
SER N    N  N N 331 
SER CA   C  N S 332 
SER C    C  N N 333 
SER O    O  N N 334 
SER CB   C  N N 335 
SER OG   O  N N 336 
SER OXT  O  N N 337 
SER H    H  N N 338 
SER H2   H  N N 339 
SER HA   H  N N 340 
SER HB2  H  N N 341 
SER HB3  H  N N 342 
SER HG   H  N N 343 
SER HXT  H  N N 344 
THR N    N  N N 345 
THR CA   C  N S 346 
THR C    C  N N 347 
THR O    O  N N 348 
THR CB   C  N R 349 
THR OG1  O  N N 350 
THR CG2  C  N N 351 
THR OXT  O  N N 352 
THR H    H  N N 353 
THR H2   H  N N 354 
THR HA   H  N N 355 
THR HB   H  N N 356 
THR HG1  H  N N 357 
THR HG21 H  N N 358 
THR HG22 H  N N 359 
THR HG23 H  N N 360 
THR HXT  H  N N 361 
TRP N    N  N N 362 
TRP CA   C  N S 363 
TRP C    C  N N 364 
TRP O    O  N N 365 
TRP CB   C  N N 366 
TRP CG   C  Y N 367 
TRP CD1  C  Y N 368 
TRP CD2  C  Y N 369 
TRP NE1  N  Y N 370 
TRP CE2  C  Y N 371 
TRP CE3  C  Y N 372 
TRP CZ2  C  Y N 373 
TRP CZ3  C  Y N 374 
TRP CH2  C  Y N 375 
TRP OXT  O  N N 376 
TRP H    H  N N 377 
TRP H2   H  N N 378 
TRP HA   H  N N 379 
TRP HB2  H  N N 380 
TRP HB3  H  N N 381 
TRP HD1  H  N N 382 
TRP HE1  H  N N 383 
TRP HE3  H  N N 384 
TRP HZ2  H  N N 385 
TRP HZ3  H  N N 386 
TRP HH2  H  N N 387 
TRP HXT  H  N N 388 
TYR N    N  N N 389 
TYR CA   C  N S 390 
TYR C    C  N N 391 
TYR O    O  N N 392 
TYR CB   C  N N 393 
TYR CG   C  Y N 394 
TYR CD1  C  Y N 395 
TYR CD2  C  Y N 396 
TYR CE1  C  Y N 397 
TYR CE2  C  Y N 398 
TYR CZ   C  Y N 399 
TYR OH   O  N N 400 
TYR OXT  O  N N 401 
TYR H    H  N N 402 
TYR H2   H  N N 403 
TYR HA   H  N N 404 
TYR HB2  H  N N 405 
TYR HB3  H  N N 406 
TYR HD1  H  N N 407 
TYR HD2  H  N N 408 
TYR HE1  H  N N 409 
TYR HE2  H  N N 410 
TYR HH   H  N N 411 
TYR HXT  H  N N 412 
VAL N    N  N N 413 
VAL CA   C  N S 414 
VAL C    C  N N 415 
VAL O    O  N N 416 
VAL CB   C  N N 417 
VAL CG1  C  N N 418 
VAL CG2  C  N N 419 
VAL OXT  O  N N 420 
VAL H    H  N N 421 
VAL H2   H  N N 422 
VAL HA   H  N N 423 
VAL HB   H  N N 424 
VAL HG11 H  N N 425 
VAL HG12 H  N N 426 
VAL HG13 H  N N 427 
VAL HG21 H  N N 428 
VAL HG22 H  N N 429 
VAL HG23 H  N N 430 
VAL HXT  H  N N 431 
# 
loop_
_chem_comp_bond.comp_id 
_chem_comp_bond.atom_id_1 
_chem_comp_bond.atom_id_2 
_chem_comp_bond.value_order 
_chem_comp_bond.pdbx_aromatic_flag 
_chem_comp_bond.pdbx_stereo_config 
_chem_comp_bond.pdbx_ordinal 
ALA N   CA   sing N N 1   
ALA N   H    sing N N 2   
ALA N   H2   sing N N 3   
ALA CA  C    sing N N 4   
ALA CA  CB   sing N N 5   
ALA CA  HA   sing N N 6   
ALA C   O    doub N N 7   
ALA C   OXT  sing N N 8   
ALA CB  HB1  sing N N 9   
ALA CB  HB2  sing N N 10  
ALA CB  HB3  sing N N 11  
ALA OXT HXT  sing N N 12  
ARG N   CA   sing N N 13  
ARG N   H    sing N N 14  
ARG N   H2   sing N N 15  
ARG CA  C    sing N N 16  
ARG CA  CB   sing N N 17  
ARG CA  HA   sing N N 18  
ARG C   O    doub N N 19  
ARG C   OXT  sing N N 20  
ARG CB  CG   sing N N 21  
ARG CB  HB2  sing N N 22  
ARG CB  HB3  sing N N 23  
ARG CG  CD   sing N N 24  
ARG CG  HG2  sing N N 25  
ARG CG  HG3  sing N N 26  
ARG CD  NE   sing N N 27  
ARG CD  HD2  sing N N 28  
ARG CD  HD3  sing N N 29  
ARG NE  CZ   sing N N 30  
ARG NE  HE   sing N N 31  
ARG CZ  NH1  sing N N 32  
ARG CZ  NH2  doub N N 33  
ARG NH1 HH11 sing N N 34  
ARG NH1 HH12 sing N N 35  
ARG NH2 HH21 sing N N 36  
ARG NH2 HH22 sing N N 37  
ARG OXT HXT  sing N N 38  
ASN N   CA   sing N N 39  
ASN N   H    sing N N 40  
ASN N   H2   sing N N 41  
ASN CA  C    sing N N 42  
ASN CA  CB   sing N N 43  
ASN CA  HA   sing N N 44  
ASN C   O    doub N N 45  
ASN C   OXT  sing N N 46  
ASN CB  CG   sing N N 47  
ASN CB  HB2  sing N N 48  
ASN CB  HB3  sing N N 49  
ASN CG  OD1  doub N N 50  
ASN CG  ND2  sing N N 51  
ASN ND2 HD21 sing N N 52  
ASN ND2 HD22 sing N N 53  
ASN OXT HXT  sing N N 54  
ASP N   CA   sing N N 55  
ASP N   H    sing N N 56  
ASP N   H2   sing N N 57  
ASP CA  C    sing N N 58  
ASP CA  CB   sing N N 59  
ASP CA  HA   sing N N 60  
ASP C   O    doub N N 61  
ASP C   OXT  sing N N 62  
ASP CB  CG   sing N N 63  
ASP CB  HB2  sing N N 64  
ASP CB  HB3  sing N N 65  
ASP CG  OD1  doub N N 66  
ASP CG  OD2  sing N N 67  
ASP OD2 HD2  sing N N 68  
ASP OXT HXT  sing N N 69  
BFD N   CA   sing N N 70  
BFD N   H    sing N N 71  
BFD N   H2   sing N N 72  
BFD CA  C    sing N N 73  
BFD CA  CB   sing N N 74  
BFD CA  HA   sing N N 75  
BFD C   O    doub N N 76  
BFD C   OXT  sing N N 77  
BFD CB  CG   sing N N 78  
BFD CB  HB2  sing N N 79  
BFD CB  HB3  sing N N 80  
BFD CG  OD1  sing N N 81  
BFD CG  OD2  doub N N 82  
BFD OD1 BE   sing N N 83  
BFD OXT HXT  sing N N 84  
BFD BE  F1   sing N N 85  
BFD BE  F2   sing N N 86  
BFD BE  F3   sing N N 87  
CIT C1  O1   doub N N 88  
CIT C1  O2   sing N N 89  
CIT C1  C2   sing N N 90  
CIT O2  HO2  sing N N 91  
CIT C2  C3   sing N N 92  
CIT C2  H21  sing N N 93  
CIT C2  H22  sing N N 94  
CIT C3  O7   sing N N 95  
CIT C3  C4   sing N N 96  
CIT C3  C6   sing N N 97  
CIT O7  HO7  sing N N 98  
CIT C4  C5   sing N N 99  
CIT C4  H41  sing N N 100 
CIT C4  H42  sing N N 101 
CIT C5  O3   doub N N 102 
CIT C5  O4   sing N N 103 
CIT O4  HO4  sing N N 104 
CIT C6  O5   doub N N 105 
CIT C6  O6   sing N N 106 
CIT O6  HO6  sing N N 107 
CYS N   CA   sing N N 108 
CYS N   H    sing N N 109 
CYS N   H2   sing N N 110 
CYS CA  C    sing N N 111 
CYS CA  CB   sing N N 112 
CYS CA  HA   sing N N 113 
CYS C   O    doub N N 114 
CYS C   OXT  sing N N 115 
CYS CB  SG   sing N N 116 
CYS CB  HB2  sing N N 117 
CYS CB  HB3  sing N N 118 
CYS SG  HG   sing N N 119 
CYS OXT HXT  sing N N 120 
GLN N   CA   sing N N 121 
GLN N   H    sing N N 122 
GLN N   H2   sing N N 123 
GLN CA  C    sing N N 124 
GLN CA  CB   sing N N 125 
GLN CA  HA   sing N N 126 
GLN C   O    doub N N 127 
GLN C   OXT  sing N N 128 
GLN CB  CG   sing N N 129 
GLN CB  HB2  sing N N 130 
GLN CB  HB3  sing N N 131 
GLN CG  CD   sing N N 132 
GLN CG  HG2  sing N N 133 
GLN CG  HG3  sing N N 134 
GLN CD  OE1  doub N N 135 
GLN CD  NE2  sing N N 136 
GLN NE2 HE21 sing N N 137 
GLN NE2 HE22 sing N N 138 
GLN OXT HXT  sing N N 139 
GLU N   CA   sing N N 140 
GLU N   H    sing N N 141 
GLU N   H2   sing N N 142 
GLU CA  C    sing N N 143 
GLU CA  CB   sing N N 144 
GLU CA  HA   sing N N 145 
GLU C   O    doub N N 146 
GLU C   OXT  sing N N 147 
GLU CB  CG   sing N N 148 
GLU CB  HB2  sing N N 149 
GLU CB  HB3  sing N N 150 
GLU CG  CD   sing N N 151 
GLU CG  HG2  sing N N 152 
GLU CG  HG3  sing N N 153 
GLU CD  OE1  doub N N 154 
GLU CD  OE2  sing N N 155 
GLU OE2 HE2  sing N N 156 
GLU OXT HXT  sing N N 157 
GLY N   CA   sing N N 158 
GLY N   H    sing N N 159 
GLY N   H2   sing N N 160 
GLY CA  C    sing N N 161 
GLY CA  HA2  sing N N 162 
GLY CA  HA3  sing N N 163 
GLY C   O    doub N N 164 
GLY C   OXT  sing N N 165 
GLY OXT HXT  sing N N 166 
HIS N   CA   sing N N 167 
HIS N   H    sing N N 168 
HIS N   H2   sing N N 169 
HIS CA  C    sing N N 170 
HIS CA  CB   sing N N 171 
HIS CA  HA   sing N N 172 
HIS C   O    doub N N 173 
HIS C   OXT  sing N N 174 
HIS CB  CG   sing N N 175 
HIS CB  HB2  sing N N 176 
HIS CB  HB3  sing N N 177 
HIS CG  ND1  sing Y N 178 
HIS CG  CD2  doub Y N 179 
HIS ND1 CE1  doub Y N 180 
HIS ND1 HD1  sing N N 181 
HIS CD2 NE2  sing Y N 182 
HIS CD2 HD2  sing N N 183 
HIS CE1 NE2  sing Y N 184 
HIS CE1 HE1  sing N N 185 
HIS NE2 HE2  sing N N 186 
HIS OXT HXT  sing N N 187 
HOH O   H1   sing N N 188 
HOH O   H2   sing N N 189 
ILE N   CA   sing N N 190 
ILE N   H    sing N N 191 
ILE N   H2   sing N N 192 
ILE CA  C    sing N N 193 
ILE CA  CB   sing N N 194 
ILE CA  HA   sing N N 195 
ILE C   O    doub N N 196 
ILE C   OXT  sing N N 197 
ILE CB  CG1  sing N N 198 
ILE CB  CG2  sing N N 199 
ILE CB  HB   sing N N 200 
ILE CG1 CD1  sing N N 201 
ILE CG1 HG12 sing N N 202 
ILE CG1 HG13 sing N N 203 
ILE CG2 HG21 sing N N 204 
ILE CG2 HG22 sing N N 205 
ILE CG2 HG23 sing N N 206 
ILE CD1 HD11 sing N N 207 
ILE CD1 HD12 sing N N 208 
ILE CD1 HD13 sing N N 209 
ILE OXT HXT  sing N N 210 
LEU N   CA   sing N N 211 
LEU N   H    sing N N 212 
LEU N   H2   sing N N 213 
LEU CA  C    sing N N 214 
LEU CA  CB   sing N N 215 
LEU CA  HA   sing N N 216 
LEU C   O    doub N N 217 
LEU C   OXT  sing N N 218 
LEU CB  CG   sing N N 219 
LEU CB  HB2  sing N N 220 
LEU CB  HB3  sing N N 221 
LEU CG  CD1  sing N N 222 
LEU CG  CD2  sing N N 223 
LEU CG  HG   sing N N 224 
LEU CD1 HD11 sing N N 225 
LEU CD1 HD12 sing N N 226 
LEU CD1 HD13 sing N N 227 
LEU CD2 HD21 sing N N 228 
LEU CD2 HD22 sing N N 229 
LEU CD2 HD23 sing N N 230 
LEU OXT HXT  sing N N 231 
LYS N   CA   sing N N 232 
LYS N   H    sing N N 233 
LYS N   H2   sing N N 234 
LYS CA  C    sing N N 235 
LYS CA  CB   sing N N 236 
LYS CA  HA   sing N N 237 
LYS C   O    doub N N 238 
LYS C   OXT  sing N N 239 
LYS CB  CG   sing N N 240 
LYS CB  HB2  sing N N 241 
LYS CB  HB3  sing N N 242 
LYS CG  CD   sing N N 243 
LYS CG  HG2  sing N N 244 
LYS CG  HG3  sing N N 245 
LYS CD  CE   sing N N 246 
LYS CD  HD2  sing N N 247 
LYS CD  HD3  sing N N 248 
LYS CE  NZ   sing N N 249 
LYS CE  HE2  sing N N 250 
LYS CE  HE3  sing N N 251 
LYS NZ  HZ1  sing N N 252 
LYS NZ  HZ2  sing N N 253 
LYS NZ  HZ3  sing N N 254 
LYS OXT HXT  sing N N 255 
MET N   CA   sing N N 256 
MET N   H    sing N N 257 
MET N   H2   sing N N 258 
MET CA  C    sing N N 259 
MET CA  CB   sing N N 260 
MET CA  HA   sing N N 261 
MET C   O    doub N N 262 
MET C   OXT  sing N N 263 
MET CB  CG   sing N N 264 
MET CB  HB2  sing N N 265 
MET CB  HB3  sing N N 266 
MET CG  SD   sing N N 267 
MET CG  HG2  sing N N 268 
MET CG  HG3  sing N N 269 
MET SD  CE   sing N N 270 
MET CE  HE1  sing N N 271 
MET CE  HE2  sing N N 272 
MET CE  HE3  sing N N 273 
MET OXT HXT  sing N N 274 
PHE N   CA   sing N N 275 
PHE N   H    sing N N 276 
PHE N   H2   sing N N 277 
PHE CA  C    sing N N 278 
PHE CA  CB   sing N N 279 
PHE CA  HA   sing N N 280 
PHE C   O    doub N N 281 
PHE C   OXT  sing N N 282 
PHE CB  CG   sing N N 283 
PHE CB  HB2  sing N N 284 
PHE CB  HB3  sing N N 285 
PHE CG  CD1  doub Y N 286 
PHE CG  CD2  sing Y N 287 
PHE CD1 CE1  sing Y N 288 
PHE CD1 HD1  sing N N 289 
PHE CD2 CE2  doub Y N 290 
PHE CD2 HD2  sing N N 291 
PHE CE1 CZ   doub Y N 292 
PHE CE1 HE1  sing N N 293 
PHE CE2 CZ   sing Y N 294 
PHE CE2 HE2  sing N N 295 
PHE CZ  HZ   sing N N 296 
PHE OXT HXT  sing N N 297 
PRO N   CA   sing N N 298 
PRO N   CD   sing N N 299 
PRO N   H    sing N N 300 
PRO CA  C    sing N N 301 
PRO CA  CB   sing N N 302 
PRO CA  HA   sing N N 303 
PRO C   O    doub N N 304 
PRO C   OXT  sing N N 305 
PRO CB  CG   sing N N 306 
PRO CB  HB2  sing N N 307 
PRO CB  HB3  sing N N 308 
PRO CG  CD   sing N N 309 
PRO CG  HG2  sing N N 310 
PRO CG  HG3  sing N N 311 
PRO CD  HD2  sing N N 312 
PRO CD  HD3  sing N N 313 
PRO OXT HXT  sing N N 314 
SER N   CA   sing N N 315 
SER N   H    sing N N 316 
SER N   H2   sing N N 317 
SER CA  C    sing N N 318 
SER CA  CB   sing N N 319 
SER CA  HA   sing N N 320 
SER C   O    doub N N 321 
SER C   OXT  sing N N 322 
SER CB  OG   sing N N 323 
SER CB  HB2  sing N N 324 
SER CB  HB3  sing N N 325 
SER OG  HG   sing N N 326 
SER OXT HXT  sing N N 327 
THR N   CA   sing N N 328 
THR N   H    sing N N 329 
THR N   H2   sing N N 330 
THR CA  C    sing N N 331 
THR CA  CB   sing N N 332 
THR CA  HA   sing N N 333 
THR C   O    doub N N 334 
THR C   OXT  sing N N 335 
THR CB  OG1  sing N N 336 
THR CB  CG2  sing N N 337 
THR CB  HB   sing N N 338 
THR OG1 HG1  sing N N 339 
THR CG2 HG21 sing N N 340 
THR CG2 HG22 sing N N 341 
THR CG2 HG23 sing N N 342 
THR OXT HXT  sing N N 343 
TRP N   CA   sing N N 344 
TRP N   H    sing N N 345 
TRP N   H2   sing N N 346 
TRP CA  C    sing N N 347 
TRP CA  CB   sing N N 348 
TRP CA  HA   sing N N 349 
TRP C   O    doub N N 350 
TRP C   OXT  sing N N 351 
TRP CB  CG   sing N N 352 
TRP CB  HB2  sing N N 353 
TRP CB  HB3  sing N N 354 
TRP CG  CD1  doub Y N 355 
TRP CG  CD2  sing Y N 356 
TRP CD1 NE1  sing Y N 357 
TRP CD1 HD1  sing N N 358 
TRP CD2 CE2  doub Y N 359 
TRP CD2 CE3  sing Y N 360 
TRP NE1 CE2  sing Y N 361 
TRP NE1 HE1  sing N N 362 
TRP CE2 CZ2  sing Y N 363 
TRP CE3 CZ3  doub Y N 364 
TRP CE3 HE3  sing N N 365 
TRP CZ2 CH2  doub Y N 366 
TRP CZ2 HZ2  sing N N 367 
TRP CZ3 CH2  sing Y N 368 
TRP CZ3 HZ3  sing N N 369 
TRP CH2 HH2  sing N N 370 
TRP OXT HXT  sing N N 371 
TYR N   CA   sing N N 372 
TYR N   H    sing N N 373 
TYR N   H2   sing N N 374 
TYR CA  C    sing N N 375 
TYR CA  CB   sing N N 376 
TYR CA  HA   sing N N 377 
TYR C   O    doub N N 378 
TYR C   OXT  sing N N 379 
TYR CB  CG   sing N N 380 
TYR CB  HB2  sing N N 381 
TYR CB  HB3  sing N N 382 
TYR CG  CD1  doub Y N 383 
TYR CG  CD2  sing Y N 384 
TYR CD1 CE1  sing Y N 385 
TYR CD1 HD1  sing N N 386 
TYR CD2 CE2  doub Y N 387 
TYR CD2 HD2  sing N N 388 
TYR CE1 CZ   doub Y N 389 
TYR CE1 HE1  sing N N 390 
TYR CE2 CZ   sing Y N 391 
TYR CE2 HE2  sing N N 392 
TYR CZ  OH   sing N N 393 
TYR OH  HH   sing N N 394 
TYR OXT HXT  sing N N 395 
VAL N   CA   sing N N 396 
VAL N   H    sing N N 397 
VAL N   H2   sing N N 398 
VAL CA  C    sing N N 399 
VAL CA  CB   sing N N 400 
VAL CA  HA   sing N N 401 
VAL C   O    doub N N 402 
VAL C   OXT  sing N N 403 
VAL CB  CG1  sing N N 404 
VAL CB  CG2  sing N N 405 
VAL CB  HB   sing N N 406 
VAL CG1 HG11 sing N N 407 
VAL CG1 HG12 sing N N 408 
VAL CG1 HG13 sing N N 409 
VAL CG2 HG21 sing N N 410 
VAL CG2 HG22 sing N N 411 
VAL CG2 HG23 sing N N 412 
VAL OXT HXT  sing N N 413 
# 
_atom_sites.entry_id                    1TA0 
_atom_sites.fract_transf_matrix[1][1]   -0.00394968 
_atom_sites.fract_transf_matrix[1][2]   0.00687234 
_atom_sites.fract_transf_matrix[1][3]   -0.00303597 
_atom_sites.fract_transf_matrix[2][1]   0.01556973 
_atom_sites.fract_transf_matrix[2][2]   0.00270535 
_atom_sites.fract_transf_matrix[2][3]   -0.01413168 
_atom_sites.fract_transf_matrix[3][1]   -0.01232983 
_atom_sites.fract_transf_matrix[3][2]   -0.01429646 
_atom_sites.fract_transf_matrix[3][3]   -0.01632141 
_atom_sites.fract_transf_vector[1]      0.666270 
_atom_sites.fract_transf_vector[2]      0.612593 
_atom_sites.fract_transf_vector[3]      0.805464 
# 
loop_
_atom_type.symbol 
BE 
C  
F  
MG 
N  
O  
S  
# 
loop_
_atom_site.group_PDB 
_atom_site.id 
_atom_site.type_symbol 
_atom_site.label_atom_id 
_atom_site.label_alt_id 
_atom_site.label_comp_id 
_atom_site.label_asym_id 
_atom_site.label_entity_id 
_atom_site.label_seq_id 
_atom_site.pdbx_PDB_ins_code 
_atom_site.Cartn_x 
_atom_site.Cartn_y 
_atom_site.Cartn_z 
_atom_site.occupancy 
_atom_site.B_iso_or_equiv 
_atom_site.pdbx_formal_charge 
_atom_site.auth_seq_id 
_atom_site.auth_comp_id 
_atom_site.auth_asym_id 
_atom_site.auth_atom_id 
_atom_site.pdbx_PDB_model_num 
ATOM   1    N  N   . MET A 1 1   ? 3.696   18.228  14.313  1.00 13.29 ? 76  MET A N   1 
ATOM   2    C  CA  . MET A 1 1   ? 3.960   16.765  14.249  1.00 13.09 ? 76  MET A CA  1 
ATOM   3    C  C   . MET A 1 1   ? 5.151   16.432  13.367  1.00 12.30 ? 76  MET A C   1 
ATOM   4    O  O   . MET A 1 1   ? 5.419   17.115  12.377  1.00 11.31 ? 76  MET A O   1 
ATOM   5    C  CB  . MET A 1 1   ? 2.754   16.013  13.687  1.00 15.05 ? 76  MET A CB  1 
ATOM   6    C  CG  . MET A 1 1   ? 1.480   16.097  14.492  1.00 18.22 ? 76  MET A CG  1 
ATOM   7    S  SD  . MET A 1 1   ? 0.360   14.804  13.926  1.00 22.00 ? 76  MET A SD  1 
ATOM   8    C  CE  . MET A 1 1   ? -0.318  15.533  12.472  1.00 23.85 ? 76  MET A CE  1 
ATOM   9    N  N   . GLN A 1 2   ? 5.848   15.358  13.723  1.00 10.34 ? 77  GLN A N   1 
ATOM   10   C  CA  . GLN A 1 2   ? 6.991   14.895  12.951  1.00 10.86 ? 77  GLN A CA  1 
ATOM   11   C  C   . GLN A 1 2   ? 6.433   14.256  11.681  1.00 10.69 ? 77  GLN A C   1 
ATOM   12   O  O   . GLN A 1 2   ? 5.382   13.616  11.721  1.00 8.20  ? 77  GLN A O   1 
ATOM   13   C  CB  . GLN A 1 2   ? 7.775   13.846  13.747  1.00 11.58 ? 77  GLN A CB  1 
ATOM   14   C  CG  . GLN A 1 2   ? 8.388   14.366  15.041  1.00 9.61  ? 77  GLN A CG  1 
ATOM   15   C  CD  . GLN A 1 2   ? 9.365   15.499  14.797  1.00 13.34 ? 77  GLN A CD  1 
ATOM   16   O  OE1 . GLN A 1 2   ? 10.380  15.327  14.114  1.00 10.36 ? 77  GLN A OE1 1 
ATOM   17   N  NE2 . GLN A 1 2   ? 9.059   16.668  15.349  1.00 8.99  ? 77  GLN A NE2 1 
ATOM   18   N  N   . TYR A 1 3   ? 7.114   14.436  10.555  1.00 9.96  ? 78  TYR A N   1 
ATOM   19   C  CA  . TYR A 1 3   ? 6.640   13.832  9.319   1.00 9.30  ? 78  TYR A CA  1 
ATOM   20   C  C   . TYR A 1 3   ? 6.787   12.324  9.416   1.00 8.60  ? 78  TYR A C   1 
ATOM   21   O  O   . TYR A 1 3   ? 7.642   11.823  10.142  1.00 7.74  ? 78  TYR A O   1 
ATOM   22   C  CB  . TYR A 1 3   ? 7.414   14.371  8.128   1.00 11.34 ? 78  TYR A CB  1 
ATOM   23   C  CG  . TYR A 1 3   ? 7.074   15.803  7.825   1.00 14.33 ? 78  TYR A CG  1 
ATOM   24   C  CD1 . TYR A 1 3   ? 7.995   16.824  8.059   1.00 15.54 ? 78  TYR A CD1 1 
ATOM   25   C  CD2 . TYR A 1 3   ? 5.821   16.146  7.312   1.00 12.87 ? 78  TYR A CD2 1 
ATOM   26   C  CE1 . TYR A 1 3   ? 7.678   18.156  7.787   1.00 16.95 ? 78  TYR A CE1 1 
ATOM   27   C  CE2 . TYR A 1 3   ? 5.494   17.471  7.039   1.00 14.51 ? 78  TYR A CE2 1 
ATOM   28   C  CZ  . TYR A 1 3   ? 6.429   18.470  7.278   1.00 15.52 ? 78  TYR A CZ  1 
ATOM   29   O  OH  . TYR A 1 3   ? 6.121   19.777  7.000   1.00 17.69 ? 78  TYR A OH  1 
ATOM   30   N  N   . LEU A 1 4   ? 5.946   11.600  8.687   1.00 9.09  ? 79  LEU A N   1 
ATOM   31   C  CA  . LEU A 1 4   ? 5.968   10.144  8.733   1.00 9.53  ? 79  LEU A CA  1 
ATOM   32   C  C   . LEU A 1 4   ? 7.146   9.526   7.994   1.00 9.58  ? 79  LEU A C   1 
ATOM   33   O  O   . LEU A 1 4   ? 7.510   8.384   8.251   1.00 9.35  ? 79  LEU A O   1 
ATOM   34   C  CB  . LEU A 1 4   ? 4.648   9.576   8.189   1.00 8.03  ? 79  LEU A CB  1 
ATOM   35   C  CG  . LEU A 1 4   ? 3.380   9.901   8.996   1.00 8.36  ? 79  LEU A CG  1 
ATOM   36   C  CD1 . LEU A 1 4   ? 2.147   9.384   8.262   1.00 9.50  ? 79  LEU A CD1 1 
ATOM   37   C  CD2 . LEU A 1 4   ? 3.469   9.281   10.394  1.00 7.54  ? 79  LEU A CD2 1 
ATOM   38   N  N   . LEU A 1 5   ? 7.745   10.281  7.080   1.00 9.23  ? 80  LEU A N   1 
ATOM   39   C  CA  . LEU A 1 5   ? 8.875   9.776   6.309   1.00 8.81  ? 80  LEU A CA  1 
ATOM   40   C  C   . LEU A 1 5   ? 10.118  10.621  6.527   1.00 7.86  ? 80  LEU A C   1 
ATOM   41   O  O   . LEU A 1 5   ? 10.023  11.810  6.812   1.00 9.62  ? 80  LEU A O   1 
ATOM   42   C  CB  . LEU A 1 5   ? 8.544   9.777   4.811   1.00 7.83  ? 80  LEU A CB  1 
ATOM   43   C  CG  . LEU A 1 5   ? 7.379   8.910   4.323   1.00 11.24 ? 80  LEU A CG  1 
ATOM   44   C  CD1 . LEU A 1 5   ? 7.237   9.062   2.811   1.00 9.97  ? 80  LEU A CD1 1 
ATOM   45   C  CD2 . LEU A 1 5   ? 7.633   7.454   4.688   1.00 7.25  ? 80  LEU A CD2 1 
ATOM   46   N  N   . PRO A 1 6   ? 11.305  10.014  6.388   1.00 9.23  ? 81  PRO A N   1 
ATOM   47   C  CA  . PRO A 1 6   ? 12.545  10.764  6.572   1.00 9.65  ? 81  PRO A CA  1 
ATOM   48   C  C   . PRO A 1 6   ? 12.845  11.495  5.274   1.00 10.60 ? 81  PRO A C   1 
ATOM   49   O  O   . PRO A 1 6   ? 12.009  11.531  4.360   1.00 8.54  ? 81  PRO A O   1 
ATOM   50   C  CB  . PRO A 1 6   ? 13.558  9.665   6.856   1.00 8.48  ? 81  PRO A CB  1 
ATOM   51   C  CG  . PRO A 1 6   ? 13.103  8.594   5.937   1.00 8.78  ? 81  PRO A CG  1 
ATOM   52   C  CD  . PRO A 1 6   ? 11.596  8.585   6.171   1.00 8.59  ? 81  PRO A CD  1 
ATOM   53   N  N   . GLU A 1 7   ? 14.030  12.077  5.189   1.00 10.49 ? 82  GLU A N   1 
ATOM   54   C  CA  . GLU A 1 7   ? 14.430  12.779  3.983   1.00 12.25 ? 82  GLU A CA  1 
ATOM   55   C  C   . GLU A 1 7   ? 14.485  11.745  2.877   1.00 12.81 ? 82  GLU A C   1 
ATOM   56   O  O   . GLU A 1 7   ? 14.841  10.594  3.121   1.00 9.34  ? 82  GLU A O   1 
ATOM   57   C  CB  . GLU A 1 7   ? 15.815  13.403  4.157   1.00 13.83 ? 82  GLU A CB  1 
ATOM   58   C  CG  . GLU A 1 7   ? 15.871  14.532  5.170   1.00 17.94 ? 82  GLU A CG  1 
ATOM   59   C  CD  . GLU A 1 7   ? 17.236  15.191  5.217   1.00 19.45 ? 82  GLU A CD  1 
ATOM   60   O  OE1 . GLU A 1 7   ? 18.127  14.758  4.456   1.00 19.58 ? 82  GLU A OE1 1 
ATOM   61   O  OE2 . GLU A 1 7   ? 17.416  16.140  6.012   1.00 20.47 ? 82  GLU A OE2 1 
ATOM   62   N  N   . ALA A 1 8   ? 14.123  12.150  1.667   1.00 11.87 ? 83  ALA A N   1 
ATOM   63   C  CA  . ALA A 1 8   ? 14.155  11.241  0.534   1.00 14.00 ? 83  ALA A CA  1 
ATOM   64   C  C   . ALA A 1 8   ? 15.596  11.024  0.096   1.00 16.00 ? 83  ALA A C   1 
ATOM   65   O  O   . ALA A 1 8   ? 16.405  11.952  0.112   1.00 17.81 ? 83  ALA A O   1 
ATOM   66   C  CB  . ALA A 1 8   ? 13.344  11.816  -0.621  1.00 13.11 ? 83  ALA A CB  1 
ATOM   67   N  N   . LYS A 1 9   ? 15.922  9.793   -0.286  1.00 17.41 ? 84  LYS A N   1 
ATOM   68   C  CA  . LYS A 1 9   ? 17.266  9.495   -0.755  1.00 19.91 ? 84  LYS A CA  1 
ATOM   69   C  C   . LYS A 1 9   ? 17.471  10.325  -2.011  1.00 19.43 ? 84  LYS A C   1 
ATOM   70   O  O   . LYS A 1 9   ? 16.511  10.618  -2.726  1.00 19.18 ? 84  LYS A O   1 
ATOM   71   C  CB  . LYS A 1 9   ? 17.406  8.006   -1.075  1.00 20.82 ? 84  LYS A CB  1 
ATOM   72   C  CG  . LYS A 1 9   ? 17.233  7.103   0.136   1.00 24.74 ? 84  LYS A CG  1 
ATOM   73   C  CD  . LYS A 1 9   ? 17.170  5.633   -0.263  1.00 29.20 ? 84  LYS A CD  1 
ATOM   74   C  CE  . LYS A 1 9   ? 18.449  5.178   -0.951  1.00 32.43 ? 84  LYS A CE  1 
ATOM   75   N  NZ  . LYS A 1 9   ? 18.412  3.724   -1.293  1.00 34.32 ? 84  LYS A NZ  1 
ATOM   76   N  N   . ALA A 1 10  ? 18.713  10.717  -2.270  1.00 19.59 ? 85  ALA A N   1 
ATOM   77   C  CA  . ALA A 1 10  ? 19.031  11.528  -3.442  1.00 19.78 ? 85  ALA A CA  1 
ATOM   78   C  C   . ALA A 1 10  ? 18.344  10.992  -4.696  1.00 19.27 ? 85  ALA A C   1 
ATOM   79   O  O   . ALA A 1 10  ? 17.717  11.739  -5.452  1.00 17.35 ? 85  ALA A O   1 
ATOM   80   C  CB  . ALA A 1 10  ? 20.540  11.561  -3.649  1.00 21.90 ? 85  ALA A CB  1 
ATOM   81   N  N   . GLN A 1 11  ? 18.475  9.688   -4.899  1.00 19.80 ? 86  GLN A N   1 
ATOM   82   C  CA  . GLN A 1 11  ? 17.896  8.994   -6.041  1.00 20.94 ? 86  GLN A CA  1 
ATOM   83   C  C   . GLN A 1 11  ? 16.365  9.046   -6.105  1.00 19.69 ? 86  GLN A C   1 
ATOM   84   O  O   . GLN A 1 11  ? 15.787  8.935   -7.188  1.00 20.91 ? 86  GLN A O   1 
ATOM   85   C  CB  . GLN A 1 11  ? 18.351  7.538   -6.016  1.00 25.41 ? 86  GLN A CB  1 
ATOM   86   C  CG  . GLN A 1 11  ? 18.142  6.888   -4.652  1.00 32.46 ? 86  GLN A CG  1 
ATOM   87   C  CD  . GLN A 1 11  ? 18.536  5.428   -4.622  1.00 36.11 ? 86  GLN A CD  1 
ATOM   88   O  OE1 . GLN A 1 11  ? 19.683  5.075   -4.905  1.00 38.95 ? 86  GLN A OE1 1 
ATOM   89   N  NE2 . GLN A 1 11  ? 17.585  4.566   -4.271  1.00 38.20 ? 86  GLN A NE2 1 
ATOM   90   N  N   . ASP A 1 12  ? 15.706  9.200   -4.961  1.00 16.51 ? 87  ASP A N   1 
ATOM   91   C  CA  . ASP A 1 12  ? 14.242  9.252   -4.945  1.00 16.06 ? 87  ASP A CA  1 
ATOM   92   C  C   . ASP A 1 12  ? 13.687  10.674  -4.901  1.00 15.50 ? 87  ASP A C   1 
ATOM   93   O  O   . ASP A 1 12  ? 12.468  10.868  -4.969  1.00 13.37 ? 87  ASP A O   1 
ATOM   94   C  CB  . ASP A 1 12  ? 13.676  8.495   -3.739  1.00 16.24 ? 87  ASP A CB  1 
ATOM   95   C  CG  . ASP A 1 12  ? 13.953  7.007   -3.788  1.00 16.21 ? 87  ASP A CG  1 
ATOM   96   O  OD1 . ASP A 1 12  ? 13.937  6.429   -4.892  1.00 16.56 ? 87  ASP A OD1 1 
ATOM   97   O  OD2 . ASP A 1 12  ? 14.162  6.413   -2.710  1.00 15.19 ? 87  ASP A OD2 1 
ATOM   98   N  N   . SER A 1 13  ? 14.572  11.661  -4.787  1.00 14.23 ? 88  SER A N   1 
ATOM   99   C  CA  . SER A 1 13  ? 14.155  13.059  -4.689  1.00 14.80 ? 88  SER A CA  1 
ATOM   100  C  C   . SER A 1 13  ? 13.200  13.511  -5.787  1.00 14.28 ? 88  SER A C   1 
ATOM   101  O  O   . SER A 1 13  ? 12.267  14.273  -5.523  1.00 14.77 ? 88  SER A O   1 
ATOM   102  C  CB  . SER A 1 13  ? 15.378  13.982  -4.671  1.00 14.00 ? 88  SER A CB  1 
ATOM   103  O  OG  . SER A 1 13  ? 16.019  14.017  -5.931  1.00 11.32 ? 88  SER A OG  1 
ATOM   104  N  N   . ASP A 1 14  ? 13.428  13.045  -7.012  1.00 14.64 ? 89  ASP A N   1 
ATOM   105  C  CA  . ASP A 1 14  ? 12.575  13.438  -8.123  1.00 15.55 ? 89  ASP A CA  1 
ATOM   106  C  C   . ASP A 1 14  ? 11.567  12.377  -8.555  1.00 15.72 ? 89  ASP A C   1 
ATOM   107  O  O   . ASP A 1 14  ? 10.919  12.522  -9.586  1.00 17.49 ? 89  ASP A O   1 
ATOM   108  C  CB  . ASP A 1 14  ? 13.435  13.870  -9.315  1.00 16.21 ? 89  ASP A CB  1 
ATOM   109  C  CG  . ASP A 1 14  ? 14.229  12.728  -9.908  1.00 15.19 ? 89  ASP A CG  1 
ATOM   110  O  OD1 . ASP A 1 14  ? 14.551  11.770  -9.179  1.00 15.95 ? 89  ASP A OD1 1 
ATOM   111  O  OD2 . ASP A 1 14  ? 14.541  12.804  -11.111 1.00 16.54 ? 89  ASP A OD2 1 
ATOM   112  N  N   . LYS A 1 15  ? 11.429  11.318  -7.761  1.00 14.36 ? 90  LYS A N   1 
ATOM   113  C  CA  . LYS A 1 15  ? 10.465  10.265  -8.068  1.00 13.48 ? 90  LYS A CA  1 
ATOM   114  C  C   . LYS A 1 15  ? 9.177   10.515  -7.284  1.00 12.53 ? 90  LYS A C   1 
ATOM   115  O  O   . LYS A 1 15  ? 9.189   11.186  -6.252  1.00 11.44 ? 90  LYS A O   1 
ATOM   116  C  CB  . LYS A 1 15  ? 10.996  8.888   -7.666  1.00 14.74 ? 90  LYS A CB  1 
ATOM   117  C  CG  . LYS A 1 15  ? 12.230  8.404   -8.401  1.00 16.52 ? 90  LYS A CG  1 
ATOM   118  C  CD  . LYS A 1 15  ? 12.573  6.993   -7.930  1.00 18.58 ? 90  LYS A CD  1 
ATOM   119  C  CE  . LYS A 1 15  ? 13.915  6.515   -8.470  1.00 21.51 ? 90  LYS A CE  1 
ATOM   120  N  NZ  . LYS A 1 15  ? 14.375  5.295   -7.743  1.00 20.01 ? 90  LYS A NZ  1 
ATOM   121  N  N   . ILE A 1 16  ? 8.073   9.972   -7.778  1.00 9.21  ? 91  ILE A N   1 
ATOM   122  C  CA  . ILE A 1 16  ? 6.794   10.106  -7.100  1.00 8.20  ? 91  ILE A CA  1 
ATOM   123  C  C   . ILE A 1 16  ? 6.785   9.145   -5.915  1.00 8.13  ? 91  ILE A C   1 
ATOM   124  O  O   . ILE A 1 16  ? 7.378   8.063   -5.976  1.00 7.62  ? 91  ILE A O   1 
ATOM   125  C  CB  . ILE A 1 16  ? 5.620   9.766   -8.051  1.00 8.39  ? 91  ILE A CB  1 
ATOM   126  C  CG1 . ILE A 1 16  ? 5.384   10.935  -9.011  1.00 10.15 ? 91  ILE A CG1 1 
ATOM   127  C  CG2 . ILE A 1 16  ? 4.348   9.463   -7.257  1.00 7.64  ? 91  ILE A CG2 1 
ATOM   128  C  CD1 . ILE A 1 16  ? 4.396   10.633  -10.118 1.00 11.22 ? 91  ILE A CD1 1 
ATOM   129  N  N   . CYS A 1 17  ? 6.145   9.555   -4.827  1.00 7.33  ? 92  CYS A N   1 
ATOM   130  C  CA  . CYS A 1 17  ? 6.037   8.709   -3.643  1.00 8.94  ? 92  CYS A CA  1 
ATOM   131  C  C   . CYS A 1 17  ? 4.664   8.050   -3.693  1.00 8.11  ? 92  CYS A C   1 
ATOM   132  O  O   . CYS A 1 17  ? 3.643   8.734   -3.758  1.00 6.48  ? 92  CYS A O   1 
ATOM   133  C  CB  . CYS A 1 17  ? 6.158   9.540   -2.363  1.00 10.15 ? 92  CYS A CB  1 
ATOM   134  S  SG  . CYS A 1 17  ? 5.764   8.631   -0.829  1.00 13.58 ? 92  CYS A SG  1 
ATOM   135  N  N   . VAL A 1 18  ? 4.645   6.721   -3.665  1.00 7.95  ? 93  VAL A N   1 
ATOM   136  C  CA  . VAL A 1 18  ? 3.391   5.981   -3.729  1.00 6.29  ? 93  VAL A CA  1 
ATOM   137  C  C   . VAL A 1 18  ? 3.074   5.247   -2.433  1.00 9.11  ? 93  VAL A C   1 
ATOM   138  O  O   . VAL A 1 18  ? 3.839   4.380   -1.992  1.00 6.01  ? 93  VAL A O   1 
ATOM   139  C  CB  . VAL A 1 18  ? 3.418   4.956   -4.883  1.00 6.94  ? 93  VAL A CB  1 
ATOM   140  C  CG1 . VAL A 1 18  ? 2.079   4.222   -4.979  1.00 4.56  ? 93  VAL A CG1 1 
ATOM   141  C  CG2 . VAL A 1 18  ? 3.722   5.672   -6.201  1.00 6.39  ? 93  VAL A CG2 1 
ATOM   142  N  N   . VAL A 1 19  ? 1.944   5.617   -1.829  1.00 8.35  ? 94  VAL A N   1 
ATOM   143  C  CA  . VAL A 1 19  ? 1.460   5.000   -0.600  1.00 10.41 ? 94  VAL A CA  1 
ATOM   144  C  C   . VAL A 1 19  ? 0.625   3.791   -1.012  1.00 9.67  ? 94  VAL A C   1 
ATOM   145  O  O   . VAL A 1 19  ? -0.409  3.931   -1.668  1.00 10.03 ? 94  VAL A O   1 
ATOM   146  C  CB  . VAL A 1 19  ? 0.585   5.986   0.205   1.00 10.72 ? 94  VAL A CB  1 
ATOM   147  C  CG1 . VAL A 1 19  ? -0.223  5.241   1.249   1.00 14.17 ? 94  VAL A CG1 1 
ATOM   148  C  CG2 . VAL A 1 19  ? 1.469   7.025   0.863   1.00 12.50 ? 94  VAL A CG2 1 
ATOM   149  N  N   . ILE A 1 20  ? 1.075   2.606   -0.621  1.00 10.42 ? 95  ILE A N   1 
ATOM   150  C  CA  . ILE A 1 20  ? 0.389   1.378   -0.985  1.00 8.87  ? 95  ILE A CA  1 
ATOM   151  C  C   . ILE A 1 20  ? -0.258  0.651   0.188   1.00 9.46  ? 95  ILE A C   1 
ATOM   152  O  O   . ILE A 1 20  ? 0.388   0.373   1.200   1.00 8.50  ? 95  ILE A O   1 
ATOM   153  C  CB  . ILE A 1 20  ? 1.355   0.418   -1.696  1.00 9.02  ? 95  ILE A CB  1 
ATOM   154  C  CG1 . ILE A 1 20  ? 1.997   1.125   -2.893  1.00 8.88  ? 95  ILE A CG1 1 
ATOM   155  C  CG2 . ILE A 1 20  ? 0.609   -0.812  -2.164  1.00 8.69  ? 95  ILE A CG2 1 
ATOM   156  C  CD1 . ILE A 1 20  ? 3.061   0.307   -3.588  1.00 10.40 ? 95  ILE A CD1 1 
HETATM 157  N  N   . BFD A 1 21  ? -1.540  0.339   0.024   1.00 7.55  ? 96  BFD A N   1 
HETATM 158  C  CA  . BFD A 1 21  ? -2.341  -0.367  1.031   1.00 7.54  ? 96  BFD A CA  1 
HETATM 159  C  C   . BFD A 1 21  ? -2.050  -1.873  1.034   1.00 5.71  ? 96  BFD A C   1 
HETATM 160  O  O   . BFD A 1 21  ? -1.612  -2.430  0.024   1.00 6.67  ? 96  BFD A O   1 
HETATM 161  C  CB  . BFD A 1 21  ? -3.826  -0.131  0.735   1.00 8.86  ? 96  BFD A CB  1 
HETATM 162  C  CG  . BFD A 1 21  ? -4.739  -0.756  1.767   1.00 11.89 ? 96  BFD A CG  1 
HETATM 163  O  OD1 . BFD A 1 21  ? -4.575  -0.452  2.962   1.00 10.23 ? 96  BFD A OD1 1 
HETATM 164  O  OD2 . BFD A 1 21  ? -5.626  -1.546  1.378   1.00 13.63 ? 96  BFD A OD2 1 
HETATM 165  BE BE  . BFD A 1 21  ? -4.938  -1.363  4.354   1.00 20.00 ? 96  BFD A BE  1 
HETATM 166  F  F1  . BFD A 1 21  ? -5.147  -0.390  5.491   1.00 20.00 ? 96  BFD A F1  1 
HETATM 167  F  F2  . BFD A 1 21  ? -6.270  -2.022  4.068   1.00 20.00 ? 96  BFD A F2  1 
HETATM 168  F  F3  . BFD A 1 21  ? -3.924  -2.424  4.752   1.00 20.00 ? 96  BFD A F3  1 
ATOM   169  N  N   . LEU A 1 22  ? -2.303  -2.535  2.161   1.00 5.34  ? 97  LEU A N   1 
ATOM   170  C  CA  . LEU A 1 22  ? -2.059  -3.977  2.253   1.00 7.16  ? 97  LEU A CA  1 
ATOM   171  C  C   . LEU A 1 22  ? -3.311  -4.833  2.075   1.00 6.41  ? 97  LEU A C   1 
ATOM   172  O  O   . LEU A 1 22  ? -3.461  -5.524  1.070   1.00 6.02  ? 97  LEU A O   1 
ATOM   173  C  CB  . LEU A 1 22  ? -1.388  -4.340  3.592   1.00 6.93  ? 97  LEU A CB  1 
ATOM   174  C  CG  . LEU A 1 22  ? -1.020  -5.826  3.799   1.00 6.56  ? 97  LEU A CG  1 
ATOM   175  C  CD1 . LEU A 1 22  ? -0.081  -6.294  2.699   1.00 8.06  ? 97  LEU A CD1 1 
ATOM   176  C  CD2 . LEU A 1 22  ? -0.361  -6.017  5.164   1.00 5.07  ? 97  LEU A CD2 1 
ATOM   177  N  N   . ASP A 1 23  ? -4.212  -4.782  3.049   1.00 8.12  ? 98  ASP A N   1 
ATOM   178  C  CA  . ASP A 1 23  ? -5.424  -5.590  3.010   1.00 9.31  ? 98  ASP A CA  1 
ATOM   179  C  C   . ASP A 1 23  ? -6.410  -5.299  1.884   1.00 9.52  ? 98  ASP A C   1 
ATOM   180  O  O   . ASP A 1 23  ? -6.895  -4.174  1.731   1.00 7.91  ? 98  ASP A O   1 
ATOM   181  C  CB  . ASP A 1 23  ? -6.117  -5.518  4.368   1.00 9.80  ? 98  ASP A CB  1 
ATOM   182  C  CG  . ASP A 1 23  ? -5.309  -6.208  5.446   1.00 13.14 ? 98  ASP A CG  1 
ATOM   183  O  OD1 . ASP A 1 23  ? -5.053  -7.422  5.297   1.00 10.65 ? 98  ASP A OD1 1 
ATOM   184  O  OD2 . ASP A 1 23  ? -4.919  -5.543  6.427   1.00 13.69 ? 98  ASP A OD2 1 
ATOM   185  N  N   . GLU A 1 24  ? -6.693  -6.348  1.110   1.00 9.31  ? 99  GLU A N   1 
ATOM   186  C  CA  . GLU A 1 24  ? -7.598  -6.310  -0.035  1.00 9.13  ? 99  GLU A CA  1 
ATOM   187  C  C   . GLU A 1 24  ? -7.041  -5.532  -1.224  1.00 8.94  ? 99  GLU A C   1 
ATOM   188  O  O   . GLU A 1 24  ? -7.734  -5.322  -2.226  1.00 6.04  ? 99  GLU A O   1 
ATOM   189  C  CB  . GLU A 1 24  ? -8.966  -5.751  0.371   1.00 10.79 ? 99  GLU A CB  1 
ATOM   190  C  CG  . GLU A 1 24  ? -9.821  -6.745  1.157   1.00 12.86 ? 99  GLU A CG  1 
ATOM   191  C  CD  . GLU A 1 24  ? -9.269  -7.032  2.539   1.00 17.43 ? 99  GLU A CD  1 
ATOM   192  O  OE1 . GLU A 1 24  ? -9.292  -6.112  3.387   1.00 18.67 ? 99  GLU A OE1 1 
ATOM   193  O  OE2 . GLU A 1 24  ? -8.807  -8.172  2.775   1.00 14.62 ? 99  GLU A OE2 1 
ATOM   194  N  N   . THR A 1 25  ? -5.787  -5.103  -1.105  1.00 9.63  ? 100 THR A N   1 
ATOM   195  C  CA  . THR A 1 25  ? -5.114  -4.383  -2.180  1.00 8.29  ? 100 THR A CA  1 
ATOM   196  C  C   . THR A 1 25  ? -3.997  -5.269  -2.744  1.00 9.79  ? 100 THR A C   1 
ATOM   197  O  O   . THR A 1 25  ? -3.948  -5.522  -3.955  1.00 9.66  ? 100 THR A O   1 
ATOM   198  C  CB  . THR A 1 25  ? -4.537  -3.041  -1.680  1.00 9.37  ? 100 THR A CB  1 
ATOM   199  O  OG1 . THR A 1 25  ? -5.613  -2.166  -1.318  1.00 9.78  ? 100 THR A OG1 1 
ATOM   200  C  CG2 . THR A 1 25  ? -3.708  -2.368  -2.764  1.00 10.01 ? 100 THR A CG2 1 
ATOM   201  N  N   . LEU A 1 26  ? -3.117  -5.754  -1.867  1.00 8.86  ? 101 LEU A N   1 
ATOM   202  C  CA  . LEU A 1 26  ? -2.010  -6.629  -2.274  1.00 7.83  ? 101 LEU A CA  1 
ATOM   203  C  C   . LEU A 1 26  ? -2.264  -8.079  -1.863  1.00 8.01  ? 101 LEU A C   1 
ATOM   204  O  O   . LEU A 1 26  ? -1.776  -9.016  -2.500  1.00 8.38  ? 101 LEU A O   1 
ATOM   205  C  CB  . LEU A 1 26  ? -0.697  -6.164  -1.643  1.00 7.86  ? 101 LEU A CB  1 
ATOM   206  C  CG  . LEU A 1 26  ? -0.205  -4.758  -1.987  1.00 8.84  ? 101 LEU A CG  1 
ATOM   207  C  CD1 . LEU A 1 26  ? 1.084   -4.488  -1.236  1.00 8.90  ? 101 LEU A CD1 1 
ATOM   208  C  CD2 . LEU A 1 26  ? -0.003  -4.634  -3.493  1.00 7.12  ? 101 LEU A CD2 1 
ATOM   209  N  N   . VAL A 1 27  ? -3.018  -8.259  -0.784  1.00 8.83  ? 102 VAL A N   1 
ATOM   210  C  CA  . VAL A 1 27  ? -3.338  -9.592  -0.286  1.00 8.87  ? 102 VAL A CA  1 
ATOM   211  C  C   . VAL A 1 27  ? -4.731  -9.611  0.333   1.00 10.34 ? 102 VAL A C   1 
ATOM   212  O  O   . VAL A 1 27  ? -5.429  -8.596  0.369   1.00 9.56  ? 102 VAL A O   1 
ATOM   213  C  CB  . VAL A 1 27  ? -2.353  -10.041 0.830   1.00 10.55 ? 102 VAL A CB  1 
ATOM   214  C  CG1 . VAL A 1 27  ? -0.912  -9.909  0.364   1.00 8.61  ? 102 VAL A CG1 1 
ATOM   215  C  CG2 . VAL A 1 27  ? -2.578  -9.203  2.096   1.00 9.22  ? 102 VAL A CG2 1 
ATOM   216  N  N   . HIS A 1 28  ? -5.126  -10.790 0.800   1.00 10.16 ? 103 HIS A N   1 
ATOM   217  C  CA  . HIS A 1 28  ? -6.384  -10.980 1.508   1.00 10.92 ? 103 HIS A CA  1 
ATOM   218  C  C   . HIS A 1 28  ? -6.100  -12.026 2.573   1.00 11.89 ? 103 HIS A C   1 
ATOM   219  O  O   . HIS A 1 28  ? -5.703  -13.145 2.253   1.00 10.56 ? 103 HIS A O   1 
ATOM   220  C  CB  . HIS A 1 28  ? -7.507  -11.480 0.608   1.00 11.63 ? 103 HIS A CB  1 
ATOM   221  C  CG  . HIS A 1 28  ? -8.778  -11.731 1.354   1.00 10.57 ? 103 HIS A CG  1 
ATOM   222  N  ND1 . HIS A 1 28  ? -9.388  -10.761 2.121   1.00 11.32 ? 103 HIS A ND1 1 
ATOM   223  C  CD2 . HIS A 1 28  ? -9.526  -12.851 1.500   1.00 10.70 ? 103 HIS A CD2 1 
ATOM   224  C  CE1 . HIS A 1 28  ? -10.454 -11.272 2.711   1.00 11.63 ? 103 HIS A CE1 1 
ATOM   225  N  NE2 . HIS A 1 28  ? -10.561 -12.540 2.350   1.00 11.14 ? 103 HIS A NE2 1 
ATOM   226  N  N   . SER A 1 29  ? -6.296  -11.658 3.834   1.00 11.60 ? 104 SER A N   1 
ATOM   227  C  CA  . SER A 1 29  ? -6.029  -12.563 4.943   1.00 12.97 ? 104 SER A CA  1 
ATOM   228  C  C   . SER A 1 29  ? -7.305  -12.965 5.682   1.00 15.35 ? 104 SER A C   1 
ATOM   229  O  O   . SER A 1 29  ? -8.330  -12.287 5.594   1.00 13.23 ? 104 SER A O   1 
ATOM   230  C  CB  . SER A 1 29  ? -5.050  -11.900 5.919   1.00 12.81 ? 104 SER A CB  1 
ATOM   231  O  OG  . SER A 1 29  ? -3.911  -11.400 5.232   1.00 11.25 ? 104 SER A OG  1 
ATOM   232  N  N   . SER A 1 30  ? -7.236  -14.072 6.414   1.00 16.11 ? 105 SER A N   1 
ATOM   233  C  CA  . SER A 1 30  ? -8.390  -14.557 7.157   1.00 19.20 ? 105 SER A CA  1 
ATOM   234  C  C   . SER A 1 30  ? -7.994  -15.511 8.276   1.00 20.65 ? 105 SER A C   1 
ATOM   235  O  O   . SER A 1 30  ? -6.925  -16.124 8.238   1.00 17.33 ? 105 SER A O   1 
ATOM   236  C  CB  . SER A 1 30  ? -9.359  -15.270 6.211   1.00 20.00 ? 105 SER A CB  1 
ATOM   237  O  OG  . SER A 1 30  ? -10.443 -15.833 6.929   1.00 22.50 ? 105 SER A OG  1 
ATOM   238  N  N   . PHE A 1 31  ? -8.866  -15.629 9.271   1.00 21.63 ? 106 PHE A N   1 
ATOM   239  C  CA  . PHE A 1 31  ? -8.614  -16.527 10.380  1.00 24.19 ? 106 PHE A CA  1 
ATOM   240  C  C   . PHE A 1 31  ? -9.162  -17.914 10.074  1.00 25.64 ? 106 PHE A C   1 
ATOM   241  O  O   . PHE A 1 31  ? -8.701  -18.909 10.638  1.00 25.35 ? 106 PHE A O   1 
ATOM   242  C  CB  . PHE A 1 31  ? -9.242  -15.987 11.667  1.00 24.03 ? 106 PHE A CB  1 
ATOM   243  C  CG  . PHE A 1 31  ? -8.430  -14.917 12.330  1.00 24.31 ? 106 PHE A CG  1 
ATOM   244  C  CD1 . PHE A 1 31  ? -8.861  -13.595 12.332  1.00 26.04 ? 106 PHE A CD1 1 
ATOM   245  C  CD2 . PHE A 1 31  ? -7.230  -15.233 12.959  1.00 25.25 ? 106 PHE A CD2 1 
ATOM   246  C  CE1 . PHE A 1 31  ? -8.106  -12.601 12.948  1.00 24.51 ? 106 PHE A CE1 1 
ATOM   247  C  CE2 . PHE A 1 31  ? -6.467  -14.248 13.577  1.00 23.94 ? 106 PHE A CE2 1 
ATOM   248  C  CZ  . PHE A 1 31  ? -6.908  -12.928 13.573  1.00 25.41 ? 106 PHE A CZ  1 
ATOM   249  N  N   . LYS A 1 32  ? -10.139 -17.991 9.177   1.00 27.28 ? 107 LYS A N   1 
ATOM   250  C  CA  . LYS A 1 32  ? -10.695 -19.290 8.833   1.00 28.73 ? 107 LYS A CA  1 
ATOM   251  C  C   . LYS A 1 32  ? -9.821  -19.933 7.759   1.00 28.82 ? 107 LYS A C   1 
ATOM   252  O  O   . LYS A 1 32  ? -9.474  -19.304 6.758   1.00 27.78 ? 107 LYS A O   1 
ATOM   253  C  CB  . LYS A 1 32  ? -12.148 -19.166 8.353   1.00 30.42 ? 107 LYS A CB  1 
ATOM   254  C  CG  . LYS A 1 32  ? -12.337 -18.647 6.947   1.00 33.19 ? 107 LYS A CG  1 
ATOM   255  C  CD  . LYS A 1 32  ? -13.805 -18.729 6.553   1.00 35.94 ? 107 LYS A CD  1 
ATOM   256  C  CE  . LYS A 1 32  ? -14.023 -18.362 5.091   1.00 38.23 ? 107 LYS A CE  1 
ATOM   257  N  NZ  . LYS A 1 32  ? -13.615 -16.963 4.793   1.00 40.29 ? 107 LYS A NZ  1 
ATOM   258  N  N   . PRO A 1 33  ? -9.443  -21.202 7.967   1.00 29.15 ? 108 PRO A N   1 
ATOM   259  C  CA  . PRO A 1 33  ? -8.603  -21.947 7.031   1.00 29.70 ? 108 PRO A CA  1 
ATOM   260  C  C   . PRO A 1 33  ? -9.012  -21.801 5.570   1.00 30.36 ? 108 PRO A C   1 
ATOM   261  O  O   . PRO A 1 33  ? -10.193 -21.886 5.231   1.00 30.51 ? 108 PRO A O   1 
ATOM   262  C  CB  . PRO A 1 33  ? -8.734  -23.384 7.528   1.00 29.53 ? 108 PRO A CB  1 
ATOM   263  C  CG  . PRO A 1 33  ? -8.856  -23.200 9.002   1.00 30.72 ? 108 PRO A CG  1 
ATOM   264  C  CD  . PRO A 1 33  ? -9.846  -22.058 9.097   1.00 29.54 ? 108 PRO A CD  1 
ATOM   265  N  N   . VAL A 1 34  ? -8.021  -21.575 4.716   1.00 29.74 ? 109 VAL A N   1 
ATOM   266  C  CA  . VAL A 1 34  ? -8.248  -21.439 3.285   1.00 30.71 ? 109 VAL A CA  1 
ATOM   267  C  C   . VAL A 1 34  ? -7.267  -22.366 2.580   1.00 30.90 ? 109 VAL A C   1 
ATOM   268  O  O   . VAL A 1 34  ? -6.088  -22.420 2.938   1.00 31.44 ? 109 VAL A O   1 
ATOM   269  C  CB  . VAL A 1 34  ? -7.999  -19.994 2.795   1.00 31.01 ? 109 VAL A CB  1 
ATOM   270  C  CG1 . VAL A 1 34  ? -8.253  -19.902 1.297   1.00 31.63 ? 109 VAL A CG1 1 
ATOM   271  C  CG2 . VAL A 1 34  ? -8.899  -19.028 3.539   1.00 31.70 ? 109 VAL A CG2 1 
ATOM   272  N  N   . ASN A 1 35  ? -7.749  -23.102 1.587   1.00 30.29 ? 110 ASN A N   1 
ATOM   273  C  CA  . ASN A 1 35  ? -6.881  -24.011 0.860   1.00 31.34 ? 110 ASN A CA  1 
ATOM   274  C  C   . ASN A 1 35  ? -5.992  -23.246 -0.116  1.00 30.45 ? 110 ASN A C   1 
ATOM   275  O  O   . ASN A 1 35  ? -6.433  -22.296 -0.763  1.00 31.54 ? 110 ASN A O   1 
ATOM   276  C  CB  . ASN A 1 35  ? -7.719  -25.056 0.117   1.00 33.90 ? 110 ASN A CB  1 
ATOM   277  C  CG  . ASN A 1 35  ? -8.458  -25.990 1.064   1.00 35.87 ? 110 ASN A CG  1 
ATOM   278  O  OD1 . ASN A 1 35  ? -9.290  -26.789 0.637   1.00 38.50 ? 110 ASN A OD1 1 
ATOM   279  N  ND2 . ASN A 1 35  ? -8.154  -25.895 2.357   1.00 36.72 ? 110 ASN A ND2 1 
ATOM   280  N  N   . ASN A 1 36  ? -4.732  -23.661 -0.192  1.00 29.35 ? 111 ASN A N   1 
ATOM   281  C  CA  . ASN A 1 36  ? -3.740  -23.054 -1.075  1.00 27.70 ? 111 ASN A CA  1 
ATOM   282  C  C   . ASN A 1 36  ? -3.300  -21.647 -0.687  1.00 26.12 ? 111 ASN A C   1 
ATOM   283  O  O   . ASN A 1 36  ? -2.949  -20.842 -1.552  1.00 26.55 ? 111 ASN A O   1 
ATOM   284  C  CB  . ASN A 1 36  ? -4.241  -23.054 -2.520  1.00 28.72 ? 111 ASN A CB  1 
ATOM   285  C  CG  . ASN A 1 36  ? -4.565  -24.446 -3.019  1.00 30.88 ? 111 ASN A CG  1 
ATOM   286  O  OD1 . ASN A 1 36  ? -3.751  -25.365 -2.905  1.00 31.64 ? 111 ASN A OD1 1 
ATOM   287  N  ND2 . ASN A 1 36  ? -5.760  -24.611 -3.578  1.00 31.81 ? 111 ASN A ND2 1 
ATOM   288  N  N   . ALA A 1 37  ? -3.308  -21.355 0.611   1.00 23.32 ? 112 ALA A N   1 
ATOM   289  C  CA  . ALA A 1 37  ? -2.876  -20.048 1.093   1.00 20.92 ? 112 ALA A CA  1 
ATOM   290  C  C   . ALA A 1 37  ? -1.395  -19.896 0.757   1.00 19.01 ? 112 ALA A C   1 
ATOM   291  O  O   . ALA A 1 37  ? -0.677  -20.889 0.640   1.00 18.54 ? 112 ALA A O   1 
ATOM   292  C  CB  . ALA A 1 37  ? -3.083  -19.943 2.600   1.00 19.15 ? 112 ALA A CB  1 
ATOM   293  N  N   . ASP A 1 38  ? -0.942  -18.657 0.598   1.00 17.43 ? 113 ASP A N   1 
ATOM   294  C  CA  . ASP A 1 38  ? 0.458   -18.389 0.278   1.00 16.30 ? 113 ASP A CA  1 
ATOM   295  C  C   . ASP A 1 38  ? 1.291   -18.274 1.546   1.00 15.58 ? 113 ASP A C   1 
ATOM   296  O  O   . ASP A 1 38  ? 2.436   -18.729 1.595   1.00 14.00 ? 113 ASP A O   1 
ATOM   297  C  CB  . ASP A 1 38  ? 0.572   -17.101 -0.539  1.00 16.10 ? 113 ASP A CB  1 
ATOM   298  C  CG  . ASP A 1 38  ? 0.055   -17.268 -1.949  1.00 15.53 ? 113 ASP A CG  1 
ATOM   299  O  OD1 . ASP A 1 38  ? 0.772   -17.869 -2.771  1.00 17.80 ? 113 ASP A OD1 1 
ATOM   300  O  OD2 . ASP A 1 38  ? -1.071  -16.816 -2.234  1.00 15.59 ? 113 ASP A OD2 1 
ATOM   301  N  N   . PHE A 1 39  ? 0.710   -17.653 2.568   1.00 13.74 ? 114 PHE A N   1 
ATOM   302  C  CA  . PHE A 1 39  ? 1.383   -17.486 3.851   1.00 12.79 ? 114 PHE A CA  1 
ATOM   303  C  C   . PHE A 1 39  ? 0.411   -17.940 4.935   1.00 12.83 ? 114 PHE A C   1 
ATOM   304  O  O   . PHE A 1 39  ? -0.791  -17.712 4.830   1.00 12.06 ? 114 PHE A O   1 
ATOM   305  C  CB  . PHE A 1 39  ? 1.730   -16.014 4.111   1.00 13.31 ? 114 PHE A CB  1 
ATOM   306  C  CG  . PHE A 1 39  ? 2.423   -15.328 2.970   1.00 14.21 ? 114 PHE A CG  1 
ATOM   307  C  CD1 . PHE A 1 39  ? 2.084   -14.023 2.630   1.00 15.09 ? 114 PHE A CD1 1 
ATOM   308  C  CD2 . PHE A 1 39  ? 3.420   -15.971 2.243   1.00 15.88 ? 114 PHE A CD2 1 
ATOM   309  C  CE1 . PHE A 1 39  ? 2.724   -13.363 1.581   1.00 15.38 ? 114 PHE A CE1 1 
ATOM   310  C  CE2 . PHE A 1 39  ? 4.069   -15.319 1.189   1.00 15.85 ? 114 PHE A CE2 1 
ATOM   311  C  CZ  . PHE A 1 39  ? 3.718   -14.013 0.860   1.00 15.44 ? 114 PHE A CZ  1 
ATOM   312  N  N   . ILE A 1 40  ? 0.935   -18.596 5.963   1.00 11.87 ? 115 ILE A N   1 
ATOM   313  C  CA  . ILE A 1 40  ? 0.124   -19.042 7.093   1.00 12.07 ? 115 ILE A CA  1 
ATOM   314  C  C   . ILE A 1 40  ? 1.018   -18.758 8.286   1.00 13.35 ? 115 ILE A C   1 
ATOM   315  O  O   . ILE A 1 40  ? 1.874   -19.569 8.657   1.00 13.39 ? 115 ILE A O   1 
ATOM   316  C  CB  . ILE A 1 40  ? -0.213  -20.539 7.012   1.00 11.71 ? 115 ILE A CB  1 
ATOM   317  C  CG1 . ILE A 1 40  ? -0.941  -20.833 5.700   1.00 10.62 ? 115 ILE A CG1 1 
ATOM   318  C  CG2 . ILE A 1 40  ? -1.101  -20.932 8.182   1.00 10.27 ? 115 ILE A CG2 1 
ATOM   319  C  CD1 . ILE A 1 40  ? -1.284  -22.296 5.487   1.00 12.37 ? 115 ILE A CD1 1 
ATOM   320  N  N   . ILE A 1 41  ? 0.814   -17.583 8.872   1.00 12.86 ? 116 ILE A N   1 
ATOM   321  C  CA  . ILE A 1 41  ? 1.627   -17.116 9.985   1.00 14.49 ? 116 ILE A CA  1 
ATOM   322  C  C   . ILE A 1 41  ? 0.910   -16.966 11.322  1.00 15.37 ? 116 ILE A C   1 
ATOM   323  O  O   . ILE A 1 41  ? -0.316  -16.842 11.378  1.00 14.29 ? 116 ILE A O   1 
ATOM   324  C  CB  . ILE A 1 41  ? 2.232   -15.753 9.640   1.00 13.74 ? 116 ILE A CB  1 
ATOM   325  C  CG1 . ILE A 1 41  ? 1.103   -14.732 9.469   1.00 13.94 ? 116 ILE A CG1 1 
ATOM   326  C  CG2 . ILE A 1 41  ? 3.045   -15.855 8.350   1.00 13.75 ? 116 ILE A CG2 1 
ATOM   327  C  CD1 . ILE A 1 41  ? 1.566   -13.322 9.201   1.00 15.60 ? 116 ILE A CD1 1 
ATOM   328  N  N   . PRO A 1 42  ? 1.683   -16.965 12.423  1.00 16.59 ? 117 PRO A N   1 
ATOM   329  C  CA  . PRO A 1 42  ? 1.136   -16.823 13.772  1.00 18.58 ? 117 PRO A CA  1 
ATOM   330  C  C   . PRO A 1 42  ? 1.048   -15.357 14.178  1.00 20.84 ? 117 PRO A C   1 
ATOM   331  O  O   . PRO A 1 42  ? 1.979   -14.583 13.952  1.00 21.61 ? 117 PRO A O   1 
ATOM   332  C  CB  . PRO A 1 42  ? 2.144   -17.577 14.627  1.00 18.03 ? 117 PRO A CB  1 
ATOM   333  C  CG  . PRO A 1 42  ? 3.436   -17.223 13.959  1.00 17.25 ? 117 PRO A CG  1 
ATOM   334  C  CD  . PRO A 1 42  ? 3.105   -17.357 12.476  1.00 16.14 ? 117 PRO A CD  1 
ATOM   335  N  N   . VAL A 1 43  ? -0.081  -14.981 14.765  1.00 21.99 ? 118 VAL A N   1 
ATOM   336  C  CA  . VAL A 1 43  ? -0.281  -13.617 15.234  1.00 24.88 ? 118 VAL A CA  1 
ATOM   337  C  C   . VAL A 1 43  ? -0.900  -13.705 16.619  1.00 25.58 ? 118 VAL A C   1 
ATOM   338  O  O   . VAL A 1 43  ? -1.930  -14.351 16.806  1.00 24.88 ? 118 VAL A O   1 
ATOM   339  C  CB  . VAL A 1 43  ? -1.220  -12.816 14.306  1.00 25.03 ? 118 VAL A CB  1 
ATOM   340  C  CG1 . VAL A 1 43  ? -1.469  -11.428 14.894  1.00 24.53 ? 118 VAL A CG1 1 
ATOM   341  C  CG2 . VAL A 1 43  ? -0.600  -12.697 12.923  1.00 24.06 ? 118 VAL A CG2 1 
ATOM   342  N  N   . GLU A 1 44  ? -0.259  -13.062 17.589  1.00 28.44 ? 119 GLU A N   1 
ATOM   343  C  CA  . GLU A 1 44  ? -0.745  -13.086 18.959  1.00 32.87 ? 119 GLU A CA  1 
ATOM   344  C  C   . GLU A 1 44  ? -1.819  -12.035 19.193  1.00 33.77 ? 119 GLU A C   1 
ATOM   345  O  O   . GLU A 1 44  ? -1.639  -10.859 18.871  1.00 33.69 ? 119 GLU A O   1 
ATOM   346  C  CB  . GLU A 1 44  ? 0.414   -12.866 19.933  1.00 35.04 ? 119 GLU A CB  1 
ATOM   347  C  CG  . GLU A 1 44  ? 0.064   -13.152 21.383  1.00 38.15 ? 119 GLU A CG  1 
ATOM   348  C  CD  . GLU A 1 44  ? 1.261   -13.029 22.301  1.00 40.38 ? 119 GLU A CD  1 
ATOM   349  O  OE1 . GLU A 1 44  ? 1.114   -13.306 23.513  1.00 41.96 ? 119 GLU A OE1 1 
ATOM   350  O  OE2 . GLU A 1 44  ? 2.349   -12.654 21.813  1.00 40.32 ? 119 GLU A OE2 1 
ATOM   351  N  N   . ILE A 1 45  ? -2.940  -12.475 19.751  1.00 34.49 ? 120 ILE A N   1 
ATOM   352  C  CA  . ILE A 1 45  ? -4.054  -11.585 20.044  1.00 36.29 ? 120 ILE A CA  1 
ATOM   353  C  C   . ILE A 1 45  ? -4.586  -11.899 21.437  1.00 36.83 ? 120 ILE A C   1 
ATOM   354  O  O   . ILE A 1 45  ? -5.143  -12.971 21.671  1.00 37.02 ? 120 ILE A O   1 
ATOM   355  C  CB  . ILE A 1 45  ? -5.192  -11.758 19.018  1.00 36.38 ? 120 ILE A CB  1 
ATOM   356  C  CG1 . ILE A 1 45  ? -4.645  -11.569 17.600  1.00 36.35 ? 120 ILE A CG1 1 
ATOM   357  C  CG2 . ILE A 1 45  ? -6.294  -10.744 19.293  1.00 37.01 ? 120 ILE A CG2 1 
ATOM   358  C  CD1 . ILE A 1 45  ? -5.657  -11.818 16.507  1.00 35.68 ? 120 ILE A CD1 1 
ATOM   359  N  N   . ASP A 1 46  ? -4.403  -10.959 22.357  1.00 38.39 ? 121 ASP A N   1 
ATOM   360  C  CA  . ASP A 1 46  ? -4.853  -11.123 23.733  1.00 39.62 ? 121 ASP A CA  1 
ATOM   361  C  C   . ASP A 1 46  ? -4.197  -12.326 24.402  1.00 39.27 ? 121 ASP A C   1 
ATOM   362  O  O   . ASP A 1 46  ? -4.813  -13.005 25.222  1.00 39.51 ? 121 ASP A O   1 
ATOM   363  C  CB  . ASP A 1 46  ? -6.378  -11.268 23.788  1.00 41.99 ? 121 ASP A CB  1 
ATOM   364  C  CG  . ASP A 1 46  ? -7.101  -9.980  23.432  1.00 43.95 ? 121 ASP A CG  1 
ATOM   365  O  OD1 . ASP A 1 46  ? -6.833  -8.947  24.085  1.00 44.88 ? 121 ASP A OD1 1 
ATOM   366  O  OD2 . ASP A 1 46  ? -7.940  -10.001 22.505  1.00 44.93 ? 121 ASP A OD2 1 
ATOM   367  N  N   . GLY A 1 47  ? -2.945  -12.588 24.038  1.00 38.35 ? 122 GLY A N   1 
ATOM   368  C  CA  . GLY A 1 47  ? -2.220  -13.695 24.634  1.00 37.49 ? 122 GLY A CA  1 
ATOM   369  C  C   . GLY A 1 47  ? -2.423  -15.055 23.997  1.00 36.51 ? 122 GLY A C   1 
ATOM   370  O  O   . GLY A 1 47  ? -1.892  -16.050 24.486  1.00 37.55 ? 122 GLY A O   1 
ATOM   371  N  N   . VAL A 1 48  ? -3.188  -15.114 22.915  1.00 35.20 ? 123 VAL A N   1 
ATOM   372  C  CA  . VAL A 1 48  ? -3.427  -16.382 22.236  1.00 33.86 ? 123 VAL A CA  1 
ATOM   373  C  C   . VAL A 1 48  ? -2.915  -16.326 20.803  1.00 33.22 ? 123 VAL A C   1 
ATOM   374  O  O   . VAL A 1 48  ? -3.212  -15.386 20.064  1.00 33.20 ? 123 VAL A O   1 
ATOM   375  C  CB  . VAL A 1 48  ? -4.929  -16.733 22.214  1.00 33.35 ? 123 VAL A CB  1 
ATOM   376  C  CG1 . VAL A 1 48  ? -5.138  -18.056 21.495  1.00 33.27 ? 123 VAL A CG1 1 
ATOM   377  C  CG2 . VAL A 1 48  ? -5.464  -16.813 23.635  1.00 32.74 ? 123 VAL A CG2 1 
ATOM   378  N  N   . VAL A 1 49  ? -2.143  -17.335 20.413  1.00 32.17 ? 124 VAL A N   1 
ATOM   379  C  CA  . VAL A 1 49  ? -1.580  -17.391 19.068  1.00 30.62 ? 124 VAL A CA  1 
ATOM   380  C  C   . VAL A 1 49  ? -2.560  -17.972 18.061  1.00 29.74 ? 124 VAL A C   1 
ATOM   381  O  O   . VAL A 1 49  ? -2.996  -19.114 18.190  1.00 30.95 ? 124 VAL A O   1 
ATOM   382  C  CB  . VAL A 1 49  ? -0.285  -18.231 19.041  1.00 29.86 ? 124 VAL A CB  1 
ATOM   383  C  CG1 . VAL A 1 49  ? 0.276   -18.284 17.629  1.00 29.15 ? 124 VAL A CG1 1 
ATOM   384  C  CG2 . VAL A 1 49  ? 0.737   -17.629 19.997  1.00 28.89 ? 124 VAL A CG2 1 
ATOM   385  N  N   . HIS A 1 50  ? -2.904  -17.177 17.052  1.00 28.90 ? 125 HIS A N   1 
ATOM   386  C  CA  . HIS A 1 50  ? -3.834  -17.613 16.017  1.00 27.09 ? 125 HIS A CA  1 
ATOM   387  C  C   . HIS A 1 50  ? -3.102  -17.732 14.691  1.00 23.99 ? 125 HIS A C   1 
ATOM   388  O  O   . HIS A 1 50  ? -2.148  -17.003 14.430  1.00 23.94 ? 125 HIS A O   1 
ATOM   389  C  CB  . HIS A 1 50  ? -4.978  -16.607 15.875  1.00 28.49 ? 125 HIS A CB  1 
ATOM   390  C  CG  . HIS A 1 50  ? -5.697  -16.328 17.158  1.00 30.48 ? 125 HIS A CG  1 
ATOM   391  N  ND1 . HIS A 1 50  ? -6.503  -17.259 17.778  1.00 32.53 ? 125 HIS A ND1 1 
ATOM   392  C  CD2 . HIS A 1 50  ? -5.698  -15.236 17.958  1.00 30.81 ? 125 HIS A CD2 1 
ATOM   393  C  CE1 . HIS A 1 50  ? -6.968  -16.751 18.906  1.00 32.24 ? 125 HIS A CE1 1 
ATOM   394  N  NE2 . HIS A 1 50  ? -6.495  -15.525 19.038  1.00 32.24 ? 125 HIS A NE2 1 
ATOM   395  N  N   . GLN A 1 51  ? -3.542  -18.665 13.859  1.00 22.02 ? 126 GLN A N   1 
ATOM   396  C  CA  . GLN A 1 51  ? -2.924  -18.846 12.560  1.00 19.98 ? 126 GLN A CA  1 
ATOM   397  C  C   . GLN A 1 51  ? -3.680  -17.935 11.601  1.00 18.08 ? 126 GLN A C   1 
ATOM   398  O  O   . GLN A 1 51  ? -4.911  -17.926 11.590  1.00 16.77 ? 126 GLN A O   1 
ATOM   399  C  CB  . GLN A 1 51  ? -3.041  -20.305 12.107  1.00 19.89 ? 126 GLN A CB  1 
ATOM   400  C  CG  . GLN A 1 51  ? -2.903  -21.303 13.242  1.00 23.21 ? 126 GLN A CG  1 
ATOM   401  C  CD  . GLN A 1 51  ? -2.774  -22.735 12.766  1.00 23.32 ? 126 GLN A CD  1 
ATOM   402  O  OE1 . GLN A 1 51  ? -3.335  -23.120 11.741  1.00 23.01 ? 126 GLN A OE1 1 
ATOM   403  N  NE2 . GLN A 1 51  ? -2.039  -23.539 13.523  1.00 28.07 ? 126 GLN A NE2 1 
ATOM   404  N  N   . VAL A 1 52  ? -2.941  -17.155 10.821  1.00 17.16 ? 127 VAL A N   1 
ATOM   405  C  CA  . VAL A 1 52  ? -3.538  -16.246 9.850   1.00 15.81 ? 127 VAL A CA  1 
ATOM   406  C  C   . VAL A 1 52  ? -3.197  -16.726 8.438   1.00 14.97 ? 127 VAL A C   1 
ATOM   407  O  O   . VAL A 1 52  ? -2.024  -16.824 8.082   1.00 14.67 ? 127 VAL A O   1 
ATOM   408  C  CB  . VAL A 1 52  ? -3.013  -14.804 10.044  1.00 15.17 ? 127 VAL A CB  1 
ATOM   409  C  CG1 . VAL A 1 52  ? -3.573  -13.889 8.955   1.00 13.35 ? 127 VAL A CG1 1 
ATOM   410  C  CG2 . VAL A 1 52  ? -3.416  -14.286 11.422  1.00 14.69 ? 127 VAL A CG2 1 
ATOM   411  N  N   . TYR A 1 53  ? -4.226  -17.033 7.646   1.00 13.75 ? 128 TYR A N   1 
ATOM   412  C  CA  . TYR A 1 53  ? -4.038  -17.506 6.275   1.00 13.28 ? 128 TYR A CA  1 
ATOM   413  C  C   . TYR A 1 53  ? -4.036  -16.338 5.298   1.00 11.62 ? 128 TYR A C   1 
ATOM   414  O  O   . TYR A 1 53  ? -5.043  -15.647 5.142   1.00 10.57 ? 128 TYR A O   1 
ATOM   415  C  CB  . TYR A 1 53  ? -5.148  -18.488 5.890   1.00 14.72 ? 128 TYR A CB  1 
ATOM   416  C  CG  . TYR A 1 53  ? -5.230  -19.692 6.794   1.00 16.91 ? 128 TYR A CG  1 
ATOM   417  C  CD1 . TYR A 1 53  ? -5.741  -19.584 8.087   1.00 17.91 ? 128 TYR A CD1 1 
ATOM   418  C  CD2 . TYR A 1 53  ? -4.755  -20.935 6.376   1.00 17.36 ? 128 TYR A CD2 1 
ATOM   419  C  CE1 . TYR A 1 53  ? -5.775  -20.684 8.945   1.00 19.87 ? 128 TYR A CE1 1 
ATOM   420  C  CE2 . TYR A 1 53  ? -4.785  -22.040 7.224   1.00 19.31 ? 128 TYR A CE2 1 
ATOM   421  C  CZ  . TYR A 1 53  ? -5.294  -21.906 8.506   1.00 19.18 ? 128 TYR A CZ  1 
ATOM   422  O  OH  . TYR A 1 53  ? -5.315  -22.993 9.353   1.00 21.22 ? 128 TYR A OH  1 
ATOM   423  N  N   . VAL A 1 54  ? -2.906  -16.137 4.632   1.00 11.71 ? 129 VAL A N   1 
ATOM   424  C  CA  . VAL A 1 54  ? -2.760  -15.036 3.678   1.00 11.82 ? 129 VAL A CA  1 
ATOM   425  C  C   . VAL A 1 54  ? -2.678  -15.498 2.225   1.00 12.21 ? 129 VAL A C   1 
ATOM   426  O  O   . VAL A 1 54  ? -1.892  -16.384 1.885   1.00 11.26 ? 129 VAL A O   1 
ATOM   427  C  CB  . VAL A 1 54  ? -1.488  -14.205 3.980   1.00 9.91  ? 129 VAL A CB  1 
ATOM   428  C  CG1 . VAL A 1 54  ? -1.474  -12.947 3.128   1.00 9.79  ? 129 VAL A CG1 1 
ATOM   429  C  CG2 . VAL A 1 54  ? -1.423  -13.852 5.457   1.00 11.23 ? 129 VAL A CG2 1 
ATOM   430  N  N   . LEU A 1 55  ? -3.501  -14.889 1.374   1.00 12.40 ? 130 LEU A N   1 
ATOM   431  C  CA  . LEU A 1 55  ? -3.519  -15.197 -0.055  1.00 12.39 ? 130 LEU A CA  1 
ATOM   432  C  C   . LEU A 1 55  ? -2.968  -13.987 -0.806  1.00 12.71 ? 130 LEU A C   1 
ATOM   433  O  O   . LEU A 1 55  ? -3.401  -12.860 -0.560  1.00 11.70 ? 130 LEU A O   1 
ATOM   434  C  CB  . LEU A 1 55  ? -4.950  -15.471 -0.532  1.00 13.86 ? 130 LEU A CB  1 
ATOM   435  C  CG  . LEU A 1 55  ? -5.637  -16.758 -0.073  1.00 13.77 ? 130 LEU A CG  1 
ATOM   436  C  CD1 . LEU A 1 55  ? -7.119  -16.700 -0.442  1.00 16.35 ? 130 LEU A CD1 1 
ATOM   437  C  CD2 . LEU A 1 55  ? -4.969  -17.959 -0.719  1.00 11.37 ? 130 LEU A CD2 1 
ATOM   438  N  N   . LYS A 1 56  ? -2.015  -14.223 -1.707  1.00 11.78 ? 131 LYS A N   1 
ATOM   439  C  CA  . LYS A 1 56  ? -1.414  -13.149 -2.497  1.00 11.99 ? 131 LYS A CA  1 
ATOM   440  C  C   . LYS A 1 56  ? -2.261  -12.863 -3.734  1.00 10.85 ? 131 LYS A C   1 
ATOM   441  O  O   . LYS A 1 56  ? -2.763  -13.783 -4.379  1.00 7.97  ? 131 LYS A O   1 
ATOM   442  C  CB  . LYS A 1 56  ? -0.002  -13.524 -2.959  1.00 11.05 ? 131 LYS A CB  1 
ATOM   443  C  CG  . LYS A 1 56  ? 0.934   -13.978 -1.854  1.00 14.30 ? 131 LYS A CG  1 
ATOM   444  C  CD  . LYS A 1 56  ? 2.394   -13.812 -2.257  1.00 15.64 ? 131 LYS A CD  1 
ATOM   445  C  CE  . LYS A 1 56  ? 2.718   -14.521 -3.560  1.00 17.26 ? 131 LYS A CE  1 
ATOM   446  N  NZ  . LYS A 1 56  ? 4.118   -14.263 -3.999  1.00 17.75 ? 131 LYS A NZ  1 
ATOM   447  N  N   . ARG A 1 57  ? -2.403  -11.587 -4.067  1.00 10.44 ? 132 ARG A N   1 
ATOM   448  C  CA  . ARG A 1 57  ? -3.181  -11.200 -5.233  1.00 9.39  ? 132 ARG A CA  1 
ATOM   449  C  C   . ARG A 1 57  ? -2.371  -11.525 -6.483  1.00 10.57 ? 132 ARG A C   1 
ATOM   450  O  O   . ARG A 1 57  ? -1.156  -11.333 -6.510  1.00 10.12 ? 132 ARG A O   1 
ATOM   451  C  CB  . ARG A 1 57  ? -3.484  -9.697  -5.193  1.00 8.56  ? 132 ARG A CB  1 
ATOM   452  C  CG  . ARG A 1 57  ? -4.531  -9.245  -6.201  1.00 6.29  ? 132 ARG A CG  1 
ATOM   453  C  CD  . ARG A 1 57  ? -4.888  -7.770  -6.010  1.00 6.64  ? 132 ARG A CD  1 
ATOM   454  N  NE  . ARG A 1 57  ? -6.041  -7.375  -6.816  1.00 4.31  ? 132 ARG A NE  1 
ATOM   455  C  CZ  . ARG A 1 57  ? -6.767  -6.284  -6.596  1.00 8.59  ? 132 ARG A CZ  1 
ATOM   456  N  NH1 . ARG A 1 57  ? -6.464  -5.464  -5.594  1.00 8.63  ? 132 ARG A NH1 1 
ATOM   457  N  NH2 . ARG A 1 57  ? -7.817  -6.022  -7.365  1.00 9.03  ? 132 ARG A NH2 1 
ATOM   458  N  N   . PRO A 1 58  ? -3.030  -12.047 -7.526  1.00 11.28 ? 133 PRO A N   1 
ATOM   459  C  CA  . PRO A 1 58  ? -2.322  -12.378 -8.765  1.00 11.44 ? 133 PRO A CA  1 
ATOM   460  C  C   . PRO A 1 58  ? -1.474  -11.203 -9.259  1.00 13.15 ? 133 PRO A C   1 
ATOM   461  O  O   . PRO A 1 58  ? -1.923  -10.051 -9.255  1.00 13.14 ? 133 PRO A O   1 
ATOM   462  C  CB  . PRO A 1 58  ? -3.459  -12.714 -9.723  1.00 10.91 ? 133 PRO A CB  1 
ATOM   463  C  CG  . PRO A 1 58  ? -4.472  -13.340 -8.813  1.00 11.33 ? 133 PRO A CG  1 
ATOM   464  C  CD  . PRO A 1 58  ? -4.457  -12.411 -7.622  1.00 11.48 ? 133 PRO A CD  1 
ATOM   465  N  N   . HIS A 1 59  ? -0.246  -11.512 -9.665  1.00 12.96 ? 134 HIS A N   1 
ATOM   466  C  CA  . HIS A 1 59  ? 0.712   -10.534 -10.185 1.00 13.66 ? 134 HIS A CA  1 
ATOM   467  C  C   . HIS A 1 59  ? 1.291   -9.573  -9.150  1.00 12.74 ? 134 HIS A C   1 
ATOM   468  O  O   . HIS A 1 59  ? 1.836   -8.529  -9.513  1.00 13.76 ? 134 HIS A O   1 
ATOM   469  C  CB  . HIS A 1 59  ? 0.097   -9.709  -11.323 1.00 14.10 ? 134 HIS A CB  1 
ATOM   470  C  CG  . HIS A 1 59  ? -0.578  -10.534 -12.373 1.00 18.09 ? 134 HIS A CG  1 
ATOM   471  N  ND1 . HIS A 1 59  ? -1.911  -10.879 -12.306 1.00 20.15 ? 134 HIS A ND1 1 
ATOM   472  C  CD2 . HIS A 1 59  ? -0.100  -11.102 -13.506 1.00 18.67 ? 134 HIS A CD2 1 
ATOM   473  C  CE1 . HIS A 1 59  ? -2.225  -11.623 -13.351 1.00 20.41 ? 134 HIS A CE1 1 
ATOM   474  N  NE2 . HIS A 1 59  ? -1.143  -11.774 -14.096 1.00 21.33 ? 134 HIS A NE2 1 
ATOM   475  N  N   . VAL A 1 60  ? 1.202   -9.906  -7.871  1.00 11.59 ? 135 VAL A N   1 
ATOM   476  C  CA  . VAL A 1 60  ? 1.743   -8.990  -6.880  1.00 10.96 ? 135 VAL A CA  1 
ATOM   477  C  C   . VAL A 1 60  ? 3.273   -8.931  -6.932  1.00 11.33 ? 135 VAL A C   1 
ATOM   478  O  O   . VAL A 1 60  ? 3.862   -7.878  -6.686  1.00 10.08 ? 135 VAL A O   1 
ATOM   479  C  CB  . VAL A 1 60  ? 1.255   -9.338  -5.452  1.00 10.87 ? 135 VAL A CB  1 
ATOM   480  C  CG1 . VAL A 1 60  ? 1.782   -10.693 -5.016  1.00 9.22  ? 135 VAL A CG1 1 
ATOM   481  C  CG2 . VAL A 1 60  ? 1.681   -8.230  -4.484  1.00 11.68 ? 135 VAL A CG2 1 
ATOM   482  N  N   . ASP A 1 61  ? 3.921   -10.041 -7.283  1.00 12.64 ? 136 ASP A N   1 
ATOM   483  C  CA  . ASP A 1 61  ? 5.384   -10.052 -7.371  1.00 13.13 ? 136 ASP A CA  1 
ATOM   484  C  C   . ASP A 1 61  ? 5.857   -9.127  -8.501  1.00 13.42 ? 136 ASP A C   1 
ATOM   485  O  O   . ASP A 1 61  ? 6.758   -8.300  -8.311  1.00 11.33 ? 136 ASP A O   1 
ATOM   486  C  CB  . ASP A 1 61  ? 5.907   -11.473 -7.617  1.00 14.95 ? 136 ASP A CB  1 
ATOM   487  C  CG  . ASP A 1 61  ? 5.577   -12.428 -6.480  1.00 17.03 ? 136 ASP A CG  1 
ATOM   488  O  OD1 . ASP A 1 61  ? 5.765   -12.056 -5.307  1.00 17.20 ? 136 ASP A OD1 1 
ATOM   489  O  OD2 . ASP A 1 61  ? 5.137   -13.561 -6.760  1.00 23.66 ? 136 ASP A OD2 1 
ATOM   490  N  N   . GLU A 1 62  ? 5.254   -9.273  -9.677  1.00 11.64 ? 137 GLU A N   1 
ATOM   491  C  CA  . GLU A 1 62  ? 5.608   -8.432  -10.817 1.00 13.00 ? 137 GLU A CA  1 
ATOM   492  C  C   . GLU A 1 62  ? 5.300   -6.977  -10.482 1.00 12.41 ? 137 GLU A C   1 
ATOM   493  O  O   . GLU A 1 62  ? 6.072   -6.077  -10.810 1.00 14.15 ? 137 GLU A O   1 
ATOM   494  C  CB  . GLU A 1 62  ? 4.808   -8.828  -12.062 1.00 16.24 ? 137 GLU A CB  1 
ATOM   495  C  CG  . GLU A 1 62  ? 4.944   -7.828  -13.211 1.00 19.49 ? 137 GLU A CG  1 
ATOM   496  C  CD  . GLU A 1 62  ? 3.957   -8.073  -14.338 1.00 23.01 ? 137 GLU A CD  1 
ATOM   497  O  OE1 . GLU A 1 62  ? 2.739   -8.168  -14.065 1.00 25.51 ? 137 GLU A OE1 1 
ATOM   498  O  OE2 . GLU A 1 62  ? 4.396   -8.160  -15.501 1.00 26.37 ? 137 GLU A OE2 1 
ATOM   499  N  N   . PHE A 1 63  ? 4.167   -6.761  -9.823  1.00 9.65  ? 138 PHE A N   1 
ATOM   500  C  CA  . PHE A 1 63  ? 3.731   -5.419  -9.440  1.00 10.56 ? 138 PHE A CA  1 
ATOM   501  C  C   . PHE A 1 63  ? 4.727   -4.706  -8.539  1.00 10.30 ? 138 PHE A C   1 
ATOM   502  O  O   . PHE A 1 63  ? 5.199   -3.612  -8.863  1.00 11.42 ? 138 PHE A O   1 
ATOM   503  C  CB  . PHE A 1 63  ? 2.390   -5.493  -8.712  1.00 7.58  ? 138 PHE A CB  1 
ATOM   504  C  CG  . PHE A 1 63  ? 1.858   -4.156  -8.287  1.00 6.64  ? 138 PHE A CG  1 
ATOM   505  C  CD1 . PHE A 1 63  ? 1.377   -3.252  -9.235  1.00 3.60  ? 138 PHE A CD1 1 
ATOM   506  C  CD2 . PHE A 1 63  ? 1.825   -3.802  -6.939  1.00 3.23  ? 138 PHE A CD2 1 
ATOM   507  C  CE1 . PHE A 1 63  ? 0.868   -2.017  -8.848  1.00 6.46  ? 138 PHE A CE1 1 
ATOM   508  C  CE2 . PHE A 1 63  ? 1.318   -2.567  -6.542  1.00 5.69  ? 138 PHE A CE2 1 
ATOM   509  C  CZ  . PHE A 1 63  ? 0.838   -1.671  -7.497  1.00 3.64  ? 138 PHE A CZ  1 
ATOM   510  N  N   . LEU A 1 64  ? 5.030   -5.328  -7.404  1.00 9.95  ? 139 LEU A N   1 
ATOM   511  C  CA  . LEU A 1 64  ? 5.955   -4.763  -6.431  1.00 11.04 ? 139 LEU A CA  1 
ATOM   512  C  C   . LEU A 1 64  ? 7.353   -4.532  -6.970  1.00 11.03 ? 139 LEU A C   1 
ATOM   513  O  O   . LEU A 1 64  ? 7.972   -3.517  -6.667  1.00 10.84 ? 139 LEU A O   1 
ATOM   514  C  CB  . LEU A 1 64  ? 6.037   -5.651  -5.188  1.00 11.65 ? 139 LEU A CB  1 
ATOM   515  C  CG  . LEU A 1 64  ? 4.775   -5.723  -4.328  1.00 12.00 ? 139 LEU A CG  1 
ATOM   516  C  CD1 . LEU A 1 64  ? 5.053   -6.578  -3.103  1.00 13.29 ? 139 LEU A CD1 1 
ATOM   517  C  CD2 . LEU A 1 64  ? 4.348   -4.326  -3.912  1.00 11.29 ? 139 LEU A CD2 1 
ATOM   518  N  N   . GLN A 1 65  ? 7.863   -5.477  -7.750  1.00 12.14 ? 140 GLN A N   1 
ATOM   519  C  CA  . GLN A 1 65  ? 9.196   -5.323  -8.309  1.00 13.88 ? 140 GLN A CA  1 
ATOM   520  C  C   . GLN A 1 65  ? 9.231   -4.101  -9.222  1.00 13.40 ? 140 GLN A C   1 
ATOM   521  O  O   . GLN A 1 65  ? 10.146  -3.282  -9.137  1.00 12.36 ? 140 GLN A O   1 
ATOM   522  C  CB  . GLN A 1 65  ? 9.608   -6.575  -9.091  1.00 17.29 ? 140 GLN A CB  1 
ATOM   523  C  CG  . GLN A 1 65  ? 10.950  -6.441  -9.792  1.00 23.65 ? 140 GLN A CG  1 
ATOM   524  C  CD  . GLN A 1 65  ? 11.436  -7.755  -10.377 1.00 28.78 ? 140 GLN A CD  1 
ATOM   525  O  OE1 . GLN A 1 65  ? 10.681  -8.470  -11.034 1.00 32.54 ? 140 GLN A OE1 1 
ATOM   526  N  NE2 . GLN A 1 65  ? 12.704  -8.074  -10.145 1.00 29.39 ? 140 GLN A NE2 1 
ATOM   527  N  N   . ARG A 1 66  ? 8.223   -3.969  -10.074 1.00 11.27 ? 141 ARG A N   1 
ATOM   528  C  CA  . ARG A 1 66  ? 8.154   -2.840  -10.996 1.00 11.78 ? 141 ARG A CA  1 
ATOM   529  C  C   . ARG A 1 66  ? 7.919   -1.503  -10.283 1.00 10.90 ? 141 ARG A C   1 
ATOM   530  O  O   . ARG A 1 66  ? 8.597   -0.514  -10.558 1.00 11.92 ? 141 ARG A O   1 
ATOM   531  C  CB  . ARG A 1 66  ? 7.060   -3.087  -12.039 1.00 8.70  ? 141 ARG A CB  1 
ATOM   532  C  CG  . ARG A 1 66  ? 7.036   -2.050  -13.167 1.00 13.69 ? 141 ARG A CG  1 
ATOM   533  C  CD  . ARG A 1 66  ? 8.446   -1.751  -13.667 1.00 15.01 ? 141 ARG A CD  1 
ATOM   534  N  NE  . ARG A 1 66  ? 8.458   -0.857  -14.820 1.00 19.52 ? 141 ARG A NE  1 
ATOM   535  C  CZ  . ARG A 1 66  ? 9.525   -0.161  -15.210 1.00 22.00 ? 141 ARG A CZ  1 
ATOM   536  N  NH1 . ARG A 1 66  ? 10.663  -0.254  -14.534 1.00 20.74 ? 141 ARG A NH1 1 
ATOM   537  N  NH2 . ARG A 1 66  ? 9.460   0.619   -16.281 1.00 23.44 ? 141 ARG A NH2 1 
ATOM   538  N  N   . MET A 1 67  ? 6.959   -1.471  -9.367  1.00 13.21 ? 142 MET A N   1 
ATOM   539  C  CA  . MET A 1 67  ? 6.666   -0.247  -8.628  1.00 10.25 ? 142 MET A CA  1 
ATOM   540  C  C   . MET A 1 67  ? 7.901   0.226   -7.863  1.00 11.53 ? 142 MET A C   1 
ATOM   541  O  O   . MET A 1 67  ? 8.199   1.422   -7.815  1.00 10.91 ? 142 MET A O   1 
ATOM   542  C  CB  . MET A 1 67  ? 5.510   -0.493  -7.659  1.00 9.66  ? 142 MET A CB  1 
ATOM   543  C  CG  . MET A 1 67  ? 4.169   -0.736  -8.346  1.00 11.37 ? 142 MET A CG  1 
ATOM   544  S  SD  . MET A 1 67  ? 3.509   0.737   -9.157  1.00 13.10 ? 142 MET A SD  1 
ATOM   545  C  CE  . MET A 1 67  ? 3.093   1.733   -7.702  1.00 11.58 ? 142 MET A CE  1 
ATOM   546  N  N   . GLY A 1 68  ? 8.619   -0.726  -7.271  1.00 11.48 ? 143 GLY A N   1 
ATOM   547  C  CA  . GLY A 1 68  ? 9.818   -0.401  -6.521  1.00 12.72 ? 143 GLY A CA  1 
ATOM   548  C  C   . GLY A 1 68  ? 10.874  0.285   -7.367  1.00 12.87 ? 143 GLY A C   1 
ATOM   549  O  O   . GLY A 1 68  ? 11.669  1.078   -6.857  1.00 11.05 ? 143 GLY A O   1 
ATOM   550  N  N   . GLU A 1 69  ? 10.884  -0.017  -8.662  1.00 14.04 ? 144 GLU A N   1 
ATOM   551  C  CA  . GLU A 1 69  ? 11.850  0.580   -9.580  1.00 15.71 ? 144 GLU A CA  1 
ATOM   552  C  C   . GLU A 1 69  ? 11.401  1.971   -10.002 1.00 15.52 ? 144 GLU A C   1 
ATOM   553  O  O   . GLU A 1 69  ? 12.216  2.875   -10.175 1.00 16.27 ? 144 GLU A O   1 
ATOM   554  C  CB  . GLU A 1 69  ? 12.000  -0.275  -10.844 1.00 19.83 ? 144 GLU A CB  1 
ATOM   555  C  CG  . GLU A 1 69  ? 12.152  -1.762  -10.601 1.00 24.74 ? 144 GLU A CG  1 
ATOM   556  C  CD  . GLU A 1 69  ? 12.359  -2.548  -11.887 1.00 26.18 ? 144 GLU A CD  1 
ATOM   557  O  OE1 . GLU A 1 69  ? 11.634  -2.296  -12.873 1.00 26.09 ? 144 GLU A OE1 1 
ATOM   558  O  OE2 . GLU A 1 69  ? 13.246  -3.427  -11.906 1.00 29.82 ? 144 GLU A OE2 1 
ATOM   559  N  N   . LEU A 1 70  ? 10.095  2.140   -10.168 1.00 14.10 ? 145 LEU A N   1 
ATOM   560  C  CA  . LEU A 1 70  ? 9.549   3.418   -10.606 1.00 13.28 ? 145 LEU A CA  1 
ATOM   561  C  C   . LEU A 1 70  ? 9.377   4.500   -9.546  1.00 13.31 ? 145 LEU A C   1 
ATOM   562  O  O   . LEU A 1 70  ? 9.655   5.665   -9.814  1.00 15.08 ? 145 LEU A O   1 
ATOM   563  C  CB  . LEU A 1 70  ? 8.196   3.201   -11.291 1.00 11.48 ? 145 LEU A CB  1 
ATOM   564  C  CG  . LEU A 1 70  ? 8.168   2.454   -12.626 1.00 12.26 ? 145 LEU A CG  1 
ATOM   565  C  CD1 . LEU A 1 70  ? 6.727   2.227   -13.044 1.00 13.03 ? 145 LEU A CD1 1 
ATOM   566  C  CD2 . LEU A 1 70  ? 8.909   3.252   -13.680 1.00 14.20 ? 145 LEU A CD2 1 
ATOM   567  N  N   . PHE A 1 71  ? 8.921   4.130   -8.352  1.00 12.76 ? 146 PHE A N   1 
ATOM   568  C  CA  . PHE A 1 71  ? 8.661   5.139   -7.327  1.00 11.02 ? 146 PHE A CA  1 
ATOM   569  C  C   . PHE A 1 71  ? 9.279   4.927   -5.944  1.00 11.44 ? 146 PHE A C   1 
ATOM   570  O  O   . PHE A 1 71  ? 9.898   3.905   -5.663  1.00 9.91  ? 146 PHE A O   1 
ATOM   571  C  CB  . PHE A 1 71  ? 7.148   5.283   -7.122  1.00 10.57 ? 146 PHE A CB  1 
ATOM   572  C  CG  . PHE A 1 71  ? 6.333   5.234   -8.392  1.00 11.12 ? 146 PHE A CG  1 
ATOM   573  C  CD1 . PHE A 1 71  ? 5.804   4.028   -8.852  1.00 10.80 ? 146 PHE A CD1 1 
ATOM   574  C  CD2 . PHE A 1 71  ? 6.037   6.402   -9.090  1.00 11.25 ? 146 PHE A CD2 1 
ATOM   575  C  CE1 . PHE A 1 71  ? 4.985   3.987   -9.988  1.00 8.54  ? 146 PHE A CE1 1 
ATOM   576  C  CE2 . PHE A 1 71  ? 5.223   6.377   -10.226 1.00 10.55 ? 146 PHE A CE2 1 
ATOM   577  C  CZ  . PHE A 1 71  ? 4.693   5.165   -10.674 1.00 11.56 ? 146 PHE A CZ  1 
ATOM   578  N  N   . GLU A 1 72  ? 9.111   5.932   -5.087  1.00 8.22  ? 147 GLU A N   1 
ATOM   579  C  CA  . GLU A 1 72  ? 9.565   5.837   -3.713  1.00 9.16  ? 147 GLU A CA  1 
ATOM   580  C  C   . GLU A 1 72  ? 8.341   5.207   -3.044  1.00 10.30 ? 147 GLU A C   1 
ATOM   581  O  O   . GLU A 1 72  ? 7.432   5.909   -2.594  1.00 10.95 ? 147 GLU A O   1 
ATOM   582  C  CB  . GLU A 1 72  ? 9.833   7.225   -3.118  1.00 8.30  ? 147 GLU A CB  1 
ATOM   583  C  CG  . GLU A 1 72  ? 10.071  7.189   -1.614  1.00 9.47  ? 147 GLU A CG  1 
ATOM   584  C  CD  . GLU A 1 72  ? 10.293  8.560   -0.995  1.00 14.23 ? 147 GLU A CD  1 
ATOM   585  O  OE1 . GLU A 1 72  ? 9.571   9.515   -1.359  1.00 14.57 ? 147 GLU A OE1 1 
ATOM   586  O  OE2 . GLU A 1 72  ? 11.184  8.677   -0.126  1.00 13.90 ? 147 GLU A OE2 1 
ATOM   587  N  N   . CYS A 1 73  ? 8.314   3.881   -3.003  1.00 10.25 ? 148 CYS A N   1 
ATOM   588  C  CA  . CYS A 1 73  ? 7.185   3.154   -2.439  1.00 10.53 ? 148 CYS A CA  1 
ATOM   589  C  C   . CYS A 1 73  ? 7.145   3.111   -0.918  1.00 9.31  ? 148 CYS A C   1 
ATOM   590  O  O   . CYS A 1 73  ? 8.171   2.951   -0.254  1.00 8.82  ? 148 CYS A O   1 
ATOM   591  C  CB  . CYS A 1 73  ? 7.158   1.727   -2.994  1.00 8.23  ? 148 CYS A CB  1 
ATOM   592  S  SG  . CYS A 1 73  ? 6.939   1.621   -4.786  1.00 11.48 ? 148 CYS A SG  1 
ATOM   593  N  N   . VAL A 1 74  ? 5.939   3.241   -0.378  1.00 9.45  ? 149 VAL A N   1 
ATOM   594  C  CA  . VAL A 1 74  ? 5.716   3.223   1.064   1.00 10.75 ? 149 VAL A CA  1 
ATOM   595  C  C   . VAL A 1 74  ? 4.490   2.400   1.429   1.00 12.35 ? 149 VAL A C   1 
ATOM   596  O  O   . VAL A 1 74  ? 3.392   2.644   0.920   1.00 10.79 ? 149 VAL A O   1 
ATOM   597  C  CB  . VAL A 1 74  ? 5.512   4.650   1.612   1.00 12.04 ? 149 VAL A CB  1 
ATOM   598  C  CG1 . VAL A 1 74  ? 5.129   4.598   3.095   1.00 11.64 ? 149 VAL A CG1 1 
ATOM   599  C  CG2 . VAL A 1 74  ? 6.787   5.467   1.409   1.00 10.61 ? 149 VAL A CG2 1 
ATOM   600  N  N   . LEU A 1 75  ? 4.675   1.419   2.305   1.00 11.04 ? 150 LEU A N   1 
ATOM   601  C  CA  . LEU A 1 75  ? 3.555   0.605   2.745   1.00 11.07 ? 150 LEU A CA  1 
ATOM   602  C  C   . LEU A 1 75  ? 2.848   1.398   3.839   1.00 9.75  ? 150 LEU A C   1 
ATOM   603  O  O   . LEU A 1 75  ? 3.470   1.822   4.801   1.00 9.95  ? 150 LEU A O   1 
ATOM   604  C  CB  . LEU A 1 75  ? 4.034   -0.734  3.315   1.00 10.48 ? 150 LEU A CB  1 
ATOM   605  C  CG  . LEU A 1 75  ? 2.913   -1.645  3.837   1.00 10.04 ? 150 LEU A CG  1 
ATOM   606  C  CD1 . LEU A 1 75  ? 2.021   -2.087  2.682   1.00 8.68  ? 150 LEU A CD1 1 
ATOM   607  C  CD2 . LEU A 1 75  ? 3.514   -2.857  4.530   1.00 14.18 ? 150 LEU A CD2 1 
ATOM   608  N  N   . PHE A 1 76  ? 1.551   1.621   3.680   1.00 8.46  ? 151 PHE A N   1 
ATOM   609  C  CA  . PHE A 1 76  ? 0.795   2.356   4.688   1.00 8.59  ? 151 PHE A CA  1 
ATOM   610  C  C   . PHE A 1 76  ? -0.501  1.587   4.912   1.00 6.86  ? 151 PHE A C   1 
ATOM   611  O  O   . PHE A 1 76  ? -1.400  1.606   4.068   1.00 7.70  ? 151 PHE A O   1 
ATOM   612  C  CB  . PHE A 1 76  ? 0.510   3.783   4.201   1.00 8.27  ? 151 PHE A CB  1 
ATOM   613  C  CG  . PHE A 1 76  ? 0.152   4.755   5.303   1.00 8.54  ? 151 PHE A CG  1 
ATOM   614  C  CD1 . PHE A 1 76  ? 0.175   6.123   5.063   1.00 8.80  ? 151 PHE A CD1 1 
ATOM   615  C  CD2 . PHE A 1 76  ? -0.211  4.308   6.569   1.00 10.30 ? 151 PHE A CD2 1 
ATOM   616  C  CE1 . PHE A 1 76  ? -0.159  7.033   6.064   1.00 11.53 ? 151 PHE A CE1 1 
ATOM   617  C  CE2 . PHE A 1 76  ? -0.547  5.211   7.580   1.00 10.14 ? 151 PHE A CE2 1 
ATOM   618  C  CZ  . PHE A 1 76  ? -0.517  6.577   7.324   1.00 11.34 ? 151 PHE A CZ  1 
ATOM   619  N  N   . THR A 1 77  ? -0.581  0.898   6.043   1.00 7.28  ? 152 THR A N   1 
ATOM   620  C  CA  . THR A 1 77  ? -1.753  0.092   6.379   1.00 8.32  ? 152 THR A CA  1 
ATOM   621  C  C   . THR A 1 77  ? -2.401  0.535   7.685   1.00 8.60  ? 152 THR A C   1 
ATOM   622  O  O   . THR A 1 77  ? -1.755  1.147   8.538   1.00 6.95  ? 152 THR A O   1 
ATOM   623  C  CB  . THR A 1 77  ? -1.376  -1.394  6.521   1.00 8.50  ? 152 THR A CB  1 
ATOM   624  O  OG1 . THR A 1 77  ? -2.528  -2.141  6.917   1.00 12.08 ? 152 THR A OG1 1 
ATOM   625  C  CG2 . THR A 1 77  ? -0.293  -1.574  7.584   1.00 11.55 ? 152 THR A CG2 1 
ATOM   626  N  N   . ALA A 1 78  ? -3.682  0.222   7.834   1.00 8.69  ? 153 ALA A N   1 
ATOM   627  C  CA  . ALA A 1 78  ? -4.421  0.563   9.040   1.00 8.97  ? 153 ALA A CA  1 
ATOM   628  C  C   . ALA A 1 78  ? -4.349  -0.590  10.043  1.00 9.80  ? 153 ALA A C   1 
ATOM   629  O  O   . ALA A 1 78  ? -4.889  -0.499  11.142  1.00 12.02 ? 153 ALA A O   1 
ATOM   630  C  CB  . ALA A 1 78  ? -5.873  0.872   8.696   1.00 8.55  ? 153 ALA A CB  1 
ATOM   631  N  N   . SER A 1 79  ? -3.685  -1.675  9.661   1.00 11.30 ? 154 SER A N   1 
ATOM   632  C  CA  . SER A 1 79  ? -3.552  -2.831  10.544  1.00 12.40 ? 154 SER A CA  1 
ATOM   633  C  C   . SER A 1 79  ? -2.326  -2.698  11.448  1.00 13.27 ? 154 SER A C   1 
ATOM   634  O  O   . SER A 1 79  ? -1.506  -1.795  11.273  1.00 11.87 ? 154 SER A O   1 
ATOM   635  C  CB  . SER A 1 79  ? -3.457  -4.122  9.723   1.00 14.32 ? 154 SER A CB  1 
ATOM   636  O  OG  . SER A 1 79  ? -2.291  -4.140  8.910   1.00 19.13 ? 154 SER A OG  1 
ATOM   637  N  N   . LEU A 1 80  ? -2.205  -3.604  12.412  1.00 13.43 ? 155 LEU A N   1 
ATOM   638  C  CA  . LEU A 1 80  ? -1.088  -3.591  13.351  1.00 14.40 ? 155 LEU A CA  1 
ATOM   639  C  C   . LEU A 1 80  ? 0.163   -4.245  12.767  1.00 13.90 ? 155 LEU A C   1 
ATOM   640  O  O   . LEU A 1 80  ? 0.073   -5.177  11.969  1.00 12.83 ? 155 LEU A O   1 
ATOM   641  C  CB  . LEU A 1 80  ? -1.502  -4.298  14.646  1.00 16.31 ? 155 LEU A CB  1 
ATOM   642  C  CG  . LEU A 1 80  ? -2.755  -3.690  15.291  1.00 18.38 ? 155 LEU A CG  1 
ATOM   643  C  CD1 . LEU A 1 80  ? -3.249  -4.565  16.440  1.00 19.92 ? 155 LEU A CD1 1 
ATOM   644  C  CD2 . LEU A 1 80  ? -2.435  -2.291  15.784  1.00 18.71 ? 155 LEU A CD2 1 
ATOM   645  N  N   . ALA A 1 81  ? 1.331   -3.755  13.174  1.00 13.86 ? 156 ALA A N   1 
ATOM   646  C  CA  . ALA A 1 81  ? 2.601   -4.279  12.680  1.00 13.12 ? 156 ALA A CA  1 
ATOM   647  C  C   . ALA A 1 81  ? 2.824   -5.765  12.961  1.00 13.71 ? 156 ALA A C   1 
ATOM   648  O  O   . ALA A 1 81  ? 3.437   -6.467  12.148  1.00 14.84 ? 156 ALA A O   1 
ATOM   649  C  CB  . ALA A 1 81  ? 3.762   -3.463  13.263  1.00 12.46 ? 156 ALA A CB  1 
ATOM   650  N  N   . LYS A 1 82  ? 2.342   -6.247  14.101  1.00 12.75 ? 157 LYS A N   1 
ATOM   651  C  CA  . LYS A 1 82  ? 2.533   -7.652  14.453  1.00 15.12 ? 157 LYS A CA  1 
ATOM   652  C  C   . LYS A 1 82  ? 2.019   -8.565  13.349  1.00 14.89 ? 157 LYS A C   1 
ATOM   653  O  O   . LYS A 1 82  ? 2.404   -9.730  13.258  1.00 15.91 ? 157 LYS A O   1 
ATOM   654  C  CB  . LYS A 1 82  ? 1.836   -7.979  15.776  1.00 14.57 ? 157 LYS A CB  1 
ATOM   655  C  CG  . LYS A 1 82  ? 0.333   -7.787  15.770  1.00 16.72 ? 157 LYS A CG  1 
ATOM   656  C  CD  . LYS A 1 82  ? -0.246  -8.085  17.149  1.00 18.54 ? 157 LYS A CD  1 
ATOM   657  C  CE  . LYS A 1 82  ? -1.763  -7.975  17.146  1.00 19.99 ? 157 LYS A CE  1 
ATOM   658  N  NZ  . LYS A 1 82  ? -2.335  -8.207  18.503  1.00 22.83 ? 157 LYS A NZ  1 
ATOM   659  N  N   . TYR A 1 83  ? 1.152   -8.020  12.506  1.00 12.89 ? 158 TYR A N   1 
ATOM   660  C  CA  . TYR A 1 83  ? 0.593   -8.769  11.393  1.00 12.53 ? 158 TYR A CA  1 
ATOM   661  C  C   . TYR A 1 83  ? 1.204   -8.305  10.073  1.00 13.08 ? 158 TYR A C   1 
ATOM   662  O  O   . TYR A 1 83  ? 1.777   -9.101  9.327   1.00 12.95 ? 158 TYR A O   1 
ATOM   663  C  CB  . TYR A 1 83  ? -0.928  -8.590  11.355  1.00 14.09 ? 158 TYR A CB  1 
ATOM   664  C  CG  . TYR A 1 83  ? -1.538  -8.761  9.981   1.00 12.64 ? 158 TYR A CG  1 
ATOM   665  C  CD1 . TYR A 1 83  ? -1.619  -10.017 9.377   1.00 12.47 ? 158 TYR A CD1 1 
ATOM   666  C  CD2 . TYR A 1 83  ? -2.016  -7.656  9.276   1.00 13.02 ? 158 TYR A CD2 1 
ATOM   667  C  CE1 . TYR A 1 83  ? -2.162  -10.164 8.104   1.00 10.22 ? 158 TYR A CE1 1 
ATOM   668  C  CE2 . TYR A 1 83  ? -2.557  -7.790  8.007   1.00 10.95 ? 158 TYR A CE2 1 
ATOM   669  C  CZ  . TYR A 1 83  ? -2.627  -9.043  7.426   1.00 9.86  ? 158 TYR A CZ  1 
ATOM   670  O  OH  . TYR A 1 83  ? -3.156  -9.165  6.168   1.00 10.89 ? 158 TYR A OH  1 
ATOM   671  N  N   . ALA A 1 84  ? 1.093   -7.007  9.798   1.00 12.75 ? 159 ALA A N   1 
ATOM   672  C  CA  . ALA A 1 84  ? 1.604   -6.434  8.554   1.00 12.75 ? 159 ALA A CA  1 
ATOM   673  C  C   . ALA A 1 84  ? 3.106   -6.596  8.312   1.00 13.14 ? 159 ALA A C   1 
ATOM   674  O  O   . ALA A 1 84  ? 3.522   -6.860  7.187   1.00 12.71 ? 159 ALA A O   1 
ATOM   675  C  CB  . ALA A 1 84  ? 1.217   -4.952  8.468   1.00 13.04 ? 159 ALA A CB  1 
ATOM   676  N  N   . ASP A 1 85  ? 3.920   -6.439  9.354   1.00 14.47 ? 160 ASP A N   1 
ATOM   677  C  CA  . ASP A 1 85  ? 5.370   -6.564  9.201   1.00 16.21 ? 160 ASP A CA  1 
ATOM   678  C  C   . ASP A 1 85  ? 5.798   -7.907  8.614   1.00 14.99 ? 160 ASP A C   1 
ATOM   679  O  O   . ASP A 1 85  ? 6.509   -7.947  7.610   1.00 15.38 ? 160 ASP A O   1 
ATOM   680  C  CB  . ASP A 1 85  ? 6.088   -6.344  10.536  1.00 17.96 ? 160 ASP A CB  1 
ATOM   681  C  CG  . ASP A 1 85  ? 6.874   -5.053  10.561  1.00 21.82 ? 160 ASP A CG  1 
ATOM   682  O  OD1 . ASP A 1 85  ? 7.332   -4.611  9.482   1.00 20.80 ? 160 ASP A OD1 1 
ATOM   683  O  OD2 . ASP A 1 85  ? 7.043   -4.486  11.661  1.00 25.58 ? 160 ASP A OD2 1 
ATOM   684  N  N   . PRO A 1 86  ? 5.377   -9.023  9.234   1.00 15.10 ? 161 PRO A N   1 
ATOM   685  C  CA  . PRO A 1 86  ? 5.747   -10.342 8.716   1.00 13.65 ? 161 PRO A CA  1 
ATOM   686  C  C   . PRO A 1 86  ? 5.255   -10.538 7.284   1.00 12.61 ? 161 PRO A C   1 
ATOM   687  O  O   . PRO A 1 86  ? 5.940   -11.141 6.461   1.00 12.73 ? 161 PRO A O   1 
ATOM   688  C  CB  . PRO A 1 86  ? 5.064   -11.298 9.689   1.00 14.31 ? 161 PRO A CB  1 
ATOM   689  C  CG  . PRO A 1 86  ? 5.043   -10.523 10.963  1.00 16.78 ? 161 PRO A CG  1 
ATOM   690  C  CD  . PRO A 1 86  ? 4.641   -9.154  10.502  1.00 15.13 ? 161 PRO A CD  1 
ATOM   691  N  N   . VAL A 1 87  ? 4.060   -10.034 6.987   1.00 12.78 ? 162 VAL A N   1 
ATOM   692  C  CA  . VAL A 1 87  ? 3.513   -10.175 5.640   1.00 11.64 ? 162 VAL A CA  1 
ATOM   693  C  C   . VAL A 1 87  ? 4.353   -9.375  4.654   1.00 11.55 ? 162 VAL A C   1 
ATOM   694  O  O   . VAL A 1 87  ? 4.643   -9.844  3.551   1.00 13.79 ? 162 VAL A O   1 
ATOM   695  C  CB  . VAL A 1 87  ? 2.047   -9.706  5.569   1.00 10.65 ? 162 VAL A CB  1 
ATOM   696  C  CG1 . VAL A 1 87  ? 1.560   -9.727  4.127   1.00 10.49 ? 162 VAL A CG1 1 
ATOM   697  C  CG2 . VAL A 1 87  ? 1.176   -10.620 6.416   1.00 9.84  ? 162 VAL A CG2 1 
ATOM   698  N  N   . ALA A 1 88  ? 4.747   -8.168  5.055   1.00 12.10 ? 163 ALA A N   1 
ATOM   699  C  CA  . ALA A 1 88  ? 5.575   -7.317  4.207   1.00 12.27 ? 163 ALA A CA  1 
ATOM   700  C  C   . ALA A 1 88  ? 6.937   -7.983  3.990   1.00 12.64 ? 163 ALA A C   1 
ATOM   701  O  O   . ALA A 1 88  ? 7.513   -7.887  2.909   1.00 12.65 ? 163 ALA A O   1 
ATOM   702  C  CB  . ALA A 1 88  ? 5.758   -5.951  4.852   1.00 10.75 ? 163 ALA A CB  1 
ATOM   703  N  N   . ASP A 1 89  ? 7.446   -8.658  5.019   1.00 13.98 ? 164 ASP A N   1 
ATOM   704  C  CA  . ASP A 1 89  ? 8.734   -9.340  4.911   1.00 14.40 ? 164 ASP A CA  1 
ATOM   705  C  C   . ASP A 1 89  ? 8.680   -10.429 3.841   1.00 15.72 ? 164 ASP A C   1 
ATOM   706  O  O   . ASP A 1 89  ? 9.633   -10.622 3.089   1.00 16.08 ? 164 ASP A O   1 
ATOM   707  C  CB  . ASP A 1 89  ? 9.135   -9.976  6.248   1.00 14.49 ? 164 ASP A CB  1 
ATOM   708  C  CG  . ASP A 1 89  ? 9.620   -8.956  7.269   1.00 15.53 ? 164 ASP A CG  1 
ATOM   709  O  OD1 . ASP A 1 89  ? 9.955   -7.812  6.878   1.00 12.38 ? 164 ASP A OD1 1 
ATOM   710  O  OD2 . ASP A 1 89  ? 9.681   -9.314  8.467   1.00 14.48 ? 164 ASP A OD2 1 
ATOM   711  N  N   . LEU A 1 90  ? 7.560   -11.141 3.787   1.00 16.12 ? 165 LEU A N   1 
ATOM   712  C  CA  . LEU A 1 90  ? 7.363   -12.212 2.815   1.00 15.06 ? 165 LEU A CA  1 
ATOM   713  C  C   . LEU A 1 90  ? 7.048   -11.673 1.417   1.00 14.65 ? 165 LEU A C   1 
ATOM   714  O  O   . LEU A 1 90  ? 7.367   -12.306 0.410   1.00 14.94 ? 165 LEU A O   1 
ATOM   715  C  CB  . LEU A 1 90  ? 6.228   -13.126 3.285   1.00 17.16 ? 165 LEU A CB  1 
ATOM   716  C  CG  . LEU A 1 90  ? 6.504   -13.949 4.549   1.00 18.66 ? 165 LEU A CG  1 
ATOM   717  C  CD1 . LEU A 1 90  ? 5.196   -14.439 5.151   1.00 20.01 ? 165 LEU A CD1 1 
ATOM   718  C  CD2 . LEU A 1 90  ? 7.414   -15.120 4.205   1.00 19.20 ? 165 LEU A CD2 1 
ATOM   719  N  N   . LEU A 1 91  ? 6.424   -10.500 1.357   1.00 14.88 ? 166 LEU A N   1 
ATOM   720  C  CA  . LEU A 1 91  ? 6.060   -9.885  0.078   1.00 14.35 ? 166 LEU A CA  1 
ATOM   721  C  C   . LEU A 1 91  ? 7.204   -9.188  -0.654  1.00 14.93 ? 166 LEU A C   1 
ATOM   722  O  O   . LEU A 1 91  ? 7.521   -9.526  -1.794  1.00 14.45 ? 166 LEU A O   1 
ATOM   723  C  CB  . LEU A 1 91  ? 4.925   -8.868  0.281   1.00 14.59 ? 166 LEU A CB  1 
ATOM   724  C  CG  . LEU A 1 91  ? 3.508   -9.400  0.508   1.00 14.21 ? 166 LEU A CG  1 
ATOM   725  C  CD1 . LEU A 1 91  ? 2.565   -8.244  0.828   1.00 15.86 ? 166 LEU A CD1 1 
ATOM   726  C  CD2 . LEU A 1 91  ? 3.039   -10.137 -0.738  1.00 14.14 ? 166 LEU A CD2 1 
ATOM   727  N  N   . ASP A 1 92  ? 7.817   -8.212  0.009   1.00 16.45 ? 167 ASP A N   1 
ATOM   728  C  CA  . ASP A 1 92  ? 8.894   -7.425  -0.581  1.00 16.34 ? 167 ASP A CA  1 
ATOM   729  C  C   . ASP A 1 92  ? 10.257  -8.116  -0.669  1.00 18.70 ? 167 ASP A C   1 
ATOM   730  O  O   . ASP A 1 92  ? 11.042  -8.101  0.281   1.00 16.94 ? 167 ASP A O   1 
ATOM   731  C  CB  . ASP A 1 92  ? 9.028   -6.110  0.185   1.00 17.13 ? 167 ASP A CB  1 
ATOM   732  C  CG  . ASP A 1 92  ? 9.960   -5.136  -0.494  1.00 18.38 ? 167 ASP A CG  1 
ATOM   733  O  OD1 . ASP A 1 92  ? 10.392  -5.425  -1.628  1.00 17.02 ? 167 ASP A OD1 1 
ATOM   734  O  OD2 . ASP A 1 92  ? 10.253  -4.079  0.107   1.00 20.45 ? 167 ASP A OD2 1 
ATOM   735  N  N   . LYS A 1 93  ? 10.537  -8.706  -1.829  1.00 20.60 ? 168 LYS A N   1 
ATOM   736  C  CA  . LYS A 1 93  ? 11.803  -9.394  -2.057  1.00 23.29 ? 168 LYS A CA  1 
ATOM   737  C  C   . LYS A 1 93  ? 12.753  -8.498  -2.842  1.00 23.32 ? 168 LYS A C   1 
ATOM   738  O  O   . LYS A 1 93  ? 13.849  -8.916  -3.209  1.00 23.82 ? 168 LYS A O   1 
ATOM   739  C  CB  . LYS A 1 93  ? 11.578  -10.678 -2.857  1.00 25.21 ? 168 LYS A CB  1 
ATOM   740  C  CG  . LYS A 1 93  ? 10.718  -11.724 -2.178  1.00 29.10 ? 168 LYS A CG  1 
ATOM   741  C  CD  . LYS A 1 93  ? 10.576  -12.941 -3.082  1.00 32.64 ? 168 LYS A CD  1 
ATOM   742  C  CE  . LYS A 1 93  ? 9.894   -14.094 -2.371  1.00 35.21 ? 168 LYS A CE  1 
ATOM   743  N  NZ  . LYS A 1 93  ? 8.511   -13.755 -1.956  1.00 37.11 ? 168 LYS A NZ  1 
ATOM   744  N  N   . TRP A 1 94  ? 12.335  -7.263  -3.090  1.00 23.68 ? 169 TRP A N   1 
ATOM   745  C  CA  . TRP A 1 94  ? 13.152  -6.340  -3.868  1.00 23.22 ? 169 TRP A CA  1 
ATOM   746  C  C   . TRP A 1 94  ? 13.435  -5.042  -3.135  1.00 22.81 ? 169 TRP A C   1 
ATOM   747  O  O   . TRP A 1 94  ? 14.013  -4.119  -3.704  1.00 23.28 ? 169 TRP A O   1 
ATOM   748  C  CB  . TRP A 1 94  ? 12.447  -6.048  -5.192  1.00 22.91 ? 169 TRP A CB  1 
ATOM   749  C  CG  . TRP A 1 94  ? 12.058  -7.302  -5.899  1.00 22.37 ? 169 TRP A CG  1 
ATOM   750  C  CD1 . TRP A 1 94  ? 12.827  -8.033  -6.757  1.00 23.90 ? 169 TRP A CD1 1 
ATOM   751  C  CD2 . TRP A 1 94  ? 10.841  -8.036  -5.728  1.00 22.85 ? 169 TRP A CD2 1 
ATOM   752  N  NE1 . TRP A 1 94  ? 12.166  -9.178  -7.129  1.00 23.34 ? 169 TRP A NE1 1 
ATOM   753  C  CE2 . TRP A 1 94  ? 10.941  -9.206  -6.512  1.00 22.51 ? 169 TRP A CE2 1 
ATOM   754  C  CE3 . TRP A 1 94  ? 9.669   -7.818  -4.988  1.00 23.35 ? 169 TRP A CE3 1 
ATOM   755  C  CZ2 . TRP A 1 94  ? 9.923   -10.160 -6.573  1.00 22.13 ? 169 TRP A CZ2 1 
ATOM   756  C  CZ3 . TRP A 1 94  ? 8.653   -8.770  -5.050  1.00 20.77 ? 169 TRP A CZ3 1 
ATOM   757  C  CH2 . TRP A 1 94  ? 8.789   -9.923  -5.839  1.00 22.02 ? 169 TRP A CH2 1 
ATOM   758  N  N   . GLY A 1 95  ? 13.037  -4.976  -1.870  1.00 22.13 ? 170 GLY A N   1 
ATOM   759  C  CA  . GLY A 1 95  ? 13.256  -3.765  -1.106  1.00 19.24 ? 170 GLY A CA  1 
ATOM   760  C  C   . GLY A 1 95  ? 12.513  -2.617  -1.758  1.00 19.06 ? 170 GLY A C   1 
ATOM   761  O  O   . GLY A 1 95  ? 12.998  -1.484  -1.799  1.00 17.46 ? 170 GLY A O   1 
ATOM   762  N  N   . ALA A 1 96  ? 11.331  -2.919  -2.283  1.00 16.21 ? 171 ALA A N   1 
ATOM   763  C  CA  . ALA A 1 96  ? 10.502  -1.920  -2.942  1.00 16.58 ? 171 ALA A CA  1 
ATOM   764  C  C   . ALA A 1 96  ? 10.010  -0.879  -1.941  1.00 15.17 ? 171 ALA A C   1 
ATOM   765  O  O   . ALA A 1 96  ? 9.955   0.306   -2.253  1.00 13.97 ? 171 ALA A O   1 
ATOM   766  C  CB  . ALA A 1 96  ? 9.314   -2.598  -3.627  1.00 16.29 ? 171 ALA A CB  1 
ATOM   767  N  N   . PHE A 1 97  ? 9.662   -1.332  -0.738  1.00 15.45 ? 172 PHE A N   1 
ATOM   768  C  CA  . PHE A 1 97  ? 9.176   -0.443  0.321   1.00 15.01 ? 172 PHE A CA  1 
ATOM   769  C  C   . PHE A 1 97  ? 10.295  0.336   1.002   1.00 15.65 ? 172 PHE A C   1 
ATOM   770  O  O   . PHE A 1 97  ? 11.110  -0.245  1.723   1.00 15.72 ? 172 PHE A O   1 
ATOM   771  C  CB  . PHE A 1 97  ? 8.430   -1.255  1.384   1.00 14.00 ? 172 PHE A CB  1 
ATOM   772  C  CG  . PHE A 1 97  ? 7.165   -1.886  0.885   1.00 13.49 ? 172 PHE A CG  1 
ATOM   773  C  CD1 . PHE A 1 97  ? 6.861   -3.203  1.204   1.00 11.04 ? 172 PHE A CD1 1 
ATOM   774  C  CD2 . PHE A 1 97  ? 6.273   -1.159  0.098   1.00 12.86 ? 172 PHE A CD2 1 
ATOM   775  C  CE1 . PHE A 1 97  ? 5.682   -3.794  0.744   1.00 14.67 ? 172 PHE A CE1 1 
ATOM   776  C  CE2 . PHE A 1 97  ? 5.092   -1.739  -0.367  1.00 13.64 ? 172 PHE A CE2 1 
ATOM   777  C  CZ  . PHE A 1 97  ? 4.797   -3.060  -0.044  1.00 11.03 ? 172 PHE A CZ  1 
ATOM   778  N  N   . ARG A 1 98  ? 10.324  1.649   0.784   1.00 15.56 ? 173 ARG A N   1 
ATOM   779  C  CA  . ARG A 1 98  ? 11.342  2.508   1.391   1.00 16.27 ? 173 ARG A CA  1 
ATOM   780  C  C   . ARG A 1 98  ? 11.029  2.682   2.876   1.00 15.34 ? 173 ARG A C   1 
ATOM   781  O  O   . ARG A 1 98  ? 11.915  2.956   3.682   1.00 12.94 ? 173 ARG A O   1 
ATOM   782  C  CB  . ARG A 1 98  ? 11.350  3.893   0.736   1.00 19.45 ? 173 ARG A CB  1 
ATOM   783  C  CG  . ARG A 1 98  ? 11.243  3.907   -0.784  1.00 23.30 ? 173 ARG A CG  1 
ATOM   784  C  CD  . ARG A 1 98  ? 12.511  3.452   -1.471  1.00 24.71 ? 173 ARG A CD  1 
ATOM   785  N  NE  . ARG A 1 98  ? 12.431  3.675   -2.912  1.00 27.20 ? 173 ARG A NE  1 
ATOM   786  C  CZ  . ARG A 1 98  ? 13.356  3.293   -3.787  1.00 30.27 ? 173 ARG A CZ  1 
ATOM   787  N  NH1 . ARG A 1 98  ? 14.448  2.658   -3.372  1.00 34.03 ? 173 ARG A NH1 1 
ATOM   788  N  NH2 . ARG A 1 98  ? 13.188  3.543   -5.078  1.00 28.78 ? 173 ARG A NH2 1 
ATOM   789  N  N   . ALA A 1 99  ? 9.755   2.537   3.225   1.00 14.60 ? 174 ALA A N   1 
ATOM   790  C  CA  . ALA A 1 99  ? 9.318   2.682   4.608   1.00 13.08 ? 174 ALA A CA  1 
ATOM   791  C  C   . ALA A 1 99  ? 8.000   1.950   4.819   1.00 12.42 ? 174 ALA A C   1 
ATOM   792  O  O   . ALA A 1 99  ? 7.262   1.697   3.870   1.00 11.37 ? 174 ALA A O   1 
ATOM   793  C  CB  . ALA A 1 99  ? 9.156   4.158   4.952   1.00 14.27 ? 174 ALA A CB  1 
ATOM   794  N  N   . ARG A 1 100 ? 7.716   1.608   6.070   1.00 10.46 ? 175 ARG A N   1 
ATOM   795  C  CA  . ARG A 1 100 ? 6.487   0.909   6.419   1.00 10.71 ? 175 ARG A CA  1 
ATOM   796  C  C   . ARG A 1 100 ? 5.763   1.673   7.524   1.00 11.45 ? 175 ARG A C   1 
ATOM   797  O  O   . ARG A 1 100 ? 6.345   1.956   8.579   1.00 10.23 ? 175 ARG A O   1 
ATOM   798  C  CB  . ARG A 1 100 ? 6.801   -0.512  6.894   1.00 8.46  ? 175 ARG A CB  1 
ATOM   799  C  CG  . ARG A 1 100 ? 7.536   -1.360  5.873   1.00 7.88  ? 175 ARG A CG  1 
ATOM   800  C  CD  . ARG A 1 100 ? 7.904   -2.713  6.473   1.00 11.59 ? 175 ARG A CD  1 
ATOM   801  N  NE  . ARG A 1 100 ? 8.742   -3.512  5.580   1.00 10.05 ? 175 ARG A NE  1 
ATOM   802  C  CZ  . ARG A 1 100 ? 9.043   -4.790  5.789   1.00 11.48 ? 175 ARG A CZ  1 
ATOM   803  N  NH1 . ARG A 1 100 ? 8.574   -5.421  6.856   1.00 11.38 ? 175 ARG A NH1 1 
ATOM   804  N  NH2 . ARG A 1 100 ? 9.825   -5.438  4.938   1.00 11.18 ? 175 ARG A NH2 1 
ATOM   805  N  N   . LEU A 1 101 ? 4.496   1.999   7.274   1.00 10.56 ? 176 LEU A N   1 
ATOM   806  C  CA  . LEU A 1 101 ? 3.668   2.744   8.225   1.00 10.98 ? 176 LEU A CA  1 
ATOM   807  C  C   . LEU A 1 101 ? 2.442   1.913   8.606   1.00 9.88  ? 176 LEU A C   1 
ATOM   808  O  O   . LEU A 1 101 ? 1.778   1.353   7.740   1.00 11.34 ? 176 LEU A O   1 
ATOM   809  C  CB  . LEU A 1 101 ? 3.224   4.071   7.592   1.00 10.20 ? 176 LEU A CB  1 
ATOM   810  C  CG  . LEU A 1 101 ? 4.380   4.935   7.072   1.00 12.45 ? 176 LEU A CG  1 
ATOM   811  C  CD1 . LEU A 1 101 ? 3.848   6.089   6.224   1.00 10.80 ? 176 LEU A CD1 1 
ATOM   812  C  CD2 . LEU A 1 101 ? 5.192   5.452   8.259   1.00 11.40 ? 176 LEU A CD2 1 
ATOM   813  N  N   . PHE A 1 102 ? 2.133   1.846   9.899   1.00 10.03 ? 177 PHE A N   1 
ATOM   814  C  CA  . PHE A 1 102 ? 0.999   1.050   10.356  1.00 8.44  ? 177 PHE A CA  1 
ATOM   815  C  C   . PHE A 1 102 ? -0.129  1.860   11.002  1.00 8.71  ? 177 PHE A C   1 
ATOM   816  O  O   . PHE A 1 102 ? -0.192  3.087   10.881  1.00 7.47  ? 177 PHE A O   1 
ATOM   817  C  CB  . PHE A 1 102 ? 1.488   -0.037  11.328  1.00 9.38  ? 177 PHE A CB  1 
ATOM   818  C  CG  . PHE A 1 102 ? 2.731   -0.750  10.860  1.00 10.36 ? 177 PHE A CG  1 
ATOM   819  C  CD1 . PHE A 1 102 ? 3.997   -0.239  11.153  1.00 8.18  ? 177 PHE A CD1 1 
ATOM   820  C  CD2 . PHE A 1 102 ? 2.639   -1.895  10.069  1.00 10.46 ? 177 PHE A CD2 1 
ATOM   821  C  CE1 . PHE A 1 102 ? 5.152   -0.858  10.662  1.00 8.98  ? 177 PHE A CE1 1 
ATOM   822  C  CE2 . PHE A 1 102 ? 3.788   -2.521  9.572   1.00 8.29  ? 177 PHE A CE2 1 
ATOM   823  C  CZ  . PHE A 1 102 ? 5.045   -2.001  9.866   1.00 8.83  ? 177 PHE A CZ  1 
ATOM   824  N  N   . ARG A 1 103 ? -1.019  1.151   11.688  1.00 9.69  ? 178 ARG A N   1 
ATOM   825  C  CA  . ARG A 1 103 ? -2.170  1.749   12.360  1.00 12.06 ? 178 ARG A CA  1 
ATOM   826  C  C   . ARG A 1 103 ? -1.940  3.090   13.073  1.00 11.74 ? 178 ARG A C   1 
ATOM   827  O  O   . ARG A 1 103 ? -2.679  4.044   12.835  1.00 10.55 ? 178 ARG A O   1 
ATOM   828  C  CB  . ARG A 1 103 ? -2.753  0.753   13.359  1.00 13.44 ? 178 ARG A CB  1 
ATOM   829  C  CG  . ARG A 1 103 ? -3.827  1.337   14.261  1.00 20.59 ? 178 ARG A CG  1 
ATOM   830  C  CD  . ARG A 1 103 ? -5.187  0.782   13.922  1.00 21.07 ? 178 ARG A CD  1 
ATOM   831  N  NE  . ARG A 1 103 ? -5.250  -0.657  14.138  1.00 23.97 ? 178 ARG A NE  1 
ATOM   832  C  CZ  . ARG A 1 103 ? -6.280  -1.416  13.781  1.00 25.99 ? 178 ARG A CZ  1 
ATOM   833  N  NH1 . ARG A 1 103 ? -7.330  -0.867  13.190  1.00 28.49 ? 178 ARG A NH1 1 
ATOM   834  N  NH2 . ARG A 1 103 ? -6.258  -2.721  14.011  1.00 27.95 ? 178 ARG A NH2 1 
ATOM   835  N  N   . GLU A 1 104 ? -0.931  3.156   13.944  1.00 11.04 ? 179 GLU A N   1 
ATOM   836  C  CA  . GLU A 1 104 ? -0.647  4.377   14.712  1.00 12.01 ? 179 GLU A CA  1 
ATOM   837  C  C   . GLU A 1 104 ? -0.363  5.614   13.871  1.00 10.74 ? 179 GLU A C   1 
ATOM   838  O  O   . GLU A 1 104 ? -0.521  6.735   14.353  1.00 10.01 ? 179 GLU A O   1 
ATOM   839  C  CB  . GLU A 1 104 ? 0.553   4.185   15.649  1.00 13.78 ? 179 GLU A CB  1 
ATOM   840  C  CG  . GLU A 1 104 ? 0.764   2.784   16.163  1.00 18.34 ? 179 GLU A CG  1 
ATOM   841  C  CD  . GLU A 1 104 ? 1.335   1.871   15.099  1.00 18.53 ? 179 GLU A CD  1 
ATOM   842  O  OE1 . GLU A 1 104 ? 0.650   0.892   14.749  1.00 17.67 ? 179 GLU A OE1 1 
ATOM   843  O  OE2 . GLU A 1 104 ? 2.462   2.138   14.616  1.00 18.77 ? 179 GLU A OE2 1 
ATOM   844  N  N   . SER A 1 105 ? 0.079   5.411   12.635  1.00 7.98  ? 180 SER A N   1 
ATOM   845  C  CA  . SER A 1 105 ? 0.402   6.528   11.759  1.00 9.26  ? 180 SER A CA  1 
ATOM   846  C  C   . SER A 1 105 ? -0.826  7.116   11.075  1.00 9.61  ? 180 SER A C   1 
ATOM   847  O  O   . SER A 1 105 ? -0.748  8.184   10.465  1.00 8.90  ? 180 SER A O   1 
ATOM   848  C  CB  . SER A 1 105 ? 1.433   6.088   10.716  1.00 7.77  ? 180 SER A CB  1 
ATOM   849  O  OG  . SER A 1 105 ? 2.645   5.729   11.357  1.00 6.48  ? 180 SER A OG  1 
ATOM   850  N  N   . CYS A 1 106 ? -1.951  6.412   11.169  1.00 11.14 ? 181 CYS A N   1 
ATOM   851  C  CA  . CYS A 1 106 ? -3.203  6.888   10.583  1.00 10.80 ? 181 CYS A CA  1 
ATOM   852  C  C   . CYS A 1 106 ? -3.826  7.864   11.575  1.00 10.75 ? 181 CYS A C   1 
ATOM   853  O  O   . CYS A 1 106 ? -3.491  7.854   12.757  1.00 10.45 ? 181 CYS A O   1 
ATOM   854  C  CB  . CYS A 1 106 ? -4.193  5.729   10.359  1.00 11.25 ? 181 CYS A CB  1 
ATOM   855  S  SG  . CYS A 1 106 ? -3.729  4.438   9.159   1.00 14.88 ? 181 CYS A SG  1 
ATOM   856  N  N   . VAL A 1 107 ? -4.730  8.711   11.096  1.00 11.10 ? 182 VAL A N   1 
ATOM   857  C  CA  . VAL A 1 107 ? -5.413  9.650   11.975  1.00 9.64  ? 182 VAL A CA  1 
ATOM   858  C  C   . VAL A 1 107 ? -6.860  9.161   12.100  1.00 9.77  ? 182 VAL A C   1 
ATOM   859  O  O   . VAL A 1 107 ? -7.557  9.008   11.100  1.00 9.72  ? 182 VAL A O   1 
ATOM   860  C  CB  . VAL A 1 107 ? -5.385  11.098  11.413  1.00 9.46  ? 182 VAL A CB  1 
ATOM   861  C  CG1 . VAL A 1 107 ? -6.058  11.161  10.039  1.00 5.14  ? 182 VAL A CG1 1 
ATOM   862  C  CG2 . VAL A 1 107 ? -6.081  12.036  12.382  1.00 8.14  ? 182 VAL A CG2 1 
ATOM   863  N  N   . PHE A 1 108 ? -7.298  8.884   13.324  1.00 9.19  ? 183 PHE A N   1 
ATOM   864  C  CA  . PHE A 1 108 ? -8.659  8.404   13.537  1.00 10.90 ? 183 PHE A CA  1 
ATOM   865  C  C   . PHE A 1 108 ? -9.639  9.566   13.380  1.00 10.73 ? 183 PHE A C   1 
ATOM   866  O  O   . PHE A 1 108 ? -10.037 10.200  14.358  1.00 10.65 ? 183 PHE A O   1 
ATOM   867  C  CB  . PHE A 1 108 ? -8.793  7.784   14.927  1.00 11.06 ? 183 PHE A CB  1 
ATOM   868  C  CG  . PHE A 1 108 ? -9.981  6.885   15.065  1.00 12.21 ? 183 PHE A CG  1 
ATOM   869  C  CD1 . PHE A 1 108 ? -10.096 5.749   14.271  1.00 10.33 ? 183 PHE A CD1 1 
ATOM   870  C  CD2 . PHE A 1 108 ? -10.997 7.181   15.969  1.00 9.66  ? 183 PHE A CD2 1 
ATOM   871  C  CE1 . PHE A 1 108 ? -11.203 4.916   14.370  1.00 10.45 ? 183 PHE A CE1 1 
ATOM   872  C  CE2 . PHE A 1 108 ? -12.108 6.355   16.076  1.00 12.25 ? 183 PHE A CE2 1 
ATOM   873  C  CZ  . PHE A 1 108 ? -12.211 5.217   15.273  1.00 13.36 ? 183 PHE A CZ  1 
ATOM   874  N  N   . HIS A 1 109 ? -10.026 9.822   12.135  1.00 9.09  ? 184 HIS A N   1 
ATOM   875  C  CA  . HIS A 1 109 ? -10.916 10.924  11.793  1.00 10.69 ? 184 HIS A CA  1 
ATOM   876  C  C   . HIS A 1 109 ? -12.352 10.486  11.480  1.00 10.47 ? 184 HIS A C   1 
ATOM   877  O  O   . HIS A 1 109 ? -12.602 9.719   10.547  1.00 9.53  ? 184 HIS A O   1 
ATOM   878  C  CB  . HIS A 1 109 ? -10.284 11.691  10.617  1.00 10.88 ? 184 HIS A CB  1 
ATOM   879  C  CG  . HIS A 1 109 ? -11.148 12.767  10.040  1.00 11.57 ? 184 HIS A CG  1 
ATOM   880  N  ND1 . HIS A 1 109 ? -11.956 12.562  8.944   1.00 11.12 ? 184 HIS A ND1 1 
ATOM   881  C  CD2 . HIS A 1 109 ? -11.301 14.069  10.381  1.00 11.95 ? 184 HIS A CD2 1 
ATOM   882  C  CE1 . HIS A 1 109 ? -12.567 13.691  8.631   1.00 10.59 ? 184 HIS A CE1 1 
ATOM   883  N  NE2 . HIS A 1 109 ? -12.186 14.621  9.487   1.00 11.69 ? 184 HIS A NE2 1 
ATOM   884  N  N   . ARG A 1 110 ? -13.284 10.988  12.285  1.00 10.07 ? 185 ARG A N   1 
ATOM   885  C  CA  . ARG A 1 110 ? -14.702 10.680  12.162  1.00 9.90  ? 185 ARG A CA  1 
ATOM   886  C  C   . ARG A 1 110 ? -14.954 9.179   12.017  1.00 10.94 ? 185 ARG A C   1 
ATOM   887  O  O   . ARG A 1 110 ? -15.613 8.731   11.080  1.00 10.46 ? 185 ARG A O   1 
ATOM   888  C  CB  . ARG A 1 110 ? -15.315 11.460  10.987  1.00 10.72 ? 185 ARG A CB  1 
ATOM   889  C  CG  . ARG A 1 110 ? -15.083 12.964  11.092  1.00 10.14 ? 185 ARG A CG  1 
ATOM   890  C  CD  . ARG A 1 110 ? -15.770 13.763  9.983   1.00 12.78 ? 185 ARG A CD  1 
ATOM   891  N  NE  . ARG A 1 110 ? -17.144 14.120  10.321  1.00 10.74 ? 185 ARG A NE  1 
ATOM   892  C  CZ  . ARG A 1 110 ? -18.220 13.591  9.748   1.00 12.31 ? 185 ARG A CZ  1 
ATOM   893  N  NH1 . ARG A 1 110 ? -18.087 12.672  8.801   1.00 10.10 ? 185 ARG A NH1 1 
ATOM   894  N  NH2 . ARG A 1 110 ? -19.432 13.991  10.114  1.00 11.81 ? 185 ARG A NH2 1 
ATOM   895  N  N   . GLY A 1 111 ? -14.401 8.412   12.955  1.00 11.86 ? 186 GLY A N   1 
ATOM   896  C  CA  . GLY A 1 111 ? -14.588 6.972   12.969  1.00 11.87 ? 186 GLY A CA  1 
ATOM   897  C  C   . GLY A 1 111 ? -13.805 6.099   12.001  1.00 13.57 ? 186 GLY A C   1 
ATOM   898  O  O   . GLY A 1 111 ? -13.981 4.885   12.018  1.00 13.36 ? 186 GLY A O   1 
ATOM   899  N  N   . ASN A 1 112 ? -12.937 6.688   11.180  1.00 12.12 ? 187 ASN A N   1 
ATOM   900  C  CA  . ASN A 1 112 ? -12.157 5.921   10.206  1.00 13.15 ? 187 ASN A CA  1 
ATOM   901  C  C   . ASN A 1 112 ? -10.648 6.153   10.332  1.00 11.34 ? 187 ASN A C   1 
ATOM   902  O  O   . ASN A 1 112 ? -10.210 7.221   10.744  1.00 9.22  ? 187 ASN A O   1 
ATOM   903  C  CB  . ASN A 1 112 ? -12.575 6.301   8.774   1.00 13.64 ? 187 ASN A CB  1 
ATOM   904  C  CG  . ASN A 1 112 ? -14.034 5.995   8.481   1.00 18.32 ? 187 ASN A CG  1 
ATOM   905  O  OD1 . ASN A 1 112 ? -14.427 4.837   8.363   1.00 23.26 ? 187 ASN A OD1 1 
ATOM   906  N  ND2 . ASN A 1 112 ? -14.844 7.037   8.364   1.00 20.44 ? 187 ASN A ND2 1 
ATOM   907  N  N   . TYR A 1 113 ? -9.858  5.145   9.970   1.00 10.06 ? 188 TYR A N   1 
ATOM   908  C  CA  . TYR A 1 113 ? -8.407  5.276   9.992   1.00 10.92 ? 188 TYR A CA  1 
ATOM   909  C  C   . TYR A 1 113 ? -7.995  5.913   8.664   1.00 11.21 ? 188 TYR A C   1 
ATOM   910  O  O   . TYR A 1 113 ? -7.872  5.238   7.642   1.00 12.09 ? 188 TYR A O   1 
ATOM   911  C  CB  . TYR A 1 113 ? -7.738  3.907   10.162  1.00 11.93 ? 188 TYR A CB  1 
ATOM   912  C  CG  . TYR A 1 113 ? -7.871  3.352   11.560  1.00 14.97 ? 188 TYR A CG  1 
ATOM   913  C  CD1 . TYR A 1 113 ? -8.792  2.345   11.850  1.00 16.71 ? 188 TYR A CD1 1 
ATOM   914  C  CD2 . TYR A 1 113 ? -7.111  3.872   12.610  1.00 15.75 ? 188 TYR A CD2 1 
ATOM   915  C  CE1 . TYR A 1 113 ? -8.958  1.873   13.153  1.00 17.59 ? 188 TYR A CE1 1 
ATOM   916  C  CE2 . TYR A 1 113 ? -7.269  3.409   13.914  1.00 16.83 ? 188 TYR A CE2 1 
ATOM   917  C  CZ  . TYR A 1 113 ? -8.195  2.411   14.178  1.00 19.13 ? 188 TYR A CZ  1 
ATOM   918  O  OH  . TYR A 1 113 ? -8.378  1.969   15.472  1.00 21.62 ? 188 TYR A OH  1 
ATOM   919  N  N   . VAL A 1 114 ? -7.792  7.224   8.689   1.00 10.80 ? 189 VAL A N   1 
ATOM   920  C  CA  . VAL A 1 114 ? -7.428  7.966   7.495   1.00 9.84  ? 189 VAL A CA  1 
ATOM   921  C  C   . VAL A 1 114 ? -5.922  8.110   7.335   1.00 10.15 ? 189 VAL A C   1 
ATOM   922  O  O   . VAL A 1 114 ? -5.180  8.261   8.311   1.00 7.35  ? 189 VAL A O   1 
ATOM   923  C  CB  . VAL A 1 114 ? -8.079  9.369   7.522   1.00 11.29 ? 189 VAL A CB  1 
ATOM   924  C  CG1 . VAL A 1 114 ? -7.759  10.139  6.249   1.00 8.49  ? 189 VAL A CG1 1 
ATOM   925  C  CG2 . VAL A 1 114 ? -9.590  9.225   7.696   1.00 8.36  ? 189 VAL A CG2 1 
ATOM   926  N  N   . LYS A 1 115 ? -5.477  8.049   6.089   1.00 8.59  ? 190 LYS A N   1 
ATOM   927  C  CA  . LYS A 1 115 ? -4.068  8.200   5.773   1.00 8.76  ? 190 LYS A CA  1 
ATOM   928  C  C   . LYS A 1 115 ? -3.909  9.607   5.203   1.00 9.36  ? 190 LYS A C   1 
ATOM   929  O  O   . LYS A 1 115 ? -4.200  9.858   4.034   1.00 9.53  ? 190 LYS A O   1 
ATOM   930  C  CB  . LYS A 1 115 ? -3.655  7.116   4.777   1.00 6.54  ? 190 LYS A CB  1 
ATOM   931  C  CG  . LYS A 1 115 ? -3.901  5.719   5.358   1.00 9.32  ? 190 LYS A CG  1 
ATOM   932  C  CD  . LYS A 1 115 ? -3.836  4.603   4.330   1.00 9.19  ? 190 LYS A CD  1 
ATOM   933  C  CE  . LYS A 1 115 ? -4.191  3.267   4.992   1.00 8.33  ? 190 LYS A CE  1 
ATOM   934  N  NZ  . LYS A 1 115 ? -4.265  2.159   4.010   1.00 6.86  ? 190 LYS A NZ  1 
ATOM   935  N  N   . ASP A 1 116 ? -3.480  10.524  6.067   1.00 10.12 ? 191 ASP A N   1 
ATOM   936  C  CA  . ASP A 1 116 ? -3.292  11.926  5.710   1.00 9.57  ? 191 ASP A CA  1 
ATOM   937  C  C   . ASP A 1 116 ? -1.989  12.081  4.942   1.00 9.11  ? 191 ASP A C   1 
ATOM   938  O  O   . ASP A 1 116 ? -0.904  12.042  5.519   1.00 9.37  ? 191 ASP A O   1 
ATOM   939  C  CB  . ASP A 1 116 ? -3.265  12.783  6.979   1.00 11.35 ? 191 ASP A CB  1 
ATOM   940  C  CG  . ASP A 1 116 ? -3.210  14.271  6.686   1.00 13.23 ? 191 ASP A CG  1 
ATOM   941  O  OD1 . ASP A 1 116 ? -2.999  14.650  5.510   1.00 12.44 ? 191 ASP A OD1 1 
ATOM   942  O  OD2 . ASP A 1 116 ? -3.369  15.062  7.643   1.00 11.87 ? 191 ASP A OD2 1 
ATOM   943  N  N   . LEU A 1 117 ? -2.105  12.266  3.634   1.00 8.01  ? 192 LEU A N   1 
ATOM   944  C  CA  . LEU A 1 117 ? -0.938  12.397  2.778   1.00 9.03  ? 192 LEU A CA  1 
ATOM   945  C  C   . LEU A 1 117 ? -0.059  13.612  3.078   1.00 9.29  ? 192 LEU A C   1 
ATOM   946  O  O   . LEU A 1 117 ? 1.153   13.554  2.881   1.00 9.37  ? 192 LEU A O   1 
ATOM   947  C  CB  . LEU A 1 117 ? -1.376  12.408  1.308   1.00 7.59  ? 192 LEU A CB  1 
ATOM   948  C  CG  . LEU A 1 117 ? -2.292  11.250  0.882   1.00 6.98  ? 192 LEU A CG  1 
ATOM   949  C  CD1 . LEU A 1 117 ? -2.481  11.295  -0.630  1.00 8.24  ? 192 LEU A CD1 1 
ATOM   950  C  CD2 . LEU A 1 117 ? -1.684  9.905   1.298   1.00 5.80  ? 192 LEU A CD2 1 
ATOM   951  N  N   . SER A 1 118 ? -0.651  14.707  3.552   1.00 10.68 ? 193 SER A N   1 
ATOM   952  C  CA  . SER A 1 118 ? 0.140   15.902  3.862   1.00 12.37 ? 193 SER A CA  1 
ATOM   953  C  C   . SER A 1 118 ? 1.131   15.560  4.971   1.00 13.20 ? 193 SER A C   1 
ATOM   954  O  O   . SER A 1 118 ? 2.141   16.237  5.159   1.00 13.22 ? 193 SER A O   1 
ATOM   955  C  CB  . SER A 1 118 ? -0.758  17.052  4.328   1.00 13.55 ? 193 SER A CB  1 
ATOM   956  O  OG  . SER A 1 118 ? -1.085  16.920  5.703   1.00 15.33 ? 193 SER A OG  1 
ATOM   957  N  N   . ARG A 1 119 ? 0.825   14.480  5.679   1.00 12.54 ? 194 ARG A N   1 
ATOM   958  C  CA  . ARG A 1 119 ? 1.618   13.972  6.790   1.00 14.44 ? 194 ARG A CA  1 
ATOM   959  C  C   . ARG A 1 119 ? 2.939   13.302  6.363   1.00 15.17 ? 194 ARG A C   1 
ATOM   960  O  O   . ARG A 1 119 ? 3.843   13.109  7.182   1.00 13.73 ? 194 ARG A O   1 
ATOM   961  C  CB  . ARG A 1 119 ? 0.750   12.967  7.548   1.00 18.17 ? 194 ARG A CB  1 
ATOM   962  C  CG  . ARG A 1 119 ? 1.258   12.559  8.878   1.00 24.34 ? 194 ARG A CG  1 
ATOM   963  C  CD  . ARG A 1 119 ? 0.586   13.333  9.980   1.00 25.54 ? 194 ARG A CD  1 
ATOM   964  N  NE  . ARG A 1 119 ? 1.254   13.028  11.231  1.00 27.72 ? 194 ARG A NE  1 
ATOM   965  C  CZ  . ARG A 1 119 ? 2.523   13.329  11.468  1.00 29.83 ? 194 ARG A CZ  1 
ATOM   966  N  NH1 . ARG A 1 119 ? 3.237   13.950  10.538  1.00 30.23 ? 194 ARG A NH1 1 
ATOM   967  N  NH2 . ARG A 1 119 ? 3.081   12.994  12.622  1.00 32.01 ? 194 ARG A NH2 1 
ATOM   968  N  N   . LEU A 1 120 ? 3.049   12.951  5.084   1.00 14.29 ? 195 LEU A N   1 
ATOM   969  C  CA  . LEU A 1 120 ? 4.243   12.277  4.567   1.00 14.70 ? 195 LEU A CA  1 
ATOM   970  C  C   . LEU A 1 120 ? 5.508   13.119  4.474   1.00 14.59 ? 195 LEU A C   1 
ATOM   971  O  O   . LEU A 1 120 ? 6.605   12.624  4.727   1.00 14.42 ? 195 LEU A O   1 
ATOM   972  C  CB  . LEU A 1 120 ? 3.953   11.685  3.184   1.00 14.37 ? 195 LEU A CB  1 
ATOM   973  C  CG  . LEU A 1 120 ? 3.195   10.354  3.107   1.00 18.00 ? 195 LEU A CG  1 
ATOM   974  C  CD1 . LEU A 1 120 ? 2.042   10.338  4.097   1.00 17.79 ? 195 LEU A CD1 1 
ATOM   975  C  CD2 . LEU A 1 120 ? 2.693   10.146  1.680   1.00 13.96 ? 195 LEU A CD2 1 
ATOM   976  N  N   . GLY A 1 121 ? 5.358   14.384  4.101   1.00 13.22 ? 196 GLY A N   1 
ATOM   977  C  CA  . GLY A 1 121 ? 6.520   15.237  3.959   1.00 12.67 ? 196 GLY A CA  1 
ATOM   978  C  C   . GLY A 1 121 ? 7.020   15.189  2.526   1.00 11.42 ? 196 GLY A C   1 
ATOM   979  O  O   . GLY A 1 121 ? 8.217   15.307  2.271   1.00 10.17 ? 196 GLY A O   1 
ATOM   980  N  N   . ARG A 1 122 ? 6.088   14.996  1.593   1.00 10.28 ? 197 ARG A N   1 
ATOM   981  C  CA  . ARG A 1 122 ? 6.391   14.946  0.166   1.00 9.68  ? 197 ARG A CA  1 
ATOM   982  C  C   . ARG A 1 122 ? 5.477   15.939  -0.567  1.00 9.70  ? 197 ARG A C   1 
ATOM   983  O  O   . ARG A 1 122 ? 4.362   16.219  -0.118  1.00 9.06  ? 197 ARG A O   1 
ATOM   984  C  CB  . ARG A 1 122 ? 6.150   13.535  -0.401  1.00 9.52  ? 197 ARG A CB  1 
ATOM   985  C  CG  . ARG A 1 122 ? 6.892   12.373  0.292   1.00 9.66  ? 197 ARG A CG  1 
ATOM   986  C  CD  . ARG A 1 122 ? 8.404   12.371  0.065   1.00 12.83 ? 197 ARG A CD  1 
ATOM   987  N  NE  . ARG A 1 122 ? 9.102   12.971  1.194   1.00 20.78 ? 197 ARG A NE  1 
ATOM   988  C  CZ  . ARG A 1 122 ? 10.066  12.377  1.892   1.00 16.41 ? 197 ARG A CZ  1 
ATOM   989  N  NH1 . ARG A 1 122 ? 10.473  11.151  1.584   1.00 18.92 ? 197 ARG A NH1 1 
ATOM   990  N  NH2 . ARG A 1 122 ? 10.605  13.009  2.918   1.00 17.75 ? 197 ARG A NH2 1 
ATOM   991  N  N   . ASP A 1 123 ? 5.957   16.454  -1.696  1.00 8.17  ? 198 ASP A N   1 
ATOM   992  C  CA  . ASP A 1 123 ? 5.217   17.405  -2.527  1.00 8.72  ? 198 ASP A CA  1 
ATOM   993  C  C   . ASP A 1 123 ? 3.959   16.693  -3.036  1.00 8.01  ? 198 ASP A C   1 
ATOM   994  O  O   . ASP A 1 123 ? 4.065   15.676  -3.712  1.00 5.68  ? 198 ASP A O   1 
ATOM   995  C  CB  . ASP A 1 123 ? 6.102   17.820  -3.706  1.00 8.60  ? 198 ASP A CB  1 
ATOM   996  C  CG  . ASP A 1 123 ? 5.606   19.064  -4.414  1.00 9.99  ? 198 ASP A CG  1 
ATOM   997  O  OD1 . ASP A 1 123 ? 4.406   19.131  -4.746  1.00 10.72 ? 198 ASP A OD1 1 
ATOM   998  O  OD2 . ASP A 1 123 ? 6.434   19.974  -4.649  1.00 7.04  ? 198 ASP A OD2 1 
ATOM   999  N  N   . LEU A 1 124 ? 2.777   17.224  -2.715  1.00 7.35  ? 199 LEU A N   1 
ATOM   1000 C  CA  . LEU A 1 124 ? 1.524   16.593  -3.137  1.00 8.46  ? 199 LEU A CA  1 
ATOM   1001 C  C   . LEU A 1 124 ? 1.337   16.452  -4.648  1.00 8.78  ? 199 LEU A C   1 
ATOM   1002 O  O   . LEU A 1 124 ? 0.534   15.638  -5.104  1.00 9.13  ? 199 LEU A O   1 
ATOM   1003 C  CB  . LEU A 1 124 ? 0.328   17.316  -2.509  1.00 9.69  ? 199 LEU A CB  1 
ATOM   1004 C  CG  . LEU A 1 124 ? 0.253   17.111  -0.984  1.00 9.05  ? 199 LEU A CG  1 
ATOM   1005 C  CD1 . LEU A 1 124 ? -0.967  17.822  -0.417  1.00 10.43 ? 199 LEU A CD1 1 
ATOM   1006 C  CD2 . LEU A 1 124 ? 0.192   15.614  -0.675  1.00 8.50  ? 199 LEU A CD2 1 
ATOM   1007 N  N   . ARG A 1 125 ? 2.083   17.231  -5.426  1.00 9.15  ? 200 ARG A N   1 
ATOM   1008 C  CA  . ARG A 1 125 ? 2.012   17.133  -6.878  1.00 8.86  ? 200 ARG A CA  1 
ATOM   1009 C  C   . ARG A 1 125 ? 2.794   15.873  -7.260  1.00 8.06  ? 200 ARG A C   1 
ATOM   1010 O  O   . ARG A 1 125 ? 2.765   15.436  -8.411  1.00 7.37  ? 200 ARG A O   1 
ATOM   1011 C  CB  . ARG A 1 125 ? 2.672   18.353  -7.538  1.00 9.35  ? 200 ARG A CB  1 
ATOM   1012 C  CG  . ARG A 1 125 ? 2.083   19.698  -7.115  1.00 12.07 ? 200 ARG A CG  1 
ATOM   1013 C  CD  . ARG A 1 125 ? 3.196   20.680  -6.769  1.00 16.38 ? 200 ARG A CD  1 
ATOM   1014 N  NE  . ARG A 1 125 ? 3.760   21.325  -7.943  1.00 16.01 ? 200 ARG A NE  1 
ATOM   1015 C  CZ  . ARG A 1 125 ? 4.990   21.829  -8.004  1.00 16.23 ? 200 ARG A CZ  1 
ATOM   1016 N  NH1 . ARG A 1 125 ? 5.808   21.753  -6.958  1.00 14.09 ? 200 ARG A NH1 1 
ATOM   1017 N  NH2 . ARG A 1 125 ? 5.396   22.427  -9.114  1.00 12.66 ? 200 ARG A NH2 1 
ATOM   1018 N  N   . ARG A 1 126 ? 3.487   15.298  -6.280  1.00 6.47  ? 201 ARG A N   1 
ATOM   1019 C  CA  . ARG A 1 126 ? 4.309   14.110  -6.501  1.00 9.12  ? 201 ARG A CA  1 
ATOM   1020 C  C   . ARG A 1 126 ? 3.974   12.949  -5.573  1.00 8.48  ? 201 ARG A C   1 
ATOM   1021 O  O   . ARG A 1 126 ? 4.859   12.190  -5.175  1.00 9.39  ? 201 ARG A O   1 
ATOM   1022 C  CB  . ARG A 1 126 ? 5.788   14.466  -6.325  1.00 10.52 ? 201 ARG A CB  1 
ATOM   1023 C  CG  . ARG A 1 126 ? 6.234   15.666  -7.135  1.00 14.54 ? 201 ARG A CG  1 
ATOM   1024 C  CD  . ARG A 1 126 ? 6.245   15.358  -8.615  1.00 15.71 ? 201 ARG A CD  1 
ATOM   1025 N  NE  . ARG A 1 126 ? 7.276   14.387  -8.979  1.00 15.61 ? 201 ARG A NE  1 
ATOM   1026 C  CZ  . ARG A 1 126 ? 7.394   13.860  -10.194 1.00 17.46 ? 201 ARG A CZ  1 
ATOM   1027 N  NH1 . ARG A 1 126 ? 6.544   14.215  -11.150 1.00 17.18 ? 201 ARG A NH1 1 
ATOM   1028 N  NH2 . ARG A 1 126 ? 8.347   12.977  -10.459 1.00 16.10 ? 201 ARG A NH2 1 
ATOM   1029 N  N   . VAL A 1 127 ? 2.698   12.798  -5.243  1.00 9.06  ? 202 VAL A N   1 
ATOM   1030 C  CA  . VAL A 1 127 ? 2.270   11.726  -4.356  1.00 7.17  ? 202 VAL A CA  1 
ATOM   1031 C  C   . VAL A 1 127 ? 1.018   11.021  -4.867  1.00 7.34  ? 202 VAL A C   1 
ATOM   1032 O  O   . VAL A 1 127 ? 0.094   11.660  -5.374  1.00 5.69  ? 202 VAL A O   1 
ATOM   1033 C  CB  . VAL A 1 127 ? 2.000   12.282  -2.930  1.00 9.20  ? 202 VAL A CB  1 
ATOM   1034 C  CG1 . VAL A 1 127 ? 1.375   11.214  -2.046  1.00 10.01 ? 202 VAL A CG1 1 
ATOM   1035 C  CG2 . VAL A 1 127 ? 3.304   12.778  -2.320  1.00 6.46  ? 202 VAL A CG2 1 
ATOM   1036 N  N   . LEU A 1 128 ? 1.013   9.695   -4.735  1.00 7.06  ? 203 LEU A N   1 
ATOM   1037 C  CA  . LEU A 1 128 ? -0.113  8.858   -5.141  1.00 5.89  ? 203 LEU A CA  1 
ATOM   1038 C  C   . LEU A 1 128 ? -0.428  7.877   -4.010  1.00 6.10  ? 203 LEU A C   1 
ATOM   1039 O  O   . LEU A 1 128 ? 0.462   7.489   -3.255  1.00 8.07  ? 203 LEU A O   1 
ATOM   1040 C  CB  . LEU A 1 128 ? 0.237   8.043   -6.398  1.00 4.17  ? 203 LEU A CB  1 
ATOM   1041 C  CG  . LEU A 1 128 ? 0.639   8.786   -7.675  1.00 5.14  ? 203 LEU A CG  1 
ATOM   1042 C  CD1 . LEU A 1 128 ? 1.226   7.798   -8.682  1.00 1.43  ? 203 LEU A CD1 1 
ATOM   1043 C  CD2 . LEU A 1 128 ? -0.574  9.512   -8.254  1.00 4.60  ? 203 LEU A CD2 1 
ATOM   1044 N  N   . ILE A 1 129 ? -1.692  7.493   -3.887  1.00 6.50  ? 204 ILE A N   1 
ATOM   1045 C  CA  . ILE A 1 129 ? -2.079  6.506   -2.895  1.00 8.20  ? 204 ILE A CA  1 
ATOM   1046 C  C   . ILE A 1 129 ? -2.903  5.434   -3.589  1.00 10.30 ? 204 ILE A C   1 
ATOM   1047 O  O   . ILE A 1 129 ? -3.823  5.739   -4.356  1.00 12.28 ? 204 ILE A O   1 
ATOM   1048 C  CB  . ILE A 1 129 ? -2.915  7.096   -1.738  1.00 7.70  ? 204 ILE A CB  1 
ATOM   1049 C  CG1 . ILE A 1 129 ? -3.266  5.973   -0.752  1.00 7.81  ? 204 ILE A CG1 1 
ATOM   1050 C  CG2 . ILE A 1 129 ? -4.176  7.764   -2.275  1.00 5.75  ? 204 ILE A CG2 1 
ATOM   1051 C  CD1 . ILE A 1 129 ? -3.872  6.444   0.561   1.00 7.98  ? 204 ILE A CD1 1 
ATOM   1052 N  N   . LEU A 1 130 ? -2.550  4.179   -3.333  1.00 9.91  ? 205 LEU A N   1 
ATOM   1053 C  CA  . LEU A 1 130 ? -3.257  3.043   -3.908  1.00 10.07 ? 205 LEU A CA  1 
ATOM   1054 C  C   . LEU A 1 130 ? -3.929  2.336   -2.740  1.00 10.23 ? 205 LEU A C   1 
ATOM   1055 O  O   . LEU A 1 130 ? -3.283  1.619   -1.979  1.00 11.18 ? 205 LEU A O   1 
ATOM   1056 C  CB  . LEU A 1 130 ? -2.270  2.100   -4.595  1.00 9.44  ? 205 LEU A CB  1 
ATOM   1057 C  CG  . LEU A 1 130 ? -2.862  0.844   -5.227  1.00 9.77  ? 205 LEU A CG  1 
ATOM   1058 C  CD1 . LEU A 1 130 ? -3.812  1.231   -6.352  1.00 8.69  ? 205 LEU A CD1 1 
ATOM   1059 C  CD2 . LEU A 1 130 ? -1.736  -0.033  -5.743  1.00 6.95  ? 205 LEU A CD2 1 
ATOM   1060 N  N   . ASP A 1 131 ? -5.231  2.543   -2.605  1.00 9.56  ? 206 ASP A N   1 
ATOM   1061 C  CA  . ASP A 1 131 ? -5.980  1.968   -1.500  1.00 8.29  ? 206 ASP A CA  1 
ATOM   1062 C  C   . ASP A 1 131 ? -7.373  1.586   -2.002  1.00 8.56  ? 206 ASP A C   1 
ATOM   1063 O  O   . ASP A 1 131 ? -8.022  2.367   -2.695  1.00 5.86  ? 206 ASP A O   1 
ATOM   1064 C  CB  . ASP A 1 131 ? -6.079  3.020   -0.390  1.00 8.33  ? 206 ASP A CB  1 
ATOM   1065 C  CG  . ASP A 1 131 ? -6.489  2.440   0.946   1.00 9.29  ? 206 ASP A CG  1 
ATOM   1066 O  OD1 . ASP A 1 131 ? -7.458  1.652   0.995   1.00 8.64  ? 206 ASP A OD1 1 
ATOM   1067 O  OD2 . ASP A 1 131 ? -5.842  2.793   1.955   1.00 11.05 ? 206 ASP A OD2 1 
ATOM   1068 N  N   . ASN A 1 132 ? -7.827  0.384   -1.664  1.00 7.65  ? 207 ASN A N   1 
ATOM   1069 C  CA  . ASN A 1 132 ? -9.145  -0.068  -2.105  1.00 8.95  ? 207 ASN A CA  1 
ATOM   1070 C  C   . ASN A 1 132 ? -10.288 0.639   -1.362  1.00 9.27  ? 207 ASN A C   1 
ATOM   1071 O  O   . ASN A 1 132 ? -11.455 0.487   -1.728  1.00 10.94 ? 207 ASN A O   1 
ATOM   1072 C  CB  . ASN A 1 132 ? -9.277  -1.582  -1.909  1.00 9.09  ? 207 ASN A CB  1 
ATOM   1073 C  CG  . ASN A 1 132 ? -9.282  -1.978  -0.444  1.00 7.13  ? 207 ASN A CG  1 
ATOM   1074 O  OD1 . ASN A 1 132 ? -8.318  -1.735  0.274   1.00 7.01  ? 207 ASN A OD1 1 
ATOM   1075 N  ND2 . ASN A 1 132 ? -10.376 -2.582  0.007   1.00 8.90  ? 207 ASN A ND2 1 
ATOM   1076 N  N   . SER A 1 133 ? -9.955  1.402   -0.323  1.00 8.87  ? 208 SER A N   1 
ATOM   1077 C  CA  . SER A 1 133 ? -10.969 2.116   0.456   1.00 9.89  ? 208 SER A CA  1 
ATOM   1078 C  C   . SER A 1 133 ? -10.860 3.635   0.319   1.00 7.80  ? 208 SER A C   1 
ATOM   1079 O  O   . SER A 1 133 ? -9.982  4.255   0.915   1.00 9.39  ? 208 SER A O   1 
ATOM   1080 C  CB  . SER A 1 133 ? -10.858 1.748   1.940   1.00 10.77 ? 208 SER A CB  1 
ATOM   1081 O  OG  . SER A 1 133 ? -11.041 0.356   2.140   1.00 18.46 ? 208 SER A OG  1 
ATOM   1082 N  N   . PRO A 1 134 ? -11.762 4.254   -0.459  1.00 7.06  ? 209 PRO A N   1 
ATOM   1083 C  CA  . PRO A 1 134 ? -11.734 5.708   -0.644  1.00 6.60  ? 209 PRO A CA  1 
ATOM   1084 C  C   . PRO A 1 134 ? -11.803 6.480   0.677   1.00 6.10  ? 209 PRO A C   1 
ATOM   1085 O  O   . PRO A 1 134 ? -11.407 7.639   0.746   1.00 6.26  ? 209 PRO A O   1 
ATOM   1086 C  CB  . PRO A 1 134 ? -12.948 5.963   -1.533  1.00 5.70  ? 209 PRO A CB  1 
ATOM   1087 C  CG  . PRO A 1 134 ? -13.003 4.705   -2.368  1.00 5.52  ? 209 PRO A CG  1 
ATOM   1088 C  CD  . PRO A 1 134 ? -12.766 3.630   -1.342  1.00 4.72  ? 209 PRO A CD  1 
ATOM   1089 N  N   . ALA A 1 135 ? -12.313 5.832   1.718   1.00 7.14  ? 210 ALA A N   1 
ATOM   1090 C  CA  . ALA A 1 135 ? -12.420 6.463   3.031   1.00 7.37  ? 210 ALA A CA  1 
ATOM   1091 C  C   . ALA A 1 135 ? -11.028 6.783   3.562   1.00 7.95  ? 210 ALA A C   1 
ATOM   1092 O  O   . ALA A 1 135 ? -10.844 7.748   4.299   1.00 7.13  ? 210 ALA A O   1 
ATOM   1093 C  CB  . ALA A 1 135 ? -13.156 5.535   4.011   1.00 7.21  ? 210 ALA A CB  1 
ATOM   1094 N  N   . SER A 1 136 ? -10.053 5.964   3.175   1.00 8.60  ? 211 SER A N   1 
ATOM   1095 C  CA  . SER A 1 136 ? -8.672  6.140   3.604   1.00 8.97  ? 211 SER A CA  1 
ATOM   1096 C  C   . SER A 1 136 ? -8.051  7.456   3.163   1.00 8.60  ? 211 SER A C   1 
ATOM   1097 O  O   . SER A 1 136 ? -7.198  8.006   3.858   1.00 7.37  ? 211 SER A O   1 
ATOM   1098 C  CB  . SER A 1 136 ? -7.796  4.995   3.072   1.00 9.02  ? 211 SER A CB  1 
ATOM   1099 O  OG  . SER A 1 136 ? -8.199  3.750   3.596   1.00 9.12  ? 211 SER A OG  1 
ATOM   1100 N  N   . TYR A 1 137 ? -8.457  7.950   1.999   1.00 9.64  ? 212 TYR A N   1 
ATOM   1101 C  CA  . TYR A 1 137 ? -7.900  9.193   1.484   1.00 9.79  ? 212 TYR A CA  1 
ATOM   1102 C  C   . TYR A 1 137 ? -8.907  10.328  1.325   1.00 10.62 ? 212 TYR A C   1 
ATOM   1103 O  O   . TYR A 1 137 ? -8.891  11.051  0.332   1.00 10.72 ? 212 TYR A O   1 
ATOM   1104 C  CB  . TYR A 1 137 ? -7.184  8.919   0.155   1.00 10.17 ? 212 TYR A CB  1 
ATOM   1105 C  CG  . TYR A 1 137 ? -7.983  8.143   -0.877  1.00 8.52  ? 212 TYR A CG  1 
ATOM   1106 C  CD1 . TYR A 1 137 ? -8.973  8.762   -1.638  1.00 5.34  ? 212 TYR A CD1 1 
ATOM   1107 C  CD2 . TYR A 1 137 ? -7.696  6.804   -1.139  1.00 7.39  ? 212 TYR A CD2 1 
ATOM   1108 C  CE1 . TYR A 1 137 ? -9.649  8.067   -2.643  1.00 7.46  ? 212 TYR A CE1 1 
ATOM   1109 C  CE2 . TYR A 1 137 ? -8.365  6.101   -2.134  1.00 6.99  ? 212 TYR A CE2 1 
ATOM   1110 C  CZ  . TYR A 1 137 ? -9.337  6.738   -2.886  1.00 7.21  ? 212 TYR A CZ  1 
ATOM   1111 O  OH  . TYR A 1 137 ? -9.967  6.052   -3.896  1.00 9.46  ? 212 TYR A OH  1 
ATOM   1112 N  N   . VAL A 1 138 ? -9.762  10.501  2.327   1.00 10.78 ? 213 VAL A N   1 
ATOM   1113 C  CA  . VAL A 1 138 ? -10.783 11.539  2.286   1.00 12.43 ? 213 VAL A CA  1 
ATOM   1114 C  C   . VAL A 1 138 ? -10.235 12.950  2.126   1.00 10.45 ? 213 VAL A C   1 
ATOM   1115 O  O   . VAL A 1 138 ? -10.899 13.805  1.552   1.00 10.97 ? 213 VAL A O   1 
ATOM   1116 C  CB  . VAL A 1 138 ? -11.687 11.483  3.540   1.00 12.97 ? 213 VAL A CB  1 
ATOM   1117 C  CG1 . VAL A 1 138 ? -12.482 10.196  3.528   1.00 15.80 ? 213 VAL A CG1 1 
ATOM   1118 C  CG2 . VAL A 1 138 ? -10.849 11.570  4.800   1.00 13.51 ? 213 VAL A CG2 1 
ATOM   1119 N  N   . PHE A 1 139 ? -9.027  13.197  2.624   1.00 10.63 ? 214 PHE A N   1 
ATOM   1120 C  CA  . PHE A 1 139 ? -8.421  14.518  2.507   1.00 8.60  ? 214 PHE A CA  1 
ATOM   1121 C  C   . PHE A 1 139 ? -7.733  14.720  1.157   1.00 9.31  ? 214 PHE A C   1 
ATOM   1122 O  O   . PHE A 1 139 ? -7.481  15.854  0.756   1.00 8.51  ? 214 PHE A O   1 
ATOM   1123 C  CB  . PHE A 1 139 ? -7.373  14.737  3.611   1.00 9.13  ? 214 PHE A CB  1 
ATOM   1124 C  CG  . PHE A 1 139 ? -7.942  14.788  5.001   1.00 10.66 ? 214 PHE A CG  1 
ATOM   1125 C  CD1 . PHE A 1 139 ? -7.444  13.954  5.995   1.00 8.85  ? 214 PHE A CD1 1 
ATOM   1126 C  CD2 . PHE A 1 139 ? -8.970  15.672  5.317   1.00 10.62 ? 214 PHE A CD2 1 
ATOM   1127 C  CE1 . PHE A 1 139 ? -7.964  13.996  7.291   1.00 11.59 ? 214 PHE A CE1 1 
ATOM   1128 C  CE2 . PHE A 1 139 ? -9.500  15.724  6.609   1.00 9.40  ? 214 PHE A CE2 1 
ATOM   1129 C  CZ  . PHE A 1 139 ? -8.995  14.882  7.597   1.00 10.76 ? 214 PHE A CZ  1 
ATOM   1130 N  N   . HIS A 1 140 ? -7.437  13.629  0.455   1.00 8.71  ? 215 HIS A N   1 
ATOM   1131 C  CA  . HIS A 1 140 ? -6.723  13.718  -0.822  1.00 9.00  ? 215 HIS A CA  1 
ATOM   1132 C  C   . HIS A 1 140 ? -7.333  12.878  -1.947  1.00 8.83  ? 215 HIS A C   1 
ATOM   1133 O  O   . HIS A 1 140 ? -6.667  12.033  -2.547  1.00 8.79  ? 215 HIS A O   1 
ATOM   1134 C  CB  . HIS A 1 140 ? -5.268  13.309  -0.582  1.00 9.93  ? 215 HIS A CB  1 
ATOM   1135 C  CG  . HIS A 1 140 ? -4.628  14.048  0.554   1.00 12.15 ? 215 HIS A CG  1 
ATOM   1136 N  ND1 . HIS A 1 140 ? -4.080  15.305  0.410   1.00 13.30 ? 215 HIS A ND1 1 
ATOM   1137 C  CD2 . HIS A 1 140 ? -4.540  13.748  1.872   1.00 9.00  ? 215 HIS A CD2 1 
ATOM   1138 C  CE1 . HIS A 1 140 ? -3.682  15.748  1.590   1.00 9.85  ? 215 HIS A CE1 1 
ATOM   1139 N  NE2 . HIS A 1 140 ? -3.952  14.823  2.494   1.00 14.13 ? 215 HIS A NE2 1 
ATOM   1140 N  N   . PRO A 1 141 ? -8.608  13.124  -2.269  1.00 9.41  ? 216 PRO A N   1 
ATOM   1141 C  CA  . PRO A 1 141 ? -9.294  12.376  -3.328  1.00 9.80  ? 216 PRO A CA  1 
ATOM   1142 C  C   . PRO A 1 141 ? -8.625  12.452  -4.700  1.00 9.86  ? 216 PRO A C   1 
ATOM   1143 O  O   . PRO A 1 141 ? -8.798  11.560  -5.527  1.00 8.81  ? 216 PRO A O   1 
ATOM   1144 C  CB  . PRO A 1 141 ? -10.686 12.999  -3.339  1.00 9.90  ? 216 PRO A CB  1 
ATOM   1145 C  CG  . PRO A 1 141 ? -10.396 14.435  -2.958  1.00 9.90  ? 216 PRO A CG  1 
ATOM   1146 C  CD  . PRO A 1 141 ? -9.437  14.251  -1.805  1.00 8.02  ? 216 PRO A CD  1 
ATOM   1147 N  N   . ASP A 1 142 ? -7.855  13.510  -4.943  1.00 10.99 ? 217 ASP A N   1 
ATOM   1148 C  CA  . ASP A 1 142 ? -7.209  13.672  -6.242  1.00 13.24 ? 217 ASP A CA  1 
ATOM   1149 C  C   . ASP A 1 142 ? -5.792  13.124  -6.359  1.00 12.40 ? 217 ASP A C   1 
ATOM   1150 O  O   . ASP A 1 142 ? -5.124  13.319  -7.380  1.00 14.21 ? 217 ASP A O   1 
ATOM   1151 C  CB  . ASP A 1 142 ? -7.242  15.142  -6.654  1.00 14.04 ? 217 ASP A CB  1 
ATOM   1152 C  CG  . ASP A 1 142 ? -8.661  15.672  -6.775  1.00 16.68 ? 217 ASP A CG  1 
ATOM   1153 O  OD1 . ASP A 1 142 ? -9.517  14.950  -7.324  1.00 17.40 ? 217 ASP A OD1 1 
ATOM   1154 O  OD2 . ASP A 1 142 ? -8.922  16.808  -6.328  1.00 18.68 ? 217 ASP A OD2 1 
ATOM   1155 N  N   . ASN A 1 143 ? -5.343  12.429  -5.319  1.00 12.21 ? 218 ASN A N   1 
ATOM   1156 C  CA  . ASN A 1 143 ? -4.014  11.816  -5.302  1.00 10.16 ? 218 ASN A CA  1 
ATOM   1157 C  C   . ASN A 1 143 ? -4.171  10.306  -5.371  1.00 9.53  ? 218 ASN A C   1 
ATOM   1158 O  O   . ASN A 1 143 ? -3.191  9.566   -5.329  1.00 9.49  ? 218 ASN A O   1 
ATOM   1159 C  CB  . ASN A 1 143 ? -3.262  12.154  -4.006  1.00 10.00 ? 218 ASN A CB  1 
ATOM   1160 C  CG  . ASN A 1 143 ? -2.755  13.582  -3.970  1.00 8.17  ? 218 ASN A CG  1 
ATOM   1161 O  OD1 . ASN A 1 143 ? -3.463  14.498  -3.561  1.00 7.95  ? 218 ASN A OD1 1 
ATOM   1162 N  ND2 . ASN A 1 143 ? -1.516  13.775  -4.402  1.00 9.29  ? 218 ASN A ND2 1 
ATOM   1163 N  N   . ALA A 1 144 ? -5.411  9.849   -5.476  1.00 9.63  ? 219 ALA A N   1 
ATOM   1164 C  CA  . ALA A 1 144 ? -5.688  8.421   -5.505  1.00 9.57  ? 219 ALA A CA  1 
ATOM   1165 C  C   . ALA A 1 144 ? -5.755  7.749   -6.874  1.00 9.83  ? 219 ALA A C   1 
ATOM   1166 O  O   . ALA A 1 144 ? -6.221  8.324   -7.854  1.00 8.04  ? 219 ALA A O   1 
ATOM   1167 C  CB  . ALA A 1 144 ? -6.981  8.140   -4.741  1.00 9.57  ? 219 ALA A CB  1 
ATOM   1168 N  N   . VAL A 1 145 ? -5.262  6.518   -6.917  1.00 10.18 ? 220 VAL A N   1 
ATOM   1169 C  CA  . VAL A 1 145 ? -5.312  5.699   -8.118  1.00 12.50 ? 220 VAL A CA  1 
ATOM   1170 C  C   . VAL A 1 145 ? -6.295  4.595   -7.712  1.00 12.73 ? 220 VAL A C   1 
ATOM   1171 O  O   . VAL A 1 145 ? -5.924  3.639   -7.031  1.00 14.22 ? 220 VAL A O   1 
ATOM   1172 C  CB  . VAL A 1 145 ? -3.934  5.082   -8.455  1.00 14.00 ? 220 VAL A CB  1 
ATOM   1173 C  CG1 . VAL A 1 145 ? -4.091  4.025   -9.538  1.00 13.47 ? 220 VAL A CG1 1 
ATOM   1174 C  CG2 . VAL A 1 145 ? -2.971  6.176   -8.929  1.00 12.22 ? 220 VAL A CG2 1 
ATOM   1175 N  N   . PRO A 1 146 ? -7.573  4.733   -8.102  1.00 14.88 ? 221 PRO A N   1 
ATOM   1176 C  CA  . PRO A 1 146 ? -8.613  3.749   -7.771  1.00 14.76 ? 221 PRO A CA  1 
ATOM   1177 C  C   . PRO A 1 146 ? -8.179  2.313   -8.033  1.00 13.22 ? 221 PRO A C   1 
ATOM   1178 O  O   . PRO A 1 146 ? -7.547  2.029   -9.043  1.00 16.60 ? 221 PRO A O   1 
ATOM   1179 C  CB  . PRO A 1 146 ? -9.779  4.178   -8.655  1.00 14.93 ? 221 PRO A CB  1 
ATOM   1180 C  CG  . PRO A 1 146 ? -9.610  5.665   -8.717  1.00 16.14 ? 221 PRO A CG  1 
ATOM   1181 C  CD  . PRO A 1 146 ? -8.120  5.794   -8.966  1.00 15.50 ? 221 PRO A CD  1 
ATOM   1182 N  N   . VAL A 1 147 ? -8.526  1.415   -7.117  1.00 13.36 ? 222 VAL A N   1 
ATOM   1183 C  CA  . VAL A 1 147 ? -8.175  0.007   -7.235  1.00 11.78 ? 222 VAL A CA  1 
ATOM   1184 C  C   . VAL A 1 147 ? -9.238  -0.874  -6.583  1.00 11.85 ? 222 VAL A C   1 
ATOM   1185 O  O   . VAL A 1 147 ? -9.697  -0.597  -5.473  1.00 10.35 ? 222 VAL A O   1 
ATOM   1186 C  CB  . VAL A 1 147 ? -6.806  -0.282  -6.576  1.00 11.31 ? 222 VAL A CB  1 
ATOM   1187 C  CG1 . VAL A 1 147 ? -6.844  0.093   -5.099  1.00 11.85 ? 222 VAL A CG1 1 
ATOM   1188 C  CG2 . VAL A 1 147 ? -6.453  -1.751  -6.743  1.00 10.20 ? 222 VAL A CG2 1 
ATOM   1189 N  N   . ALA A 1 148 ? -9.614  -1.944  -7.275  1.00 11.45 ? 223 ALA A N   1 
ATOM   1190 C  CA  . ALA A 1 148 ? -10.637 -2.862  -6.786  1.00 9.94  ? 223 ALA A CA  1 
ATOM   1191 C  C   . ALA A 1 148 ? -10.197 -3.708  -5.602  1.00 9.73  ? 223 ALA A C   1 
ATOM   1192 O  O   . ALA A 1 148 ? -9.040  -4.131  -5.536  1.00 7.89  ? 223 ALA A O   1 
ATOM   1193 C  CB  . ALA A 1 148 ? -11.098 -3.776  -7.921  1.00 12.51 ? 223 ALA A CB  1 
ATOM   1194 N  N   . SER A 1 149 ? -11.132 -3.952  -4.676  1.00 8.45  ? 224 SER A N   1 
ATOM   1195 C  CA  . SER A 1 149 ? -10.875 -4.790  -3.495  1.00 9.56  ? 224 SER A CA  1 
ATOM   1196 C  C   . SER A 1 149 ? -10.773 -6.238  -3.965  1.00 11.21 ? 224 SER A C   1 
ATOM   1197 O  O   . SER A 1 149 ? -11.623 -6.705  -4.724  1.00 14.45 ? 224 SER A O   1 
ATOM   1198 C  CB  . SER A 1 149 ? -12.030 -4.706  -2.486  1.00 7.29  ? 224 SER A CB  1 
ATOM   1199 O  OG  . SER A 1 149 ? -12.242 -3.394  -2.007  1.00 9.10  ? 224 SER A OG  1 
ATOM   1200 N  N   . TRP A 1 150 ? -9.750  -6.951  -3.505  1.00 11.87 ? 225 TRP A N   1 
ATOM   1201 C  CA  . TRP A 1 150 ? -9.560  -8.342  -3.906  1.00 11.61 ? 225 TRP A CA  1 
ATOM   1202 C  C   . TRP A 1 150 ? -9.744  -9.303  -2.731  1.00 11.46 ? 225 TRP A C   1 
ATOM   1203 O  O   . TRP A 1 150 ? -9.370  -8.997  -1.599  1.00 9.64  ? 225 TRP A O   1 
ATOM   1204 C  CB  . TRP A 1 150 ? -8.163  -8.525  -4.508  1.00 10.13 ? 225 TRP A CB  1 
ATOM   1205 C  CG  . TRP A 1 150 ? -7.904  -9.911  -5.024  1.00 10.37 ? 225 TRP A CG  1 
ATOM   1206 C  CD1 . TRP A 1 150 ? -8.342  -10.441 -6.203  1.00 11.40 ? 225 TRP A CD1 1 
ATOM   1207 C  CD2 . TRP A 1 150 ? -7.171  -10.951 -4.364  1.00 10.24 ? 225 TRP A CD2 1 
ATOM   1208 N  NE1 . TRP A 1 150 ? -7.926  -11.749 -6.323  1.00 10.38 ? 225 TRP A NE1 1 
ATOM   1209 C  CE2 . TRP A 1 150 ? -7.205  -12.087 -5.207  1.00 10.96 ? 225 TRP A CE2 1 
ATOM   1210 C  CE3 . TRP A 1 150 ? -6.487  -11.034 -3.143  1.00 12.49 ? 225 TRP A CE3 1 
ATOM   1211 C  CZ2 . TRP A 1 150 ? -6.580  -13.296 -4.867  1.00 11.09 ? 225 TRP A CZ2 1 
ATOM   1212 C  CZ3 . TRP A 1 150 ? -5.864  -12.241 -2.804  1.00 10.35 ? 225 TRP A CZ3 1 
ATOM   1213 C  CH2 . TRP A 1 150 ? -5.917  -13.352 -3.666  1.00 9.59  ? 225 TRP A CH2 1 
ATOM   1214 N  N   . PHE A 1 151 ? -10.319 -10.467 -3.007  1.00 11.11 ? 226 PHE A N   1 
ATOM   1215 C  CA  . PHE A 1 151 ? -10.539 -11.456 -1.961  1.00 13.10 ? 226 PHE A CA  1 
ATOM   1216 C  C   . PHE A 1 151 ? -9.999  -12.844 -2.319  1.00 13.73 ? 226 PHE A C   1 
ATOM   1217 O  O   . PHE A 1 151 ? -9.319  -13.467 -1.507  1.00 14.19 ? 226 PHE A O   1 
ATOM   1218 C  CB  . PHE A 1 151 ? -12.035 -11.532 -1.620  1.00 11.35 ? 226 PHE A CB  1 
ATOM   1219 C  CG  . PHE A 1 151 ? -12.604 -10.231 -1.130  1.00 13.67 ? 226 PHE A CG  1 
ATOM   1220 C  CD1 . PHE A 1 151 ? -13.023 -9.255  -2.029  1.00 14.56 ? 226 PHE A CD1 1 
ATOM   1221 C  CD2 . PHE A 1 151 ? -12.679 -9.959  0.235   1.00 13.01 ? 226 PHE A CD2 1 
ATOM   1222 C  CE1 . PHE A 1 151 ? -13.500 -8.021  -1.579  1.00 13.59 ? 226 PHE A CE1 1 
ATOM   1223 C  CE2 . PHE A 1 151 ? -13.153 -8.731  0.693   1.00 14.71 ? 226 PHE A CE2 1 
ATOM   1224 C  CZ  . PHE A 1 151 ? -13.566 -7.762  -0.216  1.00 13.91 ? 226 PHE A CZ  1 
ATOM   1225 N  N   . ASP A 1 152 ? -10.288 -13.326 -3.525  1.00 14.57 ? 227 ASP A N   1 
ATOM   1226 C  CA  . ASP A 1 152 ? -9.803  -14.646 -3.933  1.00 15.85 ? 227 ASP A CA  1 
ATOM   1227 C  C   . ASP A 1 152 ? -9.989  -14.998 -5.406  1.00 15.36 ? 227 ASP A C   1 
ATOM   1228 O  O   . ASP A 1 152 ? -9.871  -16.162 -5.786  1.00 16.93 ? 227 ASP A O   1 
ATOM   1229 C  CB  . ASP A 1 152 ? -10.453 -15.739 -3.082  1.00 18.94 ? 227 ASP A CB  1 
ATOM   1230 C  CG  . ASP A 1 152 ? -11.959 -15.618 -3.030  1.00 21.77 ? 227 ASP A CG  1 
ATOM   1231 O  OD1 . ASP A 1 152 ? -12.570 -15.263 -4.060  1.00 24.86 ? 227 ASP A OD1 1 
ATOM   1232 O  OD2 . ASP A 1 152 ? -12.533 -15.885 -1.955  1.00 26.31 ? 227 ASP A OD2 1 
ATOM   1233 N  N   . ASN A 1 153 ? -10.280 -14.005 -6.236  1.00 14.39 ? 228 ASN A N   1 
ATOM   1234 C  CA  . ASN A 1 153 ? -10.454 -14.245 -7.662  1.00 13.32 ? 228 ASN A CA  1 
ATOM   1235 C  C   . ASN A 1 153 ? -9.071  -14.404 -8.299  1.00 14.45 ? 228 ASN A C   1 
ATOM   1236 O  O   . ASN A 1 153 ? -8.381  -13.415 -8.562  1.00 16.18 ? 228 ASN A O   1 
ATOM   1237 C  CB  . ASN A 1 153 ? -11.208 -13.069 -8.297  1.00 10.96 ? 228 ASN A CB  1 
ATOM   1238 C  CG  . ASN A 1 153 ? -11.445 -13.260 -9.781  1.00 11.67 ? 228 ASN A CG  1 
ATOM   1239 O  OD1 . ASN A 1 153 ? -11.055 -14.277 -10.360 1.00 8.55  ? 228 ASN A OD1 1 
ATOM   1240 N  ND2 . ASN A 1 153 ? -12.092 -12.280 -10.407 1.00 10.85 ? 228 ASN A ND2 1 
ATOM   1241 N  N   . MET A 1 154 ? -8.658  -15.643 -8.547  1.00 14.35 ? 229 MET A N   1 
ATOM   1242 C  CA  . MET A 1 154 ? -7.345  -15.882 -9.136  1.00 15.32 ? 229 MET A CA  1 
ATOM   1243 C  C   . MET A 1 154 ? -7.267  -15.408 -10.582 1.00 15.59 ? 229 MET A C   1 
ATOM   1244 O  O   . MET A 1 154 ? -6.209  -15.468 -11.206 1.00 15.07 ? 229 MET A O   1 
ATOM   1245 C  CB  . MET A 1 154 ? -6.976  -17.365 -9.050  1.00 15.26 ? 229 MET A CB  1 
ATOM   1246 C  CG  . MET A 1 154 ? -6.912  -17.889 -7.620  1.00 19.45 ? 229 MET A CG  1 
ATOM   1247 S  SD  . MET A 1 154 ? -5.953  -16.808 -6.514  1.00 23.70 ? 229 MET A SD  1 
ATOM   1248 C  CE  . MET A 1 154 ? -4.308  -17.177 -7.029  1.00 23.23 ? 229 MET A CE  1 
ATOM   1249 N  N   . SER A 1 155 ? -8.392  -14.928 -11.102 1.00 15.04 ? 230 SER A N   1 
ATOM   1250 C  CA  . SER A 1 155 ? -8.456  -14.417 -12.465 1.00 15.25 ? 230 SER A CA  1 
ATOM   1251 C  C   . SER A 1 155 ? -8.283  -12.892 -12.450 1.00 15.14 ? 230 SER A C   1 
ATOM   1252 O  O   . SER A 1 155 ? -8.304  -12.239 -13.499 1.00 15.09 ? 230 SER A O   1 
ATOM   1253 C  CB  . SER A 1 155 ? -9.800  -14.798 -13.097 1.00 17.33 ? 230 SER A CB  1 
ATOM   1254 O  OG  . SER A 1 155 ? -9.877  -14.374 -14.445 1.00 23.12 ? 230 SER A OG  1 
ATOM   1255 N  N   . ASP A 1 156 ? -8.107  -12.327 -11.255 1.00 13.24 ? 231 ASP A N   1 
ATOM   1256 C  CA  . ASP A 1 156 ? -7.922  -10.881 -11.098 1.00 10.08 ? 231 ASP A CA  1 
ATOM   1257 C  C   . ASP A 1 156 ? -6.647  -10.407 -11.805 1.00 10.12 ? 231 ASP A C   1 
ATOM   1258 O  O   . ASP A 1 156 ? -5.608  -11.062 -11.735 1.00 7.30  ? 231 ASP A O   1 
ATOM   1259 C  CB  . ASP A 1 156 ? -7.854  -10.528 -9.610  1.00 8.20  ? 231 ASP A CB  1 
ATOM   1260 C  CG  . ASP A 1 156 ? -7.555  -9.056  -9.367  1.00 9.91  ? 231 ASP A CG  1 
ATOM   1261 O  OD1 . ASP A 1 156 ? -6.393  -8.640  -9.562  1.00 8.91  ? 231 ASP A OD1 1 
ATOM   1262 O  OD2 . ASP A 1 156 ? -8.486  -8.314  -8.981  1.00 7.62  ? 231 ASP A OD2 1 
ATOM   1263 N  N   . THR A 1 157 ? -6.720  -9.262  -12.476 1.00 9.41  ? 232 THR A N   1 
ATOM   1264 C  CA  . THR A 1 157 ? -5.554  -8.750  -13.191 1.00 11.90 ? 232 THR A CA  1 
ATOM   1265 C  C   . THR A 1 157 ? -5.305  -7.272  -12.918 1.00 11.96 ? 232 THR A C   1 
ATOM   1266 O  O   . THR A 1 157 ? -4.492  -6.637  -13.590 1.00 11.65 ? 232 THR A O   1 
ATOM   1267 C  CB  . THR A 1 157 ? -5.722  -8.934  -14.705 1.00 11.16 ? 232 THR A CB  1 
ATOM   1268 O  OG1 . THR A 1 157 ? -6.842  -8.162  -15.151 1.00 12.66 ? 232 THR A OG1 1 
ATOM   1269 C  CG2 . THR A 1 157 ? -5.954  -10.405 -15.040 1.00 11.47 ? 232 THR A CG2 1 
ATOM   1270 N  N   . GLU A 1 158 ? -6.001  -6.735  -11.924 1.00 12.34 ? 233 GLU A N   1 
ATOM   1271 C  CA  . GLU A 1 158 ? -5.880  -5.328  -11.572 1.00 13.51 ? 233 GLU A CA  1 
ATOM   1272 C  C   . GLU A 1 158 ? -4.452  -4.818  -11.393 1.00 12.67 ? 233 GLU A C   1 
ATOM   1273 O  O   . GLU A 1 158 ? -4.086  -3.791  -11.960 1.00 13.09 ? 233 GLU A O   1 
ATOM   1274 C  CB  . GLU A 1 158 ? -6.705  -5.042  -10.314 1.00 16.63 ? 233 GLU A CB  1 
ATOM   1275 C  CG  . GLU A 1 158 ? -8.026  -4.336  -10.592 1.00 20.35 ? 233 GLU A CG  1 
ATOM   1276 C  CD  . GLU A 1 158 ? -8.048  -2.939  -10.002 1.00 21.83 ? 233 GLU A CD  1 
ATOM   1277 O  OE1 . GLU A 1 158 ? -6.972  -2.472  -9.573  1.00 25.34 ? 233 GLU A OE1 1 
ATOM   1278 O  OE2 . GLU A 1 158 ? -9.124  -2.309  -9.969  1.00 20.35 ? 233 GLU A OE2 1 
ATOM   1279 N  N   . LEU A 1 159 ? -3.640  -5.520  -10.610 1.00 12.06 ? 234 LEU A N   1 
ATOM   1280 C  CA  . LEU A 1 159 ? -2.267  -5.072  -10.402 1.00 10.93 ? 234 LEU A CA  1 
ATOM   1281 C  C   . LEU A 1 159 ? -1.521  -5.030  -11.733 1.00 12.38 ? 234 LEU A C   1 
ATOM   1282 O  O   . LEU A 1 159 ? -0.781  -4.089  -12.008 1.00 13.49 ? 234 LEU A O   1 
ATOM   1283 C  CB  . LEU A 1 159 ? -1.549  -5.987  -9.398  1.00 7.87  ? 234 LEU A CB  1 
ATOM   1284 C  CG  . LEU A 1 159 ? -2.184  -5.994  -7.997  1.00 7.69  ? 234 LEU A CG  1 
ATOM   1285 C  CD1 . LEU A 1 159 ? -1.352  -6.809  -7.012  1.00 3.99  ? 234 LEU A CD1 1 
ATOM   1286 C  CD2 . LEU A 1 159 ? -2.311  -4.561  -7.510  1.00 7.17  ? 234 LEU A CD2 1 
ATOM   1287 N  N   . HIS A 1 160 ? -1.734  -6.040  -12.567 1.00 11.97 ? 235 HIS A N   1 
ATOM   1288 C  CA  . HIS A 1 160 ? -1.084  -6.090  -13.869 1.00 13.43 ? 235 HIS A CA  1 
ATOM   1289 C  C   . HIS A 1 160 ? -1.587  -4.946  -14.745 1.00 13.09 ? 235 HIS A C   1 
ATOM   1290 O  O   . HIS A 1 160 ? -0.800  -4.283  -15.429 1.00 14.30 ? 235 HIS A O   1 
ATOM   1291 C  CB  . HIS A 1 160 ? -1.374  -7.422  -14.567 1.00 14.17 ? 235 HIS A CB  1 
ATOM   1292 C  CG  . HIS A 1 160 ? -0.684  -7.572  -15.889 1.00 18.32 ? 235 HIS A CG  1 
ATOM   1293 N  ND1 . HIS A 1 160 ? 0.680   -7.743  -16.003 1.00 19.49 ? 235 HIS A ND1 1 
ATOM   1294 C  CD2 . HIS A 1 160 ? -1.166  -7.549  -17.156 1.00 17.60 ? 235 HIS A CD2 1 
ATOM   1295 C  CE1 . HIS A 1 160 ? 1.008   -7.817  -17.281 1.00 19.49 ? 235 HIS A CE1 1 
ATOM   1296 N  NE2 . HIS A 1 160 ? -0.093  -7.703  -18.001 1.00 19.35 ? 235 HIS A NE2 1 
ATOM   1297 N  N   . ASP A 1 161 ? -2.896  -4.713  -14.722 1.00 11.71 ? 236 ASP A N   1 
ATOM   1298 C  CA  . ASP A 1 161 ? -3.486  -3.653  -15.537 1.00 12.67 ? 236 ASP A CA  1 
ATOM   1299 C  C   . ASP A 1 161 ? -3.147  -2.245  -15.056 1.00 12.53 ? 236 ASP A C   1 
ATOM   1300 O  O   . ASP A 1 161 ? -3.204  -1.294  -15.832 1.00 12.60 ? 236 ASP A O   1 
ATOM   1301 C  CB  . ASP A 1 161 ? -5.010  -3.811  -15.606 1.00 15.20 ? 236 ASP A CB  1 
ATOM   1302 C  CG  . ASP A 1 161 ? -5.433  -5.182  -16.107 1.00 15.53 ? 236 ASP A CG  1 
ATOM   1303 O  OD1 . ASP A 1 161 ? -4.683  -5.780  -16.909 1.00 12.15 ? 236 ASP A OD1 1 
ATOM   1304 O  OD2 . ASP A 1 161 ? -6.520  -5.657  -15.703 1.00 16.62 ? 236 ASP A OD2 1 
ATOM   1305 N  N   . LEU A 1 162 ? -2.798  -2.109  -13.780 1.00 12.43 ? 237 LEU A N   1 
ATOM   1306 C  CA  . LEU A 1 162 ? -2.446  -0.800  -13.229 1.00 13.50 ? 237 LEU A CA  1 
ATOM   1307 C  C   . LEU A 1 162 ? -1.035  -0.326  -13.584 1.00 12.40 ? 237 LEU A C   1 
ATOM   1308 O  O   . LEU A 1 162 ? -0.773  0.877   -13.614 1.00 13.50 ? 237 LEU A O   1 
ATOM   1309 C  CB  . LEU A 1 162 ? -2.601  -0.806  -11.708 1.00 14.49 ? 237 LEU A CB  1 
ATOM   1310 C  CG  . LEU A 1 162 ? -4.021  -0.597  -11.185 1.00 16.42 ? 237 LEU A CG  1 
ATOM   1311 C  CD1 . LEU A 1 162 ? -4.096  -0.937  -9.703  1.00 17.01 ? 237 LEU A CD1 1 
ATOM   1312 C  CD2 . LEU A 1 162 ? -4.427  0.849   -11.440 1.00 16.65 ? 237 LEU A CD2 1 
ATOM   1313 N  N   . LEU A 1 163 ? -0.128  -1.260  -13.854 1.00 10.85 ? 238 LEU A N   1 
ATOM   1314 C  CA  . LEU A 1 163 ? 1.247   -0.887  -14.172 1.00 8.45  ? 238 LEU A CA  1 
ATOM   1315 C  C   . LEU A 1 163 ? 1.328   0.084   -15.344 1.00 8.50  ? 238 LEU A C   1 
ATOM   1316 O  O   . LEU A 1 163 ? 2.071   1.060   -15.285 1.00 9.31  ? 238 LEU A O   1 
ATOM   1317 C  CB  . LEU A 1 163 ? 2.102   -2.133  -14.436 1.00 7.64  ? 238 LEU A CB  1 
ATOM   1318 C  CG  . LEU A 1 163 ? 2.411   -2.965  -13.182 1.00 8.74  ? 238 LEU A CG  1 
ATOM   1319 C  CD1 . LEU A 1 163 ? 3.190   -4.216  -13.563 1.00 5.36  ? 238 LEU A CD1 1 
ATOM   1320 C  CD2 . LEU A 1 163 ? 3.209   -2.122  -12.181 1.00 10.46 ? 238 LEU A CD2 1 
ATOM   1321 N  N   . PRO A 1 164 ? 0.577   -0.175  -16.430 1.00 8.23  ? 239 PRO A N   1 
ATOM   1322 C  CA  . PRO A 1 164 ? 0.622   0.739   -17.572 1.00 9.28  ? 239 PRO A CA  1 
ATOM   1323 C  C   . PRO A 1 164 ? 0.275   2.166   -17.148 1.00 9.32  ? 239 PRO A C   1 
ATOM   1324 O  O   . PRO A 1 164 ? 0.907   3.124   -17.591 1.00 11.95 ? 239 PRO A O   1 
ATOM   1325 C  CB  . PRO A 1 164 ? -0.421  0.155   -18.520 1.00 8.78  ? 239 PRO A CB  1 
ATOM   1326 C  CG  . PRO A 1 164 ? -0.302  -1.300  -18.267 1.00 11.01 ? 239 PRO A CG  1 
ATOM   1327 C  CD  . PRO A 1 164 ? -0.215  -1.374  -16.757 1.00 7.99  ? 239 PRO A CD  1 
ATOM   1328 N  N   . PHE A 1 165 ? -0.721  2.298   -16.278 1.00 7.64  ? 240 PHE A N   1 
ATOM   1329 C  CA  . PHE A 1 165 ? -1.153  3.613   -15.809 1.00 8.46  ? 240 PHE A CA  1 
ATOM   1330 C  C   . PHE A 1 165 ? -0.127  4.266   -14.886 1.00 6.39  ? 240 PHE A C   1 
ATOM   1331 O  O   . PHE A 1 165 ? 0.031   5.483   -14.899 1.00 6.11  ? 240 PHE A O   1 
ATOM   1332 C  CB  . PHE A 1 165 ? -2.503  3.506   -15.092 1.00 9.91  ? 240 PHE A CB  1 
ATOM   1333 C  CG  . PHE A 1 165 ? -3.130  4.841   -14.772 1.00 10.40 ? 240 PHE A CG  1 
ATOM   1334 C  CD1 . PHE A 1 165 ? -3.400  5.762   -15.786 1.00 10.58 ? 240 PHE A CD1 1 
ATOM   1335 C  CD2 . PHE A 1 165 ? -3.465  5.172   -13.466 1.00 8.48  ? 240 PHE A CD2 1 
ATOM   1336 C  CE1 . PHE A 1 165 ? -3.996  6.993   -15.497 1.00 10.15 ? 240 PHE A CE1 1 
ATOM   1337 C  CE2 . PHE A 1 165 ? -4.058  6.400   -13.168 1.00 9.16  ? 240 PHE A CE2 1 
ATOM   1338 C  CZ  . PHE A 1 165 ? -4.325  7.310   -14.183 1.00 6.78  ? 240 PHE A CZ  1 
ATOM   1339 N  N   . PHE A 1 166 ? 0.558   3.460   -14.080 1.00 5.42  ? 241 PHE A N   1 
ATOM   1340 C  CA  . PHE A 1 166 ? 1.583   3.979   -13.182 1.00 7.58  ? 241 PHE A CA  1 
ATOM   1341 C  C   . PHE A 1 166 ? 2.791   4.400   -14.007 1.00 8.18  ? 241 PHE A C   1 
ATOM   1342 O  O   . PHE A 1 166 ? 3.481   5.353   -13.672 1.00 11.24 ? 241 PHE A O   1 
ATOM   1343 C  CB  . PHE A 1 166 ? 1.992   2.920   -12.149 1.00 5.25  ? 241 PHE A CB  1 
ATOM   1344 C  CG  . PHE A 1 166 ? 1.132   2.917   -10.920 1.00 6.00  ? 241 PHE A CG  1 
ATOM   1345 C  CD1 . PHE A 1 166 ? 0.415   1.784   -10.555 1.00 6.21  ? 241 PHE A CD1 1 
ATOM   1346 C  CD2 . PHE A 1 166 ? 1.029   4.060   -10.131 1.00 5.94  ? 241 PHE A CD2 1 
ATOM   1347 C  CE1 . PHE A 1 166 ? -0.390  1.791   -9.421  1.00 6.37  ? 241 PHE A CE1 1 
ATOM   1348 C  CE2 . PHE A 1 166 ? 0.231   4.076   -8.998  1.00 3.76  ? 241 PHE A CE2 1 
ATOM   1349 C  CZ  . PHE A 1 166 ? -0.481  2.942   -8.641  1.00 4.10  ? 241 PHE A CZ  1 
ATOM   1350 N  N   . GLU A 1 167 ? 3.037   3.672   -15.091 1.00 10.29 ? 242 GLU A N   1 
ATOM   1351 C  CA  . GLU A 1 167 ? 4.139   3.978   -15.988 1.00 10.88 ? 242 GLU A CA  1 
ATOM   1352 C  C   . GLU A 1 167 ? 3.897   5.398   -16.502 1.00 10.12 ? 242 GLU A C   1 
ATOM   1353 O  O   . GLU A 1 167 ? 4.792   6.244   -16.500 1.00 9.32  ? 242 GLU A O   1 
ATOM   1354 C  CB  . GLU A 1 167 ? 4.127   3.004   -17.165 1.00 15.68 ? 242 GLU A CB  1 
ATOM   1355 C  CG  . GLU A 1 167 ? 5.456   2.821   -17.855 1.00 22.62 ? 242 GLU A CG  1 
ATOM   1356 C  CD  . GLU A 1 167 ? 6.254   1.680   -17.256 1.00 28.20 ? 242 GLU A CD  1 
ATOM   1357 O  OE1 . GLU A 1 167 ? 5.731   0.544   -17.232 1.00 31.89 ? 242 GLU A OE1 1 
ATOM   1358 O  OE2 . GLU A 1 167 ? 7.399   1.916   -16.817 1.00 30.32 ? 242 GLU A OE2 1 
ATOM   1359 N  N   . GLN A 1 168 ? 2.664   5.645   -16.931 1.00 7.51  ? 243 GLN A N   1 
ATOM   1360 C  CA  . GLN A 1 168 ? 2.263   6.947   -17.454 1.00 7.11  ? 243 GLN A CA  1 
ATOM   1361 C  C   . GLN A 1 168 ? 2.505   8.038   -16.417 1.00 6.95  ? 243 GLN A C   1 
ATOM   1362 O  O   . GLN A 1 168 ? 3.153   9.046   -16.693 1.00 6.23  ? 243 GLN A O   1 
ATOM   1363 C  CB  . GLN A 1 168 ? 0.781   6.912   -17.820 1.00 4.90  ? 243 GLN A CB  1 
ATOM   1364 C  CG  . GLN A 1 168 ? 0.258   8.167   -18.481 1.00 6.72  ? 243 GLN A CG  1 
ATOM   1365 C  CD  . GLN A 1 168 ? -1.218  8.063   -18.796 1.00 9.30  ? 243 GLN A CD  1 
ATOM   1366 O  OE1 . GLN A 1 168 ? -1.695  7.016   -19.241 1.00 17.48 ? 243 GLN A OE1 1 
ATOM   1367 N  NE2 . GLN A 1 168 ? -1.947  9.141   -18.579 1.00 14.26 ? 243 GLN A NE2 1 
ATOM   1368 N  N   . LEU A 1 169 ? 1.968   7.826   -15.222 1.00 7.94  ? 244 LEU A N   1 
ATOM   1369 C  CA  . LEU A 1 169 ? 2.108   8.782   -14.135 1.00 8.46  ? 244 LEU A CA  1 
ATOM   1370 C  C   . LEU A 1 169 ? 3.560   9.050   -13.757 1.00 9.41  ? 244 LEU A C   1 
ATOM   1371 O  O   . LEU A 1 169 ? 3.905   10.163  -13.367 1.00 8.70  ? 244 LEU A O   1 
ATOM   1372 C  CB  . LEU A 1 169 ? 1.327   8.298   -12.911 1.00 7.02  ? 244 LEU A CB  1 
ATOM   1373 C  CG  . LEU A 1 169 ? -0.192  8.453   -13.001 1.00 6.88  ? 244 LEU A CG  1 
ATOM   1374 C  CD1 . LEU A 1 169 ? -0.883  7.576   -11.961 1.00 10.30 ? 244 LEU A CD1 1 
ATOM   1375 C  CD2 . LEU A 1 169 ? -0.551  9.919   -12.803 1.00 6.57  ? 244 LEU A CD2 1 
ATOM   1376 N  N   . SER A 1 170 ? 4.418   8.043   -13.874 1.00 9.50  ? 245 SER A N   1 
ATOM   1377 C  CA  . SER A 1 170 ? 5.820   8.243   -13.524 1.00 9.91  ? 245 SER A CA  1 
ATOM   1378 C  C   . SER A 1 170 ? 6.517   9.224   -14.464 1.00 9.87  ? 245 SER A C   1 
ATOM   1379 O  O   . SER A 1 170 ? 7.636   9.653   -14.198 1.00 11.27 ? 245 SER A O   1 
ATOM   1380 C  CB  . SER A 1 170 ? 6.574   6.909   -13.523 1.00 9.12  ? 245 SER A CB  1 
ATOM   1381 O  OG  . SER A 1 170 ? 6.672   6.360   -14.823 1.00 6.74  ? 245 SER A OG  1 
ATOM   1382 N  N   . ARG A 1 171 ? 5.863   9.599   -15.556 1.00 10.41 ? 246 ARG A N   1 
ATOM   1383 C  CA  . ARG A 1 171 ? 6.497   10.523  -16.497 1.00 12.23 ? 246 ARG A CA  1 
ATOM   1384 C  C   . ARG A 1 171 ? 5.948   11.951  -16.524 1.00 11.94 ? 246 ARG A C   1 
ATOM   1385 O  O   . ARG A 1 171 ? 6.465   12.809  -17.249 1.00 12.73 ? 246 ARG A O   1 
ATOM   1386 C  CB  . ARG A 1 171 ? 6.452   9.938   -17.911 1.00 12.16 ? 246 ARG A CB  1 
ATOM   1387 C  CG  . ARG A 1 171 ? 7.369   8.750   -18.126 1.00 14.76 ? 246 ARG A CG  1 
ATOM   1388 C  CD  . ARG A 1 171 ? 7.554   8.485   -19.612 1.00 19.66 ? 246 ARG A CD  1 
ATOM   1389 N  NE  . ARG A 1 171 ? 8.655   7.564   -19.885 1.00 25.78 ? 246 ARG A NE  1 
ATOM   1390 C  CZ  . ARG A 1 171 ? 8.603   6.249   -19.701 1.00 28.42 ? 246 ARG A CZ  1 
ATOM   1391 N  NH1 . ARG A 1 171 ? 7.494   5.683   -19.242 1.00 30.04 ? 246 ARG A NH1 1 
ATOM   1392 N  NH2 . ARG A 1 171 ? 9.664   5.500   -19.980 1.00 30.71 ? 246 ARG A NH2 1 
ATOM   1393 N  N   . VAL A 1 172 ? 4.918   12.216  -15.735 1.00 12.00 ? 247 VAL A N   1 
ATOM   1394 C  CA  . VAL A 1 172 ? 4.317   13.544  -15.705 1.00 12.51 ? 247 VAL A CA  1 
ATOM   1395 C  C   . VAL A 1 172 ? 4.980   14.426  -14.649 1.00 12.97 ? 247 VAL A C   1 
ATOM   1396 O  O   . VAL A 1 172 ? 5.652   13.920  -13.749 1.00 13.25 ? 247 VAL A O   1 
ATOM   1397 C  CB  . VAL A 1 172 ? 2.797   13.444  -15.411 1.00 13.27 ? 247 VAL A CB  1 
ATOM   1398 C  CG1 . VAL A 1 172 ? 2.111   12.602  -16.481 1.00 12.12 ? 247 VAL A CG1 1 
ATOM   1399 C  CG2 . VAL A 1 172 ? 2.573   12.824  -14.045 1.00 12.31 ? 247 VAL A CG2 1 
ATOM   1400 N  N   . ASP A 1 173 ? 4.803   15.742  -14.760 1.00 12.75 ? 248 ASP A N   1 
ATOM   1401 C  CA  . ASP A 1 173 ? 5.383   16.658  -13.776 1.00 13.58 ? 248 ASP A CA  1 
ATOM   1402 C  C   . ASP A 1 173 ? 4.473   16.783  -12.546 1.00 12.57 ? 248 ASP A C   1 
ATOM   1403 O  O   . ASP A 1 173 ? 4.957   16.925  -11.425 1.00 11.92 ? 248 ASP A O   1 
ATOM   1404 C  CB  . ASP A 1 173 ? 5.587   18.066  -14.362 1.00 16.00 ? 248 ASP A CB  1 
ATOM   1405 C  CG  . ASP A 1 173 ? 6.585   18.105  -15.519 1.00 19.02 ? 248 ASP A CG  1 
ATOM   1406 O  OD1 . ASP A 1 173 ? 7.545   17.309  -15.529 1.00 20.27 ? 248 ASP A OD1 1 
ATOM   1407 O  OD2 . ASP A 1 173 ? 6.414   18.962  -16.415 1.00 20.66 ? 248 ASP A OD2 1 
ATOM   1408 N  N   . ASP A 1 174 ? 3.159   16.728  -12.767 1.00 12.56 ? 249 ASP A N   1 
ATOM   1409 C  CA  . ASP A 1 174 ? 2.169   16.879  -11.692 1.00 11.93 ? 249 ASP A CA  1 
ATOM   1410 C  C   . ASP A 1 174 ? 1.047   15.851  -11.858 1.00 10.84 ? 249 ASP A C   1 
ATOM   1411 O  O   . ASP A 1 174 ? 0.368   15.847  -12.886 1.00 8.20  ? 249 ASP A O   1 
ATOM   1412 C  CB  . ASP A 1 174 ? 1.586   18.298  -11.750 1.00 14.06 ? 249 ASP A CB  1 
ATOM   1413 C  CG  . ASP A 1 174 ? 0.660   18.613  -10.587 1.00 14.74 ? 249 ASP A CG  1 
ATOM   1414 O  OD1 . ASP A 1 174 ? 0.239   17.683  -9.874  1.00 15.72 ? 249 ASP A OD1 1 
ATOM   1415 O  OD2 . ASP A 1 174 ? 0.342   19.803  -10.399 1.00 14.96 ? 249 ASP A OD2 1 
ATOM   1416 N  N   . VAL A 1 175 ? 0.845   14.997  -10.849 1.00 8.52  ? 250 VAL A N   1 
ATOM   1417 C  CA  . VAL A 1 175 ? -0.189  13.961  -10.914 1.00 8.18  ? 250 VAL A CA  1 
ATOM   1418 C  C   . VAL A 1 175 ? -1.604  14.524  -11.018 1.00 8.86  ? 250 VAL A C   1 
ATOM   1419 O  O   . VAL A 1 175 ? -2.510  13.847  -11.504 1.00 8.74  ? 250 VAL A O   1 
ATOM   1420 C  CB  . VAL A 1 175 ? -0.141  13.004  -9.688  1.00 6.71  ? 250 VAL A CB  1 
ATOM   1421 C  CG1 . VAL A 1 175 ? 1.176   12.255  -9.667  1.00 6.85  ? 250 VAL A CG1 1 
ATOM   1422 C  CG2 . VAL A 1 175 ? -0.335  13.790  -8.397  1.00 7.62  ? 250 VAL A CG2 1 
ATOM   1423 N  N   . TYR A 1 176 ? -1.792  15.753  -10.549 1.00 7.39  ? 251 TYR A N   1 
ATOM   1424 C  CA  . TYR A 1 176 ? -3.094  16.404  -10.609 1.00 10.08 ? 251 TYR A CA  1 
ATOM   1425 C  C   . TYR A 1 176 ? -3.510  16.674  -12.056 1.00 12.02 ? 251 TYR A C   1 
ATOM   1426 O  O   . TYR A 1 176 ? -4.697  16.692  -12.369 1.00 10.74 ? 251 TYR A O   1 
ATOM   1427 C  CB  . TYR A 1 176 ? -3.062  17.718  -9.822  1.00 9.82  ? 251 TYR A CB  1 
ATOM   1428 C  CG  . TYR A 1 176 ? -2.924  17.518  -8.334  1.00 10.12 ? 251 TYR A CG  1 
ATOM   1429 C  CD1 . TYR A 1 176 ? -2.096  18.338  -7.576  1.00 9.97  ? 251 TYR A CD1 1 
ATOM   1430 C  CD2 . TYR A 1 176 ? -3.632  16.506  -7.680  1.00 9.99  ? 251 TYR A CD2 1 
ATOM   1431 C  CE1 . TYR A 1 176 ? -1.970  18.155  -6.198  1.00 9.73  ? 251 TYR A CE1 1 
ATOM   1432 C  CE2 . TYR A 1 176 ? -3.519  16.317  -6.311  1.00 9.79  ? 251 TYR A CE2 1 
ATOM   1433 C  CZ  . TYR A 1 176 ? -2.683  17.145  -5.573  1.00 10.90 ? 251 TYR A CZ  1 
ATOM   1434 O  OH  . TYR A 1 176 ? -2.560  16.948  -4.217  1.00 10.00 ? 251 TYR A OH  1 
ATOM   1435 N  N   . SER A 1 177 ? -2.538  16.885  -12.938 1.00 13.03 ? 252 SER A N   1 
ATOM   1436 C  CA  . SER A 1 177 ? -2.860  17.134  -14.337 1.00 15.71 ? 252 SER A CA  1 
ATOM   1437 C  C   . SER A 1 177 ? -3.576  15.908  -14.899 1.00 14.60 ? 252 SER A C   1 
ATOM   1438 O  O   . SER A 1 177 ? -4.398  16.018  -15.808 1.00 15.09 ? 252 SER A O   1 
ATOM   1439 C  CB  . SER A 1 177 ? -1.585  17.428  -15.132 1.00 17.08 ? 252 SER A CB  1 
ATOM   1440 O  OG  . SER A 1 177 ? -0.732  16.301  -15.151 1.00 27.71 ? 252 SER A OG  1 
ATOM   1441 N  N   . VAL A 1 178 ? -3.263  14.738  -14.351 1.00 15.11 ? 253 VAL A N   1 
ATOM   1442 C  CA  . VAL A 1 178 ? -3.901  13.495  -14.786 1.00 16.09 ? 253 VAL A CA  1 
ATOM   1443 C  C   . VAL A 1 178 ? -5.127  13.174  -13.928 1.00 17.94 ? 253 VAL A C   1 
ATOM   1444 O  O   . VAL A 1 178 ? -6.226  12.969  -14.449 1.00 16.56 ? 253 VAL A O   1 
ATOM   1445 C  CB  . VAL A 1 178 ? -2.937  12.293  -14.700 1.00 17.21 ? 253 VAL A CB  1 
ATOM   1446 C  CG1 . VAL A 1 178 ? -3.701  11.003  -14.976 1.00 17.88 ? 253 VAL A CG1 1 
ATOM   1447 C  CG2 . VAL A 1 178 ? -1.802  12.446  -15.697 1.00 14.31 ? 253 VAL A CG2 1 
ATOM   1448 N  N   . LEU A 1 179 ? -4.930  13.142  -12.612 1.00 18.30 ? 254 LEU A N   1 
ATOM   1449 C  CA  . LEU A 1 179 ? -6.008  12.830  -11.676 1.00 22.63 ? 254 LEU A CA  1 
ATOM   1450 C  C   . LEU A 1 179 ? -7.032  13.958  -11.520 1.00 27.43 ? 254 LEU A C   1 
ATOM   1451 O  O   . LEU A 1 179 ? -8.133  13.747  -10.999 1.00 27.81 ? 254 LEU A O   1 
ATOM   1452 C  CB  . LEU A 1 179 ? -5.404  12.400  -10.334 1.00 18.89 ? 254 LEU A CB  1 
ATOM   1453 C  CG  . LEU A 1 179 ? -4.475  11.196  -10.549 1.00 17.54 ? 254 LEU A CG  1 
ATOM   1454 C  CD1 . LEU A 1 179 ? -3.848  10.761  -9.235  1.00 17.39 ? 254 LEU A CD1 1 
ATOM   1455 C  CD2 . LEU A 1 179 ? -5.266  10.057  -11.174 1.00 16.80 ? 254 LEU A CD2 1 
ATOM   1456 N  N   . ARG A 1 180 ? -6.623  15.147  -11.970 1.00 33.21 ? 255 ARG A N   1 
ATOM   1457 C  CA  . ARG A 1 180 ? -7.414  16.395  -12.047 1.00 39.22 ? 255 ARG A CA  1 
ATOM   1458 C  C   . ARG A 1 180 ? -7.764  17.388  -10.938 1.00 41.33 ? 255 ARG A C   1 
ATOM   1459 O  O   . ARG A 1 180 ? -8.945  17.690  -10.757 1.00 42.88 ? 255 ARG A O   1 
ATOM   1460 C  CB  . ARG A 1 180 ? -8.719  16.134  -12.822 1.00 40.44 ? 255 ARG A CB  1 
ATOM   1461 C  CG  . ARG A 1 180 ? -9.864  15.543  -12.015 1.00 44.26 ? 255 ARG A CG  1 
ATOM   1462 C  CD  . ARG A 1 180 ? -11.168 15.623  -12.790 1.00 47.87 ? 255 ARG A CD  1 
ATOM   1463 N  NE  . ARG A 1 180 ? -12.300 15.078  -12.044 1.00 51.73 ? 255 ARG A NE  1 
ATOM   1464 C  CZ  . ARG A 1 180 ? -13.544 15.030  -12.512 1.00 53.59 ? 255 ARG A CZ  1 
ATOM   1465 N  NH1 . ARG A 1 180 ? -13.823 15.495  -13.724 1.00 54.44 ? 255 ARG A NH1 1 
ATOM   1466 N  NH2 . ARG A 1 180 ? -14.514 14.512  -11.771 1.00 54.32 ? 255 ARG A NH2 1 
ATOM   1467 N  N   . GLN A 1 181 ? -6.768  17.959  -10.261 1.00 43.87 ? 256 GLN A N   1 
ATOM   1468 C  CA  . GLN A 1 181 ? -7.058  18.979  -9.249  1.00 45.81 ? 256 GLN A CA  1 
ATOM   1469 C  C   . GLN A 1 181 ? -5.898  19.993  -9.144  1.00 46.88 ? 256 GLN A C   1 
ATOM   1470 O  O   . GLN A 1 181 ? -5.497  20.355  -8.011  1.00 46.94 ? 256 GLN A O   1 
ATOM   1471 C  CB  . GLN A 1 181 ? -7.351  18.353  -7.873  1.00 47.79 ? 256 GLN A CB  1 
ATOM   1472 C  CG  . GLN A 1 181 ? -6.151  18.245  -6.945  1.00 51.07 ? 256 GLN A CG  1 
ATOM   1473 C  CD  . GLN A 1 181 ? -6.509  18.503  -5.479  1.00 53.45 ? 256 GLN A CD  1 
ATOM   1474 O  OE1 . GLN A 1 181 ? -6.809  19.633  -5.089  1.00 54.88 ? 256 GLN A OE1 1 
ATOM   1475 N  NE2 . GLN A 1 181 ? -6.486  17.450  -4.666  1.00 55.05 ? 256 GLN A NE2 1 
HETATM 1476 MG MG  . MG  B 2 .   ? -7.548  -2.270  2.377   1.00 17.74 ? 273 MG  A MG  1 
HETATM 1477 C  C1  . CIT C 3 .   ? -7.071  -11.116 9.771   1.00 78.64 ? 274 CIT A C1  1 
HETATM 1478 O  O1  . CIT C 3 .   ? -7.091  -12.355 9.470   1.00 78.74 ? 274 CIT A O1  1 
HETATM 1479 O  O2  . CIT C 3 .   ? -7.929  -10.387 9.391   1.00 78.23 ? 274 CIT A O2  1 
HETATM 1480 C  C2  . CIT C 3 .   ? -5.918  -10.651 10.628  1.00 78.84 ? 274 CIT A C2  1 
HETATM 1481 C  C3  . CIT C 3 .   ? -5.926  -9.131  10.970  1.00 79.35 ? 274 CIT A C3  1 
HETATM 1482 O  O7  . CIT C 3 .   ? -7.135  -8.777  11.677  1.00 79.27 ? 274 CIT A O7  1 
HETATM 1483 C  C4  . CIT C 3 .   ? -4.688  -8.750  11.876  1.00 78.80 ? 274 CIT A C4  1 
HETATM 1484 C  C5  . CIT C 3 .   ? -5.001  -9.002  13.401  1.00 78.67 ? 274 CIT A C5  1 
HETATM 1485 O  O3  . CIT C 3 .   ? -5.805  -9.798  13.917  1.00 78.89 ? 274 CIT A O3  1 
HETATM 1486 O  O4  . CIT C 3 .   ? -4.245  -8.204  14.099  1.00 78.04 ? 274 CIT A O4  1 
HETATM 1487 C  C6  . CIT C 3 .   ? -5.904  -7.999  9.865   1.00 79.69 ? 274 CIT A C6  1 
HETATM 1488 O  O5  . CIT C 3 .   ? -6.286  -6.821  9.920   1.00 80.13 ? 274 CIT A O5  1 
HETATM 1489 O  O6  . CIT C 3 .   ? -5.384  -8.580  8.863   1.00 80.41 ? 274 CIT A O6  1 
HETATM 1490 O  O   . HOH D 4 .   ? 11.037  14.137  -2.902  1.00 8.97  ? 275 HOH A O   1 
HETATM 1491 O  O   . HOH D 4 .   ? -12.930 -12.486 -13.438 1.00 9.55  ? 276 HOH A O   1 
HETATM 1492 O  O   . HOH D 4 .   ? -2.206  10.027  8.701   1.00 4.56  ? 277 HOH A O   1 
HETATM 1493 O  O   . HOH D 4 .   ? -12.030 0.038   -4.454  1.00 10.29 ? 278 HOH A O   1 
HETATM 1494 O  O   . HOH D 4 .   ? 10.997  1.967   -3.978  1.00 25.32 ? 279 HOH A O   1 
HETATM 1495 O  O   . HOH D 4 .   ? -10.501 -18.023 -8.654  1.00 15.19 ? 280 HOH A O   1 
HETATM 1496 O  O   . HOH D 4 .   ? -13.425 -2.210  -4.156  1.00 13.24 ? 281 HOH A O   1 
HETATM 1497 O  O   . HOH D 4 .   ? -6.332  11.714  2.968   1.00 5.60  ? 282 HOH A O   1 
HETATM 1498 O  O   . HOH D 4 .   ? 8.181   15.252  -2.806  1.00 11.56 ? 283 HOH A O   1 
HETATM 1499 O  O   . HOH D 4 .   ? 8.263   8.553   -10.084 1.00 6.37  ? 284 HOH A O   1 
HETATM 1500 O  O   . HOH D 4 .   ? 3.327   15.398  2.276   1.00 10.25 ? 285 HOH A O   1 
HETATM 1501 O  O   . HOH D 4 .   ? -9.813  3.177   -4.406  1.00 7.16  ? 286 HOH A O   1 
HETATM 1502 O  O   . HOH D 4 .   ? 3.353   3.470   11.851  1.00 10.91 ? 287 HOH A O   1 
HETATM 1503 O  O   . HOH D 4 .   ? -9.329  -11.064 -15.999 1.00 20.10 ? 288 HOH A O   1 
HETATM 1504 O  O   . HOH D 4 .   ? -12.942 8.482   6.001   1.00 12.69 ? 289 HOH A O   1 
HETATM 1505 O  O   . HOH D 4 .   ? -8.157  0.110   3.042   1.00 13.16 ? 290 HOH A O   1 
HETATM 1506 O  O   . HOH D 4 .   ? -14.236 3.300   1.610   1.00 13.75 ? 291 HOH A O   1 
HETATM 1507 O  O   . HOH D 4 .   ? -3.628  -22.966 2.595   1.00 21.59 ? 292 HOH A O   1 
HETATM 1508 O  O   . HOH D 4 .   ? -13.113 10.357  8.074   1.00 12.96 ? 293 HOH A O   1 
HETATM 1509 O  O   . HOH D 4 .   ? 3.690   16.432  -17.463 1.00 13.43 ? 294 HOH A O   1 
HETATM 1510 O  O   . HOH D 4 .   ? -11.677 -11.335 -5.427  1.00 12.12 ? 295 HOH A O   1 
HETATM 1511 O  O   . HOH D 4 .   ? -6.774  -9.017  4.409   1.00 15.46 ? 296 HOH A O   1 
HETATM 1512 O  O   . HOH D 4 .   ? -0.843  21.433  -8.943  1.00 14.17 ? 297 HOH A O   1 
HETATM 1513 O  O   . HOH D 4 .   ? -1.697  20.593  -12.309 1.00 32.53 ? 298 HOH A O   1 
HETATM 1514 O  O   . HOH D 4 .   ? 13.569  7.663   -0.456  1.00 11.04 ? 299 HOH A O   1 
HETATM 1515 O  O   . HOH D 4 .   ? 5.633   19.676  15.484  1.00 15.58 ? 300 HOH A O   1 
HETATM 1516 O  O   . HOH D 4 .   ? -6.157  15.246  -3.397  1.00 9.64  ? 301 HOH A O   1 
HETATM 1517 O  O   . HOH D 4 .   ? -3.867  -8.544  -10.140 1.00 5.05  ? 302 HOH A O   1 
HETATM 1518 O  O   . HOH D 4 .   ? -6.204  4.349   -4.240  1.00 12.47 ? 303 HOH A O   1 
HETATM 1519 O  O   . HOH D 4 .   ? -4.587  5.615   14.032  1.00 12.52 ? 304 HOH A O   1 
HETATM 1520 O  O   . HOH D 4 .   ? -1.985  12.048  11.062  1.00 20.55 ? 305 HOH A O   1 
HETATM 1521 O  O   . HOH D 4 .   ? 10.537  -4.270  2.764   1.00 24.44 ? 306 HOH A O   1 
HETATM 1522 O  O   . HOH D 4 .   ? 2.061   17.480  -15.417 1.00 10.30 ? 307 HOH A O   1 
HETATM 1523 O  O   . HOH D 4 .   ? -3.059  14.194  10.227  1.00 15.41 ? 308 HOH A O   1 
HETATM 1524 O  O   . HOH D 4 .   ? 1.385   -1.454  14.876  1.00 11.75 ? 309 HOH A O   1 
HETATM 1525 O  O   . HOH D 4 .   ? 0.465   -14.036 -10.390 1.00 22.07 ? 310 HOH A O   1 
HETATM 1526 O  O   . HOH D 4 .   ? -12.962 10.044  14.988  1.00 15.15 ? 311 HOH A O   1 
HETATM 1527 O  O   . HOH D 4 .   ? 9.383   13.837  -6.921  1.00 13.50 ? 312 HOH A O   1 
HETATM 1528 O  O   . HOH D 4 .   ? 9.721   15.860  11.225  1.00 10.78 ? 313 HOH A O   1 
HETATM 1529 O  O   . HOH D 4 .   ? 10.688  6.716   -12.288 1.00 14.69 ? 314 HOH A O   1 
HETATM 1530 O  O   . HOH D 4 .   ? 12.752  -2.019  -5.368  1.00 20.35 ? 315 HOH A O   1 
HETATM 1531 O  O   . HOH D 4 .   ? 15.671  12.256  7.650   1.00 27.18 ? 316 HOH A O   1 
HETATM 1532 O  O   . HOH D 4 .   ? -11.822 7.186   -5.413  1.00 14.88 ? 317 HOH A O   1 
HETATM 1533 O  O   . HOH D 4 .   ? -6.999  -19.286 12.336  1.00 19.79 ? 318 HOH A O   1 
HETATM 1534 O  O   . HOH D 4 .   ? 1.532   18.816  16.476  1.00 17.17 ? 319 HOH A O   1 
HETATM 1535 O  O   . HOH D 4 .   ? 1.818   -4.368  16.437  1.00 20.75 ? 320 HOH A O   1 
HETATM 1536 O  O   . HOH D 4 .   ? 4.651   11.382  13.815  1.00 18.27 ? 321 HOH A O   1 
HETATM 1537 O  O   . HOH D 4 .   ? -17.657 8.857   9.430   1.00 26.44 ? 322 HOH A O   1 
HETATM 1538 O  O   . HOH D 4 .   ? 11.377  11.287  -12.083 1.00 25.04 ? 323 HOH A O   1 
HETATM 1539 O  O   . HOH D 4 .   ? 2.553   19.996  -1.332  1.00 17.39 ? 324 HOH A O   1 
HETATM 1540 O  O   . HOH D 4 .   ? 9.570   9.212   -12.015 1.00 14.00 ? 325 HOH A O   1 
HETATM 1541 O  O   . HOH D 4 .   ? 10.713  -1.608  4.293   1.00 23.47 ? 326 HOH A O   1 
HETATM 1542 O  O   . HOH D 4 .   ? 1.426   -4.681  -17.359 1.00 18.94 ? 327 HOH A O   1 
HETATM 1543 O  O   . HOH D 4 .   ? 7.444   15.236  -18.054 1.00 12.20 ? 328 HOH A O   1 
HETATM 1544 O  O   . HOH D 4 .   ? -3.902  -5.748  12.952  1.00 16.84 ? 329 HOH A O   1 
HETATM 1545 O  O   . HOH D 4 .   ? -7.926  3.129   6.127   1.00 23.47 ? 330 HOH A O   1 
HETATM 1546 O  O   . HOH D 4 .   ? 20.388  15.518  5.226   1.00 27.58 ? 331 HOH A O   1 
HETATM 1547 O  O   . HOH D 4 .   ? 2.188   21.806  -12.245 1.00 28.04 ? 332 HOH A O   1 
HETATM 1548 O  O   . HOH D 4 .   ? 8.980   -2.406  10.075  1.00 25.58 ? 333 HOH A O   1 
HETATM 1549 O  O   . HOH D 4 .   ? -10.514 -22.813 0.688   1.00 35.58 ? 334 HOH A O   1 
HETATM 1550 O  O   . HOH D 4 .   ? 4.914   5.881   -20.517 1.00 18.60 ? 335 HOH A O   1 
HETATM 1551 O  O   . HOH D 4 .   ? 6.782   19.030  -7.790  1.00 16.57 ? 336 HOH A O   1 
HETATM 1552 O  O   . HOH D 4 .   ? 6.055   2.878   11.300  1.00 18.02 ? 337 HOH A O   1 
HETATM 1553 O  O   . HOH D 4 .   ? -1.539  -19.706 22.228  1.00 29.63 ? 338 HOH A O   1 
HETATM 1554 O  O   . HOH D 4 .   ? 3.006   21.172  -3.576  1.00 29.56 ? 339 HOH A O   1 
HETATM 1555 O  O   . HOH D 4 .   ? 17.704  12.589  -8.011  1.00 23.02 ? 340 HOH A O   1 
HETATM 1556 O  O   . HOH D 4 .   ? 3.300   -18.287 -2.606  1.00 28.92 ? 341 HOH A O   1 
HETATM 1557 O  O   . HOH D 4 .   ? -15.056 3.538   13.737  1.00 26.58 ? 342 HOH A O   1 
HETATM 1558 O  O   . HOH D 4 .   ? -12.137 9.739   -0.549  1.00 17.82 ? 343 HOH A O   1 
HETATM 1559 O  O   . HOH D 4 .   ? 12.288  -3.327  -7.624  1.00 16.36 ? 344 HOH A O   1 
HETATM 1560 O  O   . HOH D 4 .   ? 8.186   -6.575  -12.792 1.00 20.14 ? 345 HOH A O   1 
HETATM 1561 O  O   . HOH D 4 .   ? 19.402  12.085  0.045   1.00 35.94 ? 346 HOH A O   1 
HETATM 1562 O  O   . HOH D 4 .   ? 5.325   19.167  -10.095 1.00 19.93 ? 347 HOH A O   1 
HETATM 1563 O  O   . HOH D 4 .   ? 12.405  1.123   -16.808 1.00 37.92 ? 348 HOH A O   1 
HETATM 1564 O  O   . HOH D 4 .   ? 3.913   -11.710 -10.225 1.00 13.74 ? 349 HOH A O   1 
HETATM 1565 O  O   . HOH D 4 .   ? -4.799  -13.192 -12.904 1.00 21.14 ? 350 HOH A O   1 
HETATM 1566 O  O   . HOH D 4 .   ? -13.190 2.312   11.148  1.00 21.41 ? 351 HOH A O   1 
HETATM 1567 O  O   . HOH D 4 .   ? 3.550   -20.288 -0.834  1.00 36.63 ? 352 HOH A O   1 
HETATM 1568 O  O   . HOH D 4 .   ? -11.118 -14.048 9.170   1.00 24.13 ? 353 HOH A O   1 
HETATM 1569 O  O   . HOH D 4 .   ? -15.698 11.513  7.433   1.00 14.36 ? 354 HOH A O   1 
HETATM 1570 O  O   . HOH D 4 .   ? -8.020  10.290  -8.175  1.00 29.01 ? 355 HOH A O   1 
HETATM 1571 O  O   . HOH D 4 .   ? 4.856   -0.162  -14.916 1.00 51.02 ? 356 HOH A O   1 
HETATM 1572 O  O   . HOH D 4 .   ? -8.281  -13.383 -16.398 1.00 22.93 ? 357 HOH A O   1 
HETATM 1573 O  O   . HOH D 4 .   ? -4.297  19.625  -12.378 1.00 51.94 ? 358 HOH A O   1 
HETATM 1574 O  O   . HOH D 4 .   ? 11.867  -9.352  2.796   1.00 24.93 ? 359 HOH A O   1 
HETATM 1575 O  O   . HOH D 4 .   ? 4.428   20.952  -15.197 1.00 21.77 ? 360 HOH A O   1 
HETATM 1576 O  O   . HOH D 4 .   ? 9.445   6.990   -15.121 1.00 34.80 ? 361 HOH A O   1 
HETATM 1577 O  O   . HOH D 4 .   ? -15.261 -15.096 5.026   1.00 36.79 ? 362 HOH A O   1 
HETATM 1578 O  O   . HOH D 4 .   ? 3.919   18.135  3.233   1.00 19.58 ? 363 HOH A O   1 
HETATM 1579 O  O   . HOH D 4 .   ? 2.366   23.923  -9.112  1.00 34.55 ? 364 HOH A O   1 
HETATM 1580 O  O   . HOH D 4 .   ? -13.013 -16.687 -6.595  1.00 26.90 ? 365 HOH A O   1 
HETATM 1581 O  O   . HOH D 4 .   ? -8.849  21.937  -6.458  1.00 29.89 ? 366 HOH A O   1 
HETATM 1582 O  O   . HOH D 4 .   ? 0.263   10.442  11.721  1.00 32.73 ? 367 HOH A O   1 
HETATM 1583 O  O   . HOH D 4 .   ? -2.757  -16.644 -4.385  1.00 32.10 ? 368 HOH A O   1 
HETATM 1584 O  O   . HOH D 4 .   ? 8.118   -2.400  12.638  1.00 33.87 ? 369 HOH A O   1 
HETATM 1585 O  O   . HOH D 4 .   ? -7.262  -15.446 2.960   1.00 24.42 ? 370 HOH A O   1 
HETATM 1586 O  O   . HOH D 4 .   ? -12.699 -14.708 5.562   1.00 44.98 ? 371 HOH A O   1 
HETATM 1587 O  O   . HOH D 4 .   ? -14.831 -16.874 -1.578  1.00 37.83 ? 372 HOH A O   1 
HETATM 1588 O  O   . HOH D 4 .   ? -6.152  17.947  -1.181  1.00 36.88 ? 373 HOH A O   1 
HETATM 1589 O  O   . HOH D 4 .   ? -8.231  -9.377  6.773   1.00 51.35 ? 374 HOH A O   1 
HETATM 1590 O  O   . HOH D 4 .   ? -10.461 18.959  -7.233  1.00 41.49 ? 375 HOH A O   1 
HETATM 1591 O  O   . HOH D 4 .   ? -5.025  -7.017  21.942  1.00 45.47 ? 376 HOH A O   1 
HETATM 1592 O  O   . HOH D 4 .   ? 2.964   -12.862 -7.963  1.00 12.95 ? 377 HOH A O   1 
HETATM 1593 O  O   . HOH D 4 .   ? -15.045 9.037   4.368   1.00 16.13 ? 378 HOH A O   1 
HETATM 1594 O  O   . HOH D 4 .   ? 7.416   12.844  -3.769  1.00 13.88 ? 379 HOH A O   1 
HETATM 1595 O  O   . HOH D 4 .   ? -9.752  -3.226  2.786   1.00 16.92 ? 380 HOH A O   1 
HETATM 1596 O  O   . HOH D 4 .   ? -7.717  0.743   5.404   1.00 11.60 ? 381 HOH A O   1 
HETATM 1597 O  O   . HOH D 4 .   ? -3.276  21.111  -9.110  1.00 32.50 ? 382 HOH A O   1 
HETATM 1598 O  O   . HOH D 4 .   ? 9.797   11.549  -2.942  1.00 24.23 ? 383 HOH A O   1 
HETATM 1599 O  O   . HOH D 4 .   ? -16.879 -17.824 -0.051  1.00 35.52 ? 384 HOH A O   1 
HETATM 1600 O  O   . HOH D 4 .   ? -7.907  -20.420 -1.983  1.00 24.50 ? 385 HOH A O   1 
HETATM 1601 O  O   . HOH D 4 .   ? -0.260  0.349   17.673  1.00 27.77 ? 386 HOH A O   1 
HETATM 1602 O  O   . HOH D 4 .   ? 2.818   -11.842 -13.362 1.00 26.30 ? 387 HOH A O   1 
HETATM 1603 O  O   . HOH D 4 .   ? 5.450   20.922  -12.162 1.00 38.01 ? 388 HOH A O   1 
HETATM 1604 O  O   . HOH D 4 .   ? -5.454  18.128  -16.715 1.00 23.44 ? 389 HOH A O   1 
HETATM 1605 O  O   . HOH D 4 .   ? -5.627  -13.794 -15.500 1.00 20.63 ? 390 HOH A O   1 
HETATM 1606 O  O   . HOH D 4 .   ? -11.133 -17.367 4.526   1.00 52.01 ? 391 HOH A O   1 
HETATM 1607 O  O   . HOH D 4 .   ? 3.950   -0.597  14.839  1.00 20.72 ? 392 HOH A O   1 
HETATM 1608 O  O   . HOH D 4 .   ? 6.230   16.627  -20.137 1.00 28.82 ? 393 HOH A O   1 
HETATM 1609 O  O   . HOH D 4 .   ? 8.009   5.205   -16.770 1.00 34.61 ? 394 HOH A O   1 
HETATM 1610 O  O   . HOH D 4 .   ? -4.721  10.137  -19.160 1.00 41.46 ? 395 HOH A O   1 
HETATM 1611 O  O   . HOH D 4 .   ? 2.385   20.004  -16.209 1.00 31.18 ? 396 HOH A O   1 
HETATM 1612 O  O   . HOH D 4 .   ? 5.842   -13.432 -1.846  1.00 30.31 ? 397 HOH A O   1 
HETATM 1613 O  O   . HOH D 4 .   ? 8.537   0.179   10.282  1.00 25.83 ? 398 HOH A O   1 
HETATM 1614 O  O   . HOH D 4 .   ? -1.702  20.480  -15.463 1.00 33.61 ? 399 HOH A O   1 
HETATM 1615 O  O   . HOH D 4 .   ? -15.243 4.651   16.570  1.00 36.08 ? 400 HOH A O   1 
HETATM 1616 O  O   . HOH D 4 .   ? 1.997   -12.120 16.888  1.00 23.12 ? 401 HOH A O   1 
HETATM 1617 O  O   . HOH D 4 .   ? -11.849 -9.851  -7.503  1.00 31.54 ? 402 HOH A O   1 
HETATM 1618 O  O   . HOH D 4 .   ? -11.145 2.760   9.111   1.00 19.21 ? 403 HOH A O   1 
HETATM 1619 O  O   . HOH D 4 .   ? 2.160   18.608  1.314   1.00 51.27 ? 404 HOH A O   1 
HETATM 1620 O  O   . HOH D 4 .   ? 9.050   20.415  -8.091  1.00 19.65 ? 405 HOH A O   1 
HETATM 1621 O  O   . HOH D 4 .   ? 15.883  14.879  8.330   1.00 30.82 ? 406 HOH A O   1 
HETATM 1622 O  O   . HOH D 4 .   ? 4.722   -13.512 13.690  1.00 21.35 ? 407 HOH A O   1 
HETATM 1623 O  O   . HOH D 4 .   ? -3.582  -19.196 -4.197  1.00 24.05 ? 408 HOH A O   1 
HETATM 1624 O  O   . HOH D 4 .   ? 3.604   7.562   13.374  1.00 19.18 ? 409 HOH A O   1 
HETATM 1625 O  O   . HOH D 4 .   ? 18.990  14.230  -5.848  1.00 24.26 ? 410 HOH A O   1 
HETATM 1626 O  O   . HOH D 4 .   ? 0.699   -13.706 -7.010  1.00 18.00 ? 411 HOH A O   1 
HETATM 1627 O  O   . HOH D 4 .   ? 20.648  9.958   -0.353  1.00 30.43 ? 412 HOH A O   1 
HETATM 1628 O  O   . HOH D 4 .   ? -15.616 3.188   3.699   1.00 29.05 ? 413 HOH A O   1 
HETATM 1629 O  O   . HOH D 4 .   ? -11.462 16.296  1.307   1.00 33.05 ? 414 HOH A O   1 
HETATM 1630 O  O   . HOH D 4 .   ? 18.986  11.225  -9.959  1.00 32.61 ? 415 HOH A O   1 
HETATM 1631 O  O   . HOH D 4 .   ? 3.861   -0.643  -19.017 1.00 29.34 ? 416 HOH A O   1 
HETATM 1632 O  O   . HOH D 4 .   ? -9.893  21.295  -4.245  1.00 32.57 ? 417 HOH A O   1 
HETATM 1633 O  O   . HOH D 4 .   ? 0.527   20.721  -4.036  1.00 30.29 ? 418 HOH A O   1 
HETATM 1634 O  O   . HOH D 4 .   ? 19.836  18.006  6.647   1.00 35.22 ? 419 HOH A O   1 
HETATM 1635 O  O   . HOH D 4 .   ? -9.882  -16.100 2.665   1.00 22.93 ? 420 HOH A O   1 
HETATM 1636 O  O   . HOH D 4 .   ? -4.167  19.372  0.139   1.00 38.17 ? 421 HOH A O   1 
HETATM 1637 O  O   . HOH D 4 .   ? -16.249 3.239   10.182  1.00 42.76 ? 422 HOH A O   1 
# 
